data_2G7L
# 
_entry.id   2G7L 
# 
_audit_conform.dict_name       mmcif_pdbx.dic 
_audit_conform.dict_version    5.397 
_audit_conform.dict_location   http://mmcif.pdb.org/dictionaries/ascii/mmcif_pdbx.dic 
# 
loop_
_database_2.database_id 
_database_2.database_code 
_database_2.pdbx_database_accession 
_database_2.pdbx_DOI 
PDB   2G7L         pdb_00002g7l 10.2210/pdb2g7l/pdb 
RCSB  RCSB036788   ?            ?                   
WWPDB D_1000036788 ?            ?                   
# 
loop_
_pdbx_audit_revision_history.ordinal 
_pdbx_audit_revision_history.data_content_type 
_pdbx_audit_revision_history.major_revision 
_pdbx_audit_revision_history.minor_revision 
_pdbx_audit_revision_history.revision_date 
1 'Structure model' 1 0 2006-03-14 
2 'Structure model' 1 1 2008-05-01 
3 'Structure model' 1 2 2011-07-13 
4 'Structure model' 1 3 2017-10-18 
5 'Structure model' 1 4 2024-10-30 
# 
_pdbx_audit_revision_details.ordinal             1 
_pdbx_audit_revision_details.revision_ordinal    1 
_pdbx_audit_revision_details.data_content_type   'Structure model' 
_pdbx_audit_revision_details.provider            repository 
_pdbx_audit_revision_details.type                'Initial release' 
_pdbx_audit_revision_details.description         ? 
_pdbx_audit_revision_details.details             ? 
# 
loop_
_pdbx_audit_revision_group.ordinal 
_pdbx_audit_revision_group.revision_ordinal 
_pdbx_audit_revision_group.data_content_type 
_pdbx_audit_revision_group.group 
1 2 'Structure model' 'Version format compliance' 
2 3 'Structure model' 'Derived calculations'      
3 3 'Structure model' 'Version format compliance' 
4 4 'Structure model' 'Refinement description'    
5 5 'Structure model' 'Data collection'           
6 5 'Structure model' 'Database references'       
7 5 'Structure model' 'Derived calculations'      
8 5 'Structure model' 'Structure summary'         
# 
loop_
_pdbx_audit_revision_category.ordinal 
_pdbx_audit_revision_category.revision_ordinal 
_pdbx_audit_revision_category.data_content_type 
_pdbx_audit_revision_category.category 
1 4 'Structure model' software                  
2 5 'Structure model' chem_comp_atom            
3 5 'Structure model' chem_comp_bond            
4 5 'Structure model' database_2                
5 5 'Structure model' pdbx_entry_details        
6 5 'Structure model' pdbx_modification_feature 
7 5 'Structure model' struct_conn               
8 5 'Structure model' struct_ref_seq_dif        
# 
loop_
_pdbx_audit_revision_item.ordinal 
_pdbx_audit_revision_item.revision_ordinal 
_pdbx_audit_revision_item.data_content_type 
_pdbx_audit_revision_item.item 
1 4 'Structure model' '_software.name'                      
2 5 'Structure model' '_database_2.pdbx_DOI'                
3 5 'Structure model' '_database_2.pdbx_database_accession' 
4 5 'Structure model' '_struct_conn.pdbx_leaving_atom_flag' 
5 5 'Structure model' '_struct_ref_seq_dif.details'         
# 
_pdbx_database_status.status_code                     REL 
_pdbx_database_status.entry_id                        2G7L 
_pdbx_database_status.recvd_initial_deposition_date   2006-02-28 
_pdbx_database_status.deposit_site                    RCSB 
_pdbx_database_status.process_site                    RCSB 
_pdbx_database_status.status_code_sf                  REL 
_pdbx_database_status.status_code_mr                  ? 
_pdbx_database_status.SG_entry                        Y 
_pdbx_database_status.pdb_format_compatible           Y 
_pdbx_database_status.status_code_cs                  ? 
_pdbx_database_status.methods_development_category    ? 
_pdbx_database_status.status_code_nmr_data            ? 
# 
_pdbx_database_related.db_name        TargetDB 
_pdbx_database_related.db_id          APC6062 
_pdbx_database_related.details        . 
_pdbx_database_related.content_type   unspecified 
# 
loop_
_audit_author.name 
_audit_author.pdbx_ordinal 
'Ezersky, A.'                                   1 
'Lunin, V.V.'                                   2 
'Skarina, T.'                                   3 
'Wierzbicka, M.'                                4 
'Joachimiak, A.'                                5 
'Edwards, A.M.'                                 6 
'Savchenko, A.'                                 7 
'Midwest Center for Structural Genomics (MCSG)' 8 
# 
_citation.id                        primary 
_citation.title                     'Crystal structure of putative transcription regulator SCO7704 from Streptomyces coelicor' 
_citation.journal_abbrev            'To be Published' 
_citation.journal_volume            ? 
_citation.page_first                ? 
_citation.page_last                 ? 
_citation.year                      ? 
_citation.journal_id_ASTM           ? 
_citation.country                   ? 
_citation.journal_id_ISSN           ? 
_citation.journal_id_CSD            0353 
_citation.book_publisher            ? 
_citation.pdbx_database_id_PubMed   ? 
_citation.pdbx_database_id_DOI      ? 
# 
loop_
_citation_author.citation_id 
_citation_author.name 
_citation_author.ordinal 
_citation_author.identifier_ORCID 
primary 'Ezersky, A.'    1 ? 
primary 'Lunin, V.V.'    2 ? 
primary 'Skarina, T.'    3 ? 
primary 'Wierzbicka, M.' 4 ? 
primary 'Joachimiak, A.' 5 ? 
primary 'Edwards, A.M.'  6 ? 
primary 'Savchenko, A.'  7 ? 
# 
loop_
_entity.id 
_entity.type 
_entity.src_method 
_entity.pdbx_description 
_entity.formula_weight 
_entity.pdbx_number_of_molecules 
_entity.pdbx_ec 
_entity.pdbx_mutation 
_entity.pdbx_fragment 
_entity.details 
1 polymer man 'TetR-family transcriptional regulator' 26632.475 1  ? ? ? ? 
2 water   nat water                                   18.015    59 ? ? ? ? 
# 
_entity_poly.entity_id                      1 
_entity_poly.type                           'polypeptide(L)' 
_entity_poly.nstd_linkage                   no 
_entity_poly.nstd_monomer                   yes 
_entity_poly.pdbx_seq_one_letter_code       
;(MSE)AARRAPISRRDRPAKPALSRRWIVDTAVAL(MSE)RAEGLEKVT(MSE)RRLAQELDTGPASLYVYVANTAELHA
AVLDALLGEVDLTGAGAEEDWREQLRAVLTSYTLVLFAHPQLARSALVARPSGENYLRLVERVLELLARSGAPGAQVAWG
VDKLLQDATATAAEQATQEHDPASHEDWSATVRALRDADEATHPAIASH(MSE)PLLVAGSAHDRLRWSFDVLVNGITRT
PVPGPARGAAGLEHHHHHH
;
_entity_poly.pdbx_seq_one_letter_code_can   
;MAARRAPISRRDRPAKPALSRRWIVDTAVALMRAEGLEKVTMRRLAQELDTGPASLYVYVANTAELHAAVLDALLGEVDL
TGAGAEEDWREQLRAVLTSYTLVLFAHPQLARSALVARPSGENYLRLVERVLELLARSGAPGAQVAWGVDKLLQDATATA
AEQATQEHDPASHEDWSATVRALRDADEATHPAIASHMPLLVAGSAHDRLRWSFDVLVNGITRTPVPGPARGAAGLEHHH
HHH
;
_entity_poly.pdbx_strand_id                 A 
_entity_poly.pdbx_target_identifier         APC6062 
# 
_pdbx_entity_nonpoly.entity_id   2 
_pdbx_entity_nonpoly.name        water 
_pdbx_entity_nonpoly.comp_id     HOH 
# 
loop_
_entity_poly_seq.entity_id 
_entity_poly_seq.num 
_entity_poly_seq.mon_id 
_entity_poly_seq.hetero 
1 1   MSE n 
1 2   ALA n 
1 3   ALA n 
1 4   ARG n 
1 5   ARG n 
1 6   ALA n 
1 7   PRO n 
1 8   ILE n 
1 9   SER n 
1 10  ARG n 
1 11  ARG n 
1 12  ASP n 
1 13  ARG n 
1 14  PRO n 
1 15  ALA n 
1 16  LYS n 
1 17  PRO n 
1 18  ALA n 
1 19  LEU n 
1 20  SER n 
1 21  ARG n 
1 22  ARG n 
1 23  TRP n 
1 24  ILE n 
1 25  VAL n 
1 26  ASP n 
1 27  THR n 
1 28  ALA n 
1 29  VAL n 
1 30  ALA n 
1 31  LEU n 
1 32  MSE n 
1 33  ARG n 
1 34  ALA n 
1 35  GLU n 
1 36  GLY n 
1 37  LEU n 
1 38  GLU n 
1 39  LYS n 
1 40  VAL n 
1 41  THR n 
1 42  MSE n 
1 43  ARG n 
1 44  ARG n 
1 45  LEU n 
1 46  ALA n 
1 47  GLN n 
1 48  GLU n 
1 49  LEU n 
1 50  ASP n 
1 51  THR n 
1 52  GLY n 
1 53  PRO n 
1 54  ALA n 
1 55  SER n 
1 56  LEU n 
1 57  TYR n 
1 58  VAL n 
1 59  TYR n 
1 60  VAL n 
1 61  ALA n 
1 62  ASN n 
1 63  THR n 
1 64  ALA n 
1 65  GLU n 
1 66  LEU n 
1 67  HIS n 
1 68  ALA n 
1 69  ALA n 
1 70  VAL n 
1 71  LEU n 
1 72  ASP n 
1 73  ALA n 
1 74  LEU n 
1 75  LEU n 
1 76  GLY n 
1 77  GLU n 
1 78  VAL n 
1 79  ASP n 
1 80  LEU n 
1 81  THR n 
1 82  GLY n 
1 83  ALA n 
1 84  GLY n 
1 85  ALA n 
1 86  GLU n 
1 87  GLU n 
1 88  ASP n 
1 89  TRP n 
1 90  ARG n 
1 91  GLU n 
1 92  GLN n 
1 93  LEU n 
1 94  ARG n 
1 95  ALA n 
1 96  VAL n 
1 97  LEU n 
1 98  THR n 
1 99  SER n 
1 100 TYR n 
1 101 THR n 
1 102 LEU n 
1 103 VAL n 
1 104 LEU n 
1 105 PHE n 
1 106 ALA n 
1 107 HIS n 
1 108 PRO n 
1 109 GLN n 
1 110 LEU n 
1 111 ALA n 
1 112 ARG n 
1 113 SER n 
1 114 ALA n 
1 115 LEU n 
1 116 VAL n 
1 117 ALA n 
1 118 ARG n 
1 119 PRO n 
1 120 SER n 
1 121 GLY n 
1 122 GLU n 
1 123 ASN n 
1 124 TYR n 
1 125 LEU n 
1 126 ARG n 
1 127 LEU n 
1 128 VAL n 
1 129 GLU n 
1 130 ARG n 
1 131 VAL n 
1 132 LEU n 
1 133 GLU n 
1 134 LEU n 
1 135 LEU n 
1 136 ALA n 
1 137 ARG n 
1 138 SER n 
1 139 GLY n 
1 140 ALA n 
1 141 PRO n 
1 142 GLY n 
1 143 ALA n 
1 144 GLN n 
1 145 VAL n 
1 146 ALA n 
1 147 TRP n 
1 148 GLY n 
1 149 VAL n 
1 150 ASP n 
1 151 LYS n 
1 152 LEU n 
1 153 LEU n 
1 154 GLN n 
1 155 ASP n 
1 156 ALA n 
1 157 THR n 
1 158 ALA n 
1 159 THR n 
1 160 ALA n 
1 161 ALA n 
1 162 GLU n 
1 163 GLN n 
1 164 ALA n 
1 165 THR n 
1 166 GLN n 
1 167 GLU n 
1 168 HIS n 
1 169 ASP n 
1 170 PRO n 
1 171 ALA n 
1 172 SER n 
1 173 HIS n 
1 174 GLU n 
1 175 ASP n 
1 176 TRP n 
1 177 SER n 
1 178 ALA n 
1 179 THR n 
1 180 VAL n 
1 181 ARG n 
1 182 ALA n 
1 183 LEU n 
1 184 ARG n 
1 185 ASP n 
1 186 ALA n 
1 187 ASP n 
1 188 GLU n 
1 189 ALA n 
1 190 THR n 
1 191 HIS n 
1 192 PRO n 
1 193 ALA n 
1 194 ILE n 
1 195 ALA n 
1 196 SER n 
1 197 HIS n 
1 198 MSE n 
1 199 PRO n 
1 200 LEU n 
1 201 LEU n 
1 202 VAL n 
1 203 ALA n 
1 204 GLY n 
1 205 SER n 
1 206 ALA n 
1 207 HIS n 
1 208 ASP n 
1 209 ARG n 
1 210 LEU n 
1 211 ARG n 
1 212 TRP n 
1 213 SER n 
1 214 PHE n 
1 215 ASP n 
1 216 VAL n 
1 217 LEU n 
1 218 VAL n 
1 219 ASN n 
1 220 GLY n 
1 221 ILE n 
1 222 THR n 
1 223 ARG n 
1 224 THR n 
1 225 PRO n 
1 226 VAL n 
1 227 PRO n 
1 228 GLY n 
1 229 PRO n 
1 230 ALA n 
1 231 ARG n 
1 232 GLY n 
1 233 ALA n 
1 234 ALA n 
1 235 GLY n 
1 236 LEU n 
1 237 GLU n 
1 238 HIS n 
1 239 HIS n 
1 240 HIS n 
1 241 HIS n 
1 242 HIS n 
1 243 HIS n 
# 
_entity_src_gen.entity_id                          1 
_entity_src_gen.pdbx_src_id                        1 
_entity_src_gen.pdbx_alt_source_flag               sample 
_entity_src_gen.pdbx_seq_type                      ? 
_entity_src_gen.pdbx_beg_seq_num                   ? 
_entity_src_gen.pdbx_end_seq_num                   ? 
_entity_src_gen.gene_src_common_name               ? 
_entity_src_gen.gene_src_genus                     Streptomyces 
_entity_src_gen.pdbx_gene_src_gene                 SCO7704 
_entity_src_gen.gene_src_species                   ? 
_entity_src_gen.gene_src_strain                    A3 
_entity_src_gen.gene_src_tissue                    ? 
_entity_src_gen.gene_src_tissue_fraction           ? 
_entity_src_gen.gene_src_details                   ? 
_entity_src_gen.pdbx_gene_src_fragment             ? 
_entity_src_gen.pdbx_gene_src_scientific_name      'Streptomyces coelicolor' 
_entity_src_gen.pdbx_gene_src_ncbi_taxonomy_id     1902 
_entity_src_gen.pdbx_gene_src_variant              ? 
_entity_src_gen.pdbx_gene_src_cell_line            ? 
_entity_src_gen.pdbx_gene_src_atcc                 ? 
_entity_src_gen.pdbx_gene_src_organ                ? 
_entity_src_gen.pdbx_gene_src_organelle            ? 
_entity_src_gen.pdbx_gene_src_cell                 ? 
_entity_src_gen.pdbx_gene_src_cellular_location    ? 
_entity_src_gen.host_org_common_name               ? 
_entity_src_gen.pdbx_host_org_scientific_name      'Escherichia coli BL21' 
_entity_src_gen.pdbx_host_org_ncbi_taxonomy_id     511693 
_entity_src_gen.host_org_genus                     Escherichia 
_entity_src_gen.pdbx_host_org_gene                 ? 
_entity_src_gen.pdbx_host_org_organ                ? 
_entity_src_gen.host_org_species                   'Escherichia coli' 
_entity_src_gen.pdbx_host_org_tissue               ? 
_entity_src_gen.pdbx_host_org_tissue_fraction      ? 
_entity_src_gen.pdbx_host_org_strain               BL21 
_entity_src_gen.pdbx_host_org_variant              ? 
_entity_src_gen.pdbx_host_org_cell_line            ? 
_entity_src_gen.pdbx_host_org_atcc                 ? 
_entity_src_gen.pdbx_host_org_culture_collection   ? 
_entity_src_gen.pdbx_host_org_cell                 ? 
_entity_src_gen.pdbx_host_org_organelle            ? 
_entity_src_gen.pdbx_host_org_cellular_location    ? 
_entity_src_gen.pdbx_host_org_vector_type          plasmid 
_entity_src_gen.pdbx_host_org_vector               ? 
_entity_src_gen.host_org_details                   ? 
_entity_src_gen.expression_system_id               ? 
_entity_src_gen.plasmid_name                       'pET-21d(+)' 
_entity_src_gen.plasmid_details                    ? 
_entity_src_gen.pdbx_description                   ? 
# 
loop_
_chem_comp.id 
_chem_comp.type 
_chem_comp.mon_nstd_flag 
_chem_comp.name 
_chem_comp.pdbx_synonyms 
_chem_comp.formula 
_chem_comp.formula_weight 
ALA 'L-peptide linking' y ALANINE          ? 'C3 H7 N O2'     89.093  
ARG 'L-peptide linking' y ARGININE         ? 'C6 H15 N4 O2 1' 175.209 
ASN 'L-peptide linking' y ASPARAGINE       ? 'C4 H8 N2 O3'    132.118 
ASP 'L-peptide linking' y 'ASPARTIC ACID'  ? 'C4 H7 N O4'     133.103 
GLN 'L-peptide linking' y GLUTAMINE        ? 'C5 H10 N2 O3'   146.144 
GLU 'L-peptide linking' y 'GLUTAMIC ACID'  ? 'C5 H9 N O4'     147.129 
GLY 'peptide linking'   y GLYCINE          ? 'C2 H5 N O2'     75.067  
HIS 'L-peptide linking' y HISTIDINE        ? 'C6 H10 N3 O2 1' 156.162 
HOH non-polymer         . WATER            ? 'H2 O'           18.015  
ILE 'L-peptide linking' y ISOLEUCINE       ? 'C6 H13 N O2'    131.173 
LEU 'L-peptide linking' y LEUCINE          ? 'C6 H13 N O2'    131.173 
LYS 'L-peptide linking' y LYSINE           ? 'C6 H15 N2 O2 1' 147.195 
MET 'L-peptide linking' y METHIONINE       ? 'C5 H11 N O2 S'  149.211 
MSE 'L-peptide linking' n SELENOMETHIONINE ? 'C5 H11 N O2 Se' 196.106 
PHE 'L-peptide linking' y PHENYLALANINE    ? 'C9 H11 N O2'    165.189 
PRO 'L-peptide linking' y PROLINE          ? 'C5 H9 N O2'     115.130 
SER 'L-peptide linking' y SERINE           ? 'C3 H7 N O3'     105.093 
THR 'L-peptide linking' y THREONINE        ? 'C4 H9 N O3'     119.119 
TRP 'L-peptide linking' y TRYPTOPHAN       ? 'C11 H12 N2 O2'  204.225 
TYR 'L-peptide linking' y TYROSINE         ? 'C9 H11 N O3'    181.189 
VAL 'L-peptide linking' y VALINE           ? 'C5 H11 N O2'    117.146 
# 
loop_
_pdbx_poly_seq_scheme.asym_id 
_pdbx_poly_seq_scheme.entity_id 
_pdbx_poly_seq_scheme.seq_id 
_pdbx_poly_seq_scheme.mon_id 
_pdbx_poly_seq_scheme.ndb_seq_num 
_pdbx_poly_seq_scheme.pdb_seq_num 
_pdbx_poly_seq_scheme.auth_seq_num 
_pdbx_poly_seq_scheme.pdb_mon_id 
_pdbx_poly_seq_scheme.auth_mon_id 
_pdbx_poly_seq_scheme.pdb_strand_id 
_pdbx_poly_seq_scheme.pdb_ins_code 
_pdbx_poly_seq_scheme.hetero 
A 1 1   MSE 1   1   ?   ?   ?   A . n 
A 1 2   ALA 2   2   ?   ?   ?   A . n 
A 1 3   ALA 3   3   ?   ?   ?   A . n 
A 1 4   ARG 4   4   ?   ?   ?   A . n 
A 1 5   ARG 5   5   ?   ?   ?   A . n 
A 1 6   ALA 6   6   ?   ?   ?   A . n 
A 1 7   PRO 7   7   ?   ?   ?   A . n 
A 1 8   ILE 8   8   ?   ?   ?   A . n 
A 1 9   SER 9   9   ?   ?   ?   A . n 
A 1 10  ARG 10  10  ?   ?   ?   A . n 
A 1 11  ARG 11  11  ?   ?   ?   A . n 
A 1 12  ASP 12  12  ?   ?   ?   A . n 
A 1 13  ARG 13  13  ?   ?   ?   A . n 
A 1 14  PRO 14  14  ?   ?   ?   A . n 
A 1 15  ALA 15  15  ?   ?   ?   A . n 
A 1 16  LYS 16  16  16  LYS LYS A . n 
A 1 17  PRO 17  17  17  PRO PRO A . n 
A 1 18  ALA 18  18  18  ALA ALA A . n 
A 1 19  LEU 19  19  19  LEU LEU A . n 
A 1 20  SER 20  20  20  SER SER A . n 
A 1 21  ARG 21  21  21  ARG ARG A . n 
A 1 22  ARG 22  22  22  ARG ARG A . n 
A 1 23  TRP 23  23  23  TRP TRP A . n 
A 1 24  ILE 24  24  24  ILE ILE A . n 
A 1 25  VAL 25  25  25  VAL VAL A . n 
A 1 26  ASP 26  26  26  ASP ASP A . n 
A 1 27  THR 27  27  27  THR THR A . n 
A 1 28  ALA 28  28  28  ALA ALA A . n 
A 1 29  VAL 29  29  29  VAL VAL A . n 
A 1 30  ALA 30  30  30  ALA ALA A . n 
A 1 31  LEU 31  31  31  LEU LEU A . n 
A 1 32  MSE 32  32  32  MSE MSE A . n 
A 1 33  ARG 33  33  33  ARG ARG A . n 
A 1 34  ALA 34  34  34  ALA ALA A . n 
A 1 35  GLU 35  35  35  GLU GLU A . n 
A 1 36  GLY 36  36  36  GLY GLY A . n 
A 1 37  LEU 37  37  37  LEU LEU A . n 
A 1 38  GLU 38  38  38  GLU GLU A . n 
A 1 39  LYS 39  39  39  LYS LYS A . n 
A 1 40  VAL 40  40  40  VAL VAL A . n 
A 1 41  THR 41  41  41  THR THR A . n 
A 1 42  MSE 42  42  42  MSE MSE A . n 
A 1 43  ARG 43  43  43  ARG ARG A . n 
A 1 44  ARG 44  44  44  ARG ARG A . n 
A 1 45  LEU 45  45  45  LEU LEU A . n 
A 1 46  ALA 46  46  46  ALA ALA A . n 
A 1 47  GLN 47  47  47  GLN GLN A . n 
A 1 48  GLU 48  48  48  GLU GLU A . n 
A 1 49  LEU 49  49  49  LEU LEU A . n 
A 1 50  ASP 50  50  50  ASP ASP A . n 
A 1 51  THR 51  51  51  THR THR A . n 
A 1 52  GLY 52  52  52  GLY GLY A . n 
A 1 53  PRO 53  53  53  PRO PRO A . n 
A 1 54  ALA 54  54  54  ALA ALA A . n 
A 1 55  SER 55  55  55  SER SER A . n 
A 1 56  LEU 56  56  56  LEU LEU A . n 
A 1 57  TYR 57  57  57  TYR TYR A . n 
A 1 58  VAL 58  58  58  VAL VAL A . n 
A 1 59  TYR 59  59  59  TYR TYR A . n 
A 1 60  VAL 60  60  60  VAL VAL A . n 
A 1 61  ALA 61  61  61  ALA ALA A . n 
A 1 62  ASN 62  62  62  ASN ASN A . n 
A 1 63  THR 63  63  63  THR THR A . n 
A 1 64  ALA 64  64  64  ALA ALA A . n 
A 1 65  GLU 65  65  65  GLU GLU A . n 
A 1 66  LEU 66  66  66  LEU LEU A . n 
A 1 67  HIS 67  67  67  HIS HIS A . n 
A 1 68  ALA 68  68  68  ALA ALA A . n 
A 1 69  ALA 69  69  69  ALA ALA A . n 
A 1 70  VAL 70  70  70  VAL VAL A . n 
A 1 71  LEU 71  71  71  LEU LEU A . n 
A 1 72  ASP 72  72  72  ASP ASP A . n 
A 1 73  ALA 73  73  73  ALA ALA A . n 
A 1 74  LEU 74  74  74  LEU LEU A . n 
A 1 75  LEU 75  75  75  LEU LEU A . n 
A 1 76  GLY 76  76  76  GLY GLY A . n 
A 1 77  GLU 77  77  77  GLU GLU A . n 
A 1 78  VAL 78  78  78  VAL VAL A . n 
A 1 79  ASP 79  79  79  ASP ASP A . n 
A 1 80  LEU 80  80  80  LEU LEU A . n 
A 1 81  THR 81  81  81  THR THR A . n 
A 1 82  GLY 82  82  82  GLY GLY A . n 
A 1 83  ALA 83  83  83  ALA ALA A . n 
A 1 84  GLY 84  84  ?   ?   ?   A . n 
A 1 85  ALA 85  85  ?   ?   ?   A . n 
A 1 86  GLU 86  86  ?   ?   ?   A . n 
A 1 87  GLU 87  87  87  GLU GLU A . n 
A 1 88  ASP 88  88  88  ASP ASP A . n 
A 1 89  TRP 89  89  89  TRP TRP A . n 
A 1 90  ARG 90  90  90  ARG ARG A . n 
A 1 91  GLU 91  91  91  GLU GLU A . n 
A 1 92  GLN 92  92  92  GLN GLN A . n 
A 1 93  LEU 93  93  93  LEU LEU A . n 
A 1 94  ARG 94  94  94  ARG ARG A . n 
A 1 95  ALA 95  95  95  ALA ALA A . n 
A 1 96  VAL 96  96  96  VAL VAL A . n 
A 1 97  LEU 97  97  97  LEU LEU A . n 
A 1 98  THR 98  98  98  THR THR A . n 
A 1 99  SER 99  99  99  SER SER A . n 
A 1 100 TYR 100 100 100 TYR TYR A . n 
A 1 101 THR 101 101 101 THR THR A . n 
A 1 102 LEU 102 102 102 LEU LEU A . n 
A 1 103 VAL 103 103 103 VAL VAL A . n 
A 1 104 LEU 104 104 104 LEU LEU A . n 
A 1 105 PHE 105 105 105 PHE PHE A . n 
A 1 106 ALA 106 106 106 ALA ALA A . n 
A 1 107 HIS 107 107 107 HIS HIS A . n 
A 1 108 PRO 108 108 108 PRO PRO A . n 
A 1 109 GLN 109 109 109 GLN GLN A . n 
A 1 110 LEU 110 110 110 LEU LEU A . n 
A 1 111 ALA 111 111 111 ALA ALA A . n 
A 1 112 ARG 112 112 112 ARG ARG A . n 
A 1 113 SER 113 113 113 SER SER A . n 
A 1 114 ALA 114 114 114 ALA ALA A . n 
A 1 115 LEU 115 115 115 LEU LEU A . n 
A 1 116 VAL 116 116 116 VAL VAL A . n 
A 1 117 ALA 117 117 117 ALA ALA A . n 
A 1 118 ARG 118 118 118 ARG ARG A . n 
A 1 119 PRO 119 119 119 PRO PRO A . n 
A 1 120 SER 120 120 120 SER SER A . n 
A 1 121 GLY 121 121 121 GLY GLY A . n 
A 1 122 GLU 122 122 122 GLU GLU A . n 
A 1 123 ASN 123 123 123 ASN ASN A . n 
A 1 124 TYR 124 124 124 TYR TYR A . n 
A 1 125 LEU 125 125 125 LEU LEU A . n 
A 1 126 ARG 126 126 126 ARG ARG A . n 
A 1 127 LEU 127 127 127 LEU LEU A . n 
A 1 128 VAL 128 128 128 VAL VAL A . n 
A 1 129 GLU 129 129 129 GLU GLU A . n 
A 1 130 ARG 130 130 130 ARG ARG A . n 
A 1 131 VAL 131 131 131 VAL VAL A . n 
A 1 132 LEU 132 132 132 LEU LEU A . n 
A 1 133 GLU 133 133 133 GLU GLU A . n 
A 1 134 LEU 134 134 134 LEU LEU A . n 
A 1 135 LEU 135 135 135 LEU LEU A . n 
A 1 136 ALA 136 136 136 ALA ALA A . n 
A 1 137 ARG 137 137 137 ARG ARG A . n 
A 1 138 SER 138 138 138 SER SER A . n 
A 1 139 GLY 139 139 139 GLY GLY A . n 
A 1 140 ALA 140 140 140 ALA ALA A . n 
A 1 141 PRO 141 141 141 PRO PRO A . n 
A 1 142 GLY 142 142 142 GLY GLY A . n 
A 1 143 ALA 143 143 143 ALA ALA A . n 
A 1 144 GLN 144 144 144 GLN GLN A . n 
A 1 145 VAL 145 145 145 VAL VAL A . n 
A 1 146 ALA 146 146 146 ALA ALA A . n 
A 1 147 TRP 147 147 147 TRP TRP A . n 
A 1 148 GLY 148 148 148 GLY GLY A . n 
A 1 149 VAL 149 149 149 VAL VAL A . n 
A 1 150 ASP 150 150 150 ASP ASP A . n 
A 1 151 LYS 151 151 151 LYS LYS A . n 
A 1 152 LEU 152 152 152 LEU LEU A . n 
A 1 153 LEU 153 153 153 LEU LEU A . n 
A 1 154 GLN 154 154 154 GLN GLN A . n 
A 1 155 ASP 155 155 155 ASP ASP A . n 
A 1 156 ALA 156 156 156 ALA ALA A . n 
A 1 157 THR 157 157 157 THR THR A . n 
A 1 158 ALA 158 158 158 ALA ALA A . n 
A 1 159 THR 159 159 159 THR THR A . n 
A 1 160 ALA 160 160 160 ALA ALA A . n 
A 1 161 ALA 161 161 161 ALA ALA A . n 
A 1 162 GLU 162 162 162 GLU GLU A . n 
A 1 163 GLN 163 163 163 GLN GLN A . n 
A 1 164 ALA 164 164 164 ALA ALA A . n 
A 1 165 THR 165 165 165 THR THR A . n 
A 1 166 GLN 166 166 ?   ?   ?   A . n 
A 1 167 GLU 167 167 ?   ?   ?   A . n 
A 1 168 HIS 168 168 ?   ?   ?   A . n 
A 1 169 ASP 169 169 ?   ?   ?   A . n 
A 1 170 PRO 170 170 ?   ?   ?   A . n 
A 1 171 ALA 171 171 ?   ?   ?   A . n 
A 1 172 SER 172 172 ?   ?   ?   A . n 
A 1 173 HIS 173 173 ?   ?   ?   A . n 
A 1 174 GLU 174 174 ?   ?   ?   A . n 
A 1 175 ASP 175 175 ?   ?   ?   A . n 
A 1 176 TRP 176 176 ?   ?   ?   A . n 
A 1 177 SER 177 177 177 SER SER A . n 
A 1 178 ALA 178 178 178 ALA ALA A . n 
A 1 179 THR 179 179 179 THR THR A . n 
A 1 180 VAL 180 180 180 VAL VAL A . n 
A 1 181 ARG 181 181 181 ARG ARG A . n 
A 1 182 ALA 182 182 182 ALA ALA A . n 
A 1 183 LEU 183 183 183 LEU LEU A . n 
A 1 184 ARG 184 184 184 ARG ARG A . n 
A 1 185 ASP 185 185 185 ASP ASP A . n 
A 1 186 ALA 186 186 186 ALA ALA A . n 
A 1 187 ASP 187 187 187 ASP ASP A . n 
A 1 188 GLU 188 188 188 GLU GLU A . n 
A 1 189 ALA 189 189 189 ALA ALA A . n 
A 1 190 THR 190 190 190 THR THR A . n 
A 1 191 HIS 191 191 191 HIS HIS A . n 
A 1 192 PRO 192 192 192 PRO PRO A . n 
A 1 193 ALA 193 193 193 ALA ALA A . n 
A 1 194 ILE 194 194 194 ILE ILE A . n 
A 1 195 ALA 195 195 195 ALA ALA A . n 
A 1 196 SER 196 196 196 SER SER A . n 
A 1 197 HIS 197 197 197 HIS HIS A . n 
A 1 198 MSE 198 198 198 MSE MSE A . n 
A 1 199 PRO 199 199 199 PRO PRO A . n 
A 1 200 LEU 200 200 200 LEU LEU A . n 
A 1 201 LEU 201 201 201 LEU LEU A . n 
A 1 202 VAL 202 202 202 VAL VAL A . n 
A 1 203 ALA 203 203 203 ALA ALA A . n 
A 1 204 GLY 204 204 204 GLY GLY A . n 
A 1 205 SER 205 205 205 SER SER A . n 
A 1 206 ALA 206 206 206 ALA ALA A . n 
A 1 207 HIS 207 207 207 HIS HIS A . n 
A 1 208 ASP 208 208 208 ASP ASP A . n 
A 1 209 ARG 209 209 209 ARG ARG A . n 
A 1 210 LEU 210 210 210 LEU LEU A . n 
A 1 211 ARG 211 211 211 ARG ARG A . n 
A 1 212 TRP 212 212 212 TRP TRP A . n 
A 1 213 SER 213 213 213 SER SER A . n 
A 1 214 PHE 214 214 214 PHE PHE A . n 
A 1 215 ASP 215 215 215 ASP ASP A . n 
A 1 216 VAL 216 216 216 VAL VAL A . n 
A 1 217 LEU 217 217 217 LEU LEU A . n 
A 1 218 VAL 218 218 218 VAL VAL A . n 
A 1 219 ASN 219 219 219 ASN ASN A . n 
A 1 220 GLY 220 220 220 GLY GLY A . n 
A 1 221 ILE 221 221 221 ILE ILE A . n 
A 1 222 THR 222 222 222 THR THR A . n 
A 1 223 ARG 223 223 223 ARG ARG A . n 
A 1 224 THR 224 224 224 THR THR A . n 
A 1 225 PRO 225 225 225 PRO PRO A . n 
A 1 226 VAL 226 226 226 VAL VAL A . n 
A 1 227 PRO 227 227 227 PRO PRO A . n 
A 1 228 GLY 228 228 228 GLY GLY A . n 
A 1 229 PRO 229 229 229 PRO PRO A . n 
A 1 230 ALA 230 230 230 ALA ALA A . n 
A 1 231 ARG 231 231 ?   ?   ?   A . n 
A 1 232 GLY 232 232 ?   ?   ?   A . n 
A 1 233 ALA 233 233 ?   ?   ?   A . n 
A 1 234 ALA 234 234 ?   ?   ?   A . n 
A 1 235 GLY 235 235 ?   ?   ?   A . n 
A 1 236 LEU 236 236 ?   ?   ?   A . n 
A 1 237 GLU 237 237 ?   ?   ?   A . n 
A 1 238 HIS 238 238 ?   ?   ?   A . n 
A 1 239 HIS 239 239 ?   ?   ?   A . n 
A 1 240 HIS 240 240 ?   ?   ?   A . n 
A 1 241 HIS 241 241 ?   ?   ?   A . n 
A 1 242 HIS 242 242 ?   ?   ?   A . n 
A 1 243 HIS 243 243 ?   ?   ?   A . n 
# 
loop_
_pdbx_nonpoly_scheme.asym_id 
_pdbx_nonpoly_scheme.entity_id 
_pdbx_nonpoly_scheme.mon_id 
_pdbx_nonpoly_scheme.ndb_seq_num 
_pdbx_nonpoly_scheme.pdb_seq_num 
_pdbx_nonpoly_scheme.auth_seq_num 
_pdbx_nonpoly_scheme.pdb_mon_id 
_pdbx_nonpoly_scheme.auth_mon_id 
_pdbx_nonpoly_scheme.pdb_strand_id 
_pdbx_nonpoly_scheme.pdb_ins_code 
B 2 HOH 1  244 1  HOH HOH A . 
B 2 HOH 2  245 2  HOH HOH A . 
B 2 HOH 3  246 3  HOH HOH A . 
B 2 HOH 4  247 4  HOH HOH A . 
B 2 HOH 5  248 5  HOH HOH A . 
B 2 HOH 6  249 6  HOH HOH A . 
B 2 HOH 7  250 7  HOH HOH A . 
B 2 HOH 8  251 8  HOH HOH A . 
B 2 HOH 9  252 9  HOH HOH A . 
B 2 HOH 10 253 10 HOH HOH A . 
B 2 HOH 11 254 11 HOH HOH A . 
B 2 HOH 12 255 12 HOH HOH A . 
B 2 HOH 13 256 13 HOH HOH A . 
B 2 HOH 14 257 14 HOH HOH A . 
B 2 HOH 15 258 15 HOH HOH A . 
B 2 HOH 16 259 16 HOH HOH A . 
B 2 HOH 17 260 17 HOH HOH A . 
B 2 HOH 18 261 18 HOH HOH A . 
B 2 HOH 19 262 19 HOH HOH A . 
B 2 HOH 20 263 20 HOH HOH A . 
B 2 HOH 21 264 21 HOH HOH A . 
B 2 HOH 22 265 22 HOH HOH A . 
B 2 HOH 23 266 23 HOH HOH A . 
B 2 HOH 24 267 24 HOH HOH A . 
B 2 HOH 25 268 25 HOH HOH A . 
B 2 HOH 26 269 26 HOH HOH A . 
B 2 HOH 27 270 27 HOH HOH A . 
B 2 HOH 28 271 28 HOH HOH A . 
B 2 HOH 29 272 29 HOH HOH A . 
B 2 HOH 30 273 30 HOH HOH A . 
B 2 HOH 31 274 31 HOH HOH A . 
B 2 HOH 32 275 32 HOH HOH A . 
B 2 HOH 33 276 33 HOH HOH A . 
B 2 HOH 34 277 34 HOH HOH A . 
B 2 HOH 35 278 35 HOH HOH A . 
B 2 HOH 36 279 36 HOH HOH A . 
B 2 HOH 37 280 37 HOH HOH A . 
B 2 HOH 38 281 38 HOH HOH A . 
B 2 HOH 39 282 39 HOH HOH A . 
B 2 HOH 40 283 40 HOH HOH A . 
B 2 HOH 41 284 41 HOH HOH A . 
B 2 HOH 42 285 42 HOH HOH A . 
B 2 HOH 43 286 43 HOH HOH A . 
B 2 HOH 44 287 44 HOH HOH A . 
B 2 HOH 45 288 45 HOH HOH A . 
B 2 HOH 46 289 46 HOH HOH A . 
B 2 HOH 47 290 47 HOH HOH A . 
B 2 HOH 48 291 48 HOH HOH A . 
B 2 HOH 49 292 49 HOH HOH A . 
B 2 HOH 50 293 50 HOH HOH A . 
B 2 HOH 51 294 51 HOH HOH A . 
B 2 HOH 52 295 52 HOH HOH A . 
B 2 HOH 53 296 55 HOH HOH A . 
B 2 HOH 54 297 56 HOH HOH A . 
B 2 HOH 55 298 57 HOH HOH A . 
B 2 HOH 56 299 3  HOH HOH A . 
B 2 HOH 57 300 5  HOH HOH A . 
B 2 HOH 58 301 9  HOH HOH A . 
B 2 HOH 59 302 12 HOH HOH A . 
# 
loop_
_software.name 
_software.classification 
_software.version 
_software.citation_id 
_software.pdbx_ordinal 
REFMAC    refinement       5.2.0019 ? 1 
HKL-2000  'data reduction' .        ? 2 
SCALEPACK 'data scaling'   .        ? 3 
SnB       phasing          .        ? 4 
# 
_cell.entry_id           2G7L 
_cell.length_a           96.099 
_cell.length_b           96.099 
_cell.length_c           59.096 
_cell.angle_alpha        90.00 
_cell.angle_beta         90.00 
_cell.angle_gamma        90.00 
_cell.Z_PDB              8 
_cell.pdbx_unique_axis   ? 
_cell.length_a_esd       ? 
_cell.length_b_esd       ? 
_cell.length_c_esd       ? 
_cell.angle_alpha_esd    ? 
_cell.angle_beta_esd     ? 
_cell.angle_gamma_esd    ? 
# 
_symmetry.entry_id                         2G7L 
_symmetry.space_group_name_H-M             'P 43 21 2' 
_symmetry.pdbx_full_space_group_name_H-M   ? 
_symmetry.cell_setting                     ? 
_symmetry.Int_Tables_number                96 
_symmetry.space_group_name_Hall            ? 
# 
_exptl.entry_id          2G7L 
_exptl.method            'X-RAY DIFFRACTION' 
_exptl.crystals_number   1 
# 
_exptl_crystal.id                    1 
_exptl_crystal.density_meas          ? 
_exptl_crystal.density_Matthews      2.67 
_exptl_crystal.density_percent_sol   53.89 
_exptl_crystal.description           ? 
_exptl_crystal.F_000                 ? 
_exptl_crystal.preparation           ? 
# 
_exptl_crystal_grow.crystal_id      1 
_exptl_crystal_grow.method          'VAPOR DIFFUSION, HANGING DROP' 
_exptl_crystal_grow.temp            298 
_exptl_crystal_grow.temp_details    ? 
_exptl_crystal_grow.pH              7.5 
_exptl_crystal_grow.pdbx_details    '4M NaCl, pH 7.5, VAPOR DIFFUSION, HANGING DROP, temperature 298K' 
_exptl_crystal_grow.pdbx_pH_range   . 
# 
_diffrn.id                     1 
_diffrn.ambient_temp           100 
_diffrn.ambient_temp_details   ? 
_diffrn.crystal_id             1 
# 
_diffrn_detector.diffrn_id              1 
_diffrn_detector.detector               CCD 
_diffrn_detector.type                   'ADSC QUANTUM 210' 
_diffrn_detector.pdbx_collection_date   2005-11-26 
_diffrn_detector.details                ? 
# 
_diffrn_radiation.diffrn_id                        1 
_diffrn_radiation.wavelength_id                    1 
_diffrn_radiation.pdbx_monochromatic_or_laue_m_l   M 
_diffrn_radiation.monochromator                    ? 
_diffrn_radiation.pdbx_diffrn_protocol             'SINGLE WAVELENGTH' 
_diffrn_radiation.pdbx_scattering_type             x-ray 
# 
_diffrn_radiation_wavelength.id           1 
_diffrn_radiation_wavelength.wavelength   0.969 
_diffrn_radiation_wavelength.wt           1.0 
# 
_diffrn_source.diffrn_id                   1 
_diffrn_source.source                      SYNCHROTRON 
_diffrn_source.type                        'APS BEAMLINE 17-ID' 
_diffrn_source.pdbx_synchrotron_site       APS 
_diffrn_source.pdbx_synchrotron_beamline   17-ID 
_diffrn_source.pdbx_wavelength             ? 
_diffrn_source.pdbx_wavelength_list        0.969 
# 
_reflns.entry_id                     2G7L 
_reflns.observed_criterion_sigma_I   -1 
_reflns.observed_criterion_sigma_F   -1 
_reflns.d_resolution_low             50 
_reflns.d_resolution_high            2.1 
_reflns.number_obs                   16602 
_reflns.number_all                   16602 
_reflns.percent_possible_obs         99.0 
_reflns.pdbx_Rmerge_I_obs            ? 
_reflns.pdbx_Rsym_value              0.074 
_reflns.pdbx_netI_over_sigmaI        32 
_reflns.B_iso_Wilson_estimate        ? 
_reflns.pdbx_redundancy              13.5 
_reflns.R_free_details               ? 
_reflns.limit_h_max                  ? 
_reflns.limit_h_min                  ? 
_reflns.limit_k_max                  ? 
_reflns.limit_k_min                  ? 
_reflns.limit_l_max                  ? 
_reflns.limit_l_min                  ? 
_reflns.observed_criterion_F_max     ? 
_reflns.observed_criterion_F_min     ? 
_reflns.pdbx_chi_squared             ? 
_reflns.pdbx_scaling_rejects         ? 
_reflns.pdbx_ordinal                 1 
_reflns.pdbx_diffrn_id               1 
# 
_reflns_shell.d_res_high             2.1 
_reflns_shell.d_res_low              2.18 
_reflns_shell.percent_possible_all   93 
_reflns_shell.Rmerge_I_obs           ? 
_reflns_shell.pdbx_Rsym_value        0.469 
_reflns_shell.meanI_over_sigI_obs    4 
_reflns_shell.pdbx_redundancy        9.8 
_reflns_shell.percent_possible_obs   ? 
_reflns_shell.number_unique_all      1526 
_reflns_shell.number_measured_all    ? 
_reflns_shell.number_measured_obs    ? 
_reflns_shell.number_unique_obs      ? 
_reflns_shell.pdbx_chi_squared       ? 
_reflns_shell.pdbx_ordinal           1 
_reflns_shell.pdbx_diffrn_id         1 
# 
_refine.entry_id                                 2G7L 
_refine.ls_number_reflns_obs                     15626 
_refine.ls_number_reflns_all                     15626 
_refine.pdbx_ls_sigma_I                          ? 
_refine.pdbx_ls_sigma_F                          0 
_refine.pdbx_data_cutoff_high_absF               ? 
_refine.pdbx_data_cutoff_low_absF                ? 
_refine.pdbx_data_cutoff_high_rms_absF           ? 
_refine.ls_d_res_low                             50.00 
_refine.ls_d_res_high                            2.10 
_refine.ls_percent_reflns_obs                    98.64 
_refine.ls_R_factor_obs                          0.22815 
_refine.ls_R_factor_all                          0.22815 
_refine.ls_R_factor_R_work                       0.22529 
_refine.ls_R_factor_R_free                       0.28587 
_refine.ls_R_factor_R_free_error                 ? 
_refine.ls_R_factor_R_free_error_details         ? 
_refine.ls_percent_reflns_R_free                 5.1 
_refine.ls_number_reflns_R_free                  836 
_refine.ls_number_parameters                     ? 
_refine.ls_number_restraints                     ? 
_refine.occupancy_min                            ? 
_refine.occupancy_max                            ? 
_refine.correlation_coeff_Fo_to_Fc               0.956 
_refine.correlation_coeff_Fo_to_Fc_free          0.943 
_refine.B_iso_mean                               58.024 
_refine.aniso_B[1][1]                            -1.99 
_refine.aniso_B[2][2]                            -1.99 
_refine.aniso_B[3][3]                            3.98 
_refine.aniso_B[1][2]                            0.00 
_refine.aniso_B[1][3]                            0.00 
_refine.aniso_B[2][3]                            0.00 
_refine.solvent_model_details                    MASK 
_refine.solvent_model_param_ksol                 ? 
_refine.solvent_model_param_bsol                 ? 
_refine.pdbx_solvent_vdw_probe_radii             1.20 
_refine.pdbx_solvent_ion_probe_radii             0.80 
_refine.pdbx_solvent_shrinkage_radii             0.80 
_refine.pdbx_ls_cross_valid_method               THROUGHOUT 
_refine.details                                  ? 
_refine.pdbx_starting_model                      ? 
_refine.pdbx_method_to_determine_struct          SAD 
_refine.pdbx_isotropic_thermal_model             ? 
_refine.pdbx_stereochemistry_target_values       'MAXIMUM LIKELIHOOD' 
_refine.pdbx_stereochem_target_val_spec_case     ? 
_refine.pdbx_R_Free_selection_details            RANDOM 
_refine.pdbx_overall_ESU_R                       0.202 
_refine.pdbx_overall_ESU_R_Free                  0.197 
_refine.overall_SU_ML                            0.168 
_refine.overall_SU_B                             6.447 
_refine.ls_redundancy_reflns_obs                 ? 
_refine.B_iso_min                                ? 
_refine.B_iso_max                                ? 
_refine.overall_SU_R_Cruickshank_DPI             ? 
_refine.overall_SU_R_free                        ? 
_refine.ls_wR_factor_R_free                      ? 
_refine.ls_wR_factor_R_work                      ? 
_refine.overall_FOM_free_R_set                   ? 
_refine.overall_FOM_work_R_set                   ? 
_refine.pdbx_refine_id                           'X-RAY DIFFRACTION' 
_refine.pdbx_diffrn_id                           1 
_refine.pdbx_TLS_residual_ADP_flag               ? 
_refine.pdbx_overall_phase_error                 ? 
_refine.pdbx_overall_SU_R_free_Cruickshank_DPI   ? 
_refine.pdbx_overall_SU_R_Blow_DPI               ? 
_refine.pdbx_overall_SU_R_free_Blow_DPI          ? 
# 
_refine_hist.pdbx_refine_id                   'X-RAY DIFFRACTION' 
_refine_hist.cycle_id                         LAST 
_refine_hist.pdbx_number_atoms_protein        1524 
_refine_hist.pdbx_number_atoms_nucleic_acid   0 
_refine_hist.pdbx_number_atoms_ligand         0 
_refine_hist.number_atoms_solvent             59 
_refine_hist.number_atoms_total               1583 
_refine_hist.d_res_high                       2.10 
_refine_hist.d_res_low                        50.00 
# 
loop_
_refine_ls_restr.type 
_refine_ls_restr.dev_ideal 
_refine_ls_restr.dev_ideal_target 
_refine_ls_restr.weight 
_refine_ls_restr.number 
_refine_ls_restr.pdbx_refine_id 
_refine_ls_restr.pdbx_restraint_function 
r_bond_refined_d             0.023  0.022  ? 1572 'X-RAY DIFFRACTION' ? 
r_bond_other_d               ?      ?      ? ?    'X-RAY DIFFRACTION' ? 
r_angle_refined_deg          1.924  1.968  ? 2147 'X-RAY DIFFRACTION' ? 
r_angle_other_deg            ?      ?      ? ?    'X-RAY DIFFRACTION' ? 
r_dihedral_angle_1_deg       7.112  5.000  ? 202  'X-RAY DIFFRACTION' ? 
r_dihedral_angle_2_deg       39.461 22.273 ? 66   'X-RAY DIFFRACTION' ? 
r_dihedral_angle_3_deg       21.396 15.000 ? 249  'X-RAY DIFFRACTION' ? 
r_dihedral_angle_4_deg       22.153 15.000 ? 18   'X-RAY DIFFRACTION' ? 
r_chiral_restr               0.200  0.200  ? 257  'X-RAY DIFFRACTION' ? 
r_gen_planes_refined         0.008  0.020  ? 1186 'X-RAY DIFFRACTION' ? 
r_gen_planes_other           ?      ?      ? ?    'X-RAY DIFFRACTION' ? 
r_nbd_refined                0.230  0.200  ? 757  'X-RAY DIFFRACTION' ? 
r_nbd_other                  ?      ?      ? ?    'X-RAY DIFFRACTION' ? 
r_nbtor_refined              0.307  0.200  ? 1071 'X-RAY DIFFRACTION' ? 
r_nbtor_other                ?      ?      ? ?    'X-RAY DIFFRACTION' ? 
r_xyhbond_nbd_refined        0.186  0.200  ? 63   'X-RAY DIFFRACTION' ? 
r_xyhbond_nbd_other          ?      ?      ? ?    'X-RAY DIFFRACTION' ? 
r_metal_ion_refined          ?      ?      ? ?    'X-RAY DIFFRACTION' ? 
r_metal_ion_other            ?      ?      ? ?    'X-RAY DIFFRACTION' ? 
r_symmetry_vdw_refined       0.268  0.200  ? 63   'X-RAY DIFFRACTION' ? 
r_symmetry_vdw_other         ?      ?      ? ?    'X-RAY DIFFRACTION' ? 
r_symmetry_hbond_refined     0.123  0.200  ? 11   'X-RAY DIFFRACTION' ? 
r_symmetry_hbond_other       ?      ?      ? ?    'X-RAY DIFFRACTION' ? 
r_symmetry_metal_ion_refined ?      ?      ? ?    'X-RAY DIFFRACTION' ? 
r_symmetry_metal_ion_other   ?      ?      ? ?    'X-RAY DIFFRACTION' ? 
r_mcbond_it                  1.267  1.500  ? 1044 'X-RAY DIFFRACTION' ? 
r_mcbond_other               ?      ?      ? ?    'X-RAY DIFFRACTION' ? 
r_mcangle_it                 2.084  2.000  ? 1619 'X-RAY DIFFRACTION' ? 
r_scbond_it                  2.966  3.000  ? 604  'X-RAY DIFFRACTION' ? 
r_scangle_it                 4.630  4.500  ? 528  'X-RAY DIFFRACTION' ? 
r_rigid_bond_restr           ?      ?      ? ?    'X-RAY DIFFRACTION' ? 
r_sphericity_free            ?      ?      ? ?    'X-RAY DIFFRACTION' ? 
r_sphericity_bonded          ?      ?      ? ?    'X-RAY DIFFRACTION' ? 
# 
_refine_ls_shell.pdbx_total_number_of_bins_used   20 
_refine_ls_shell.d_res_high                       2.100 
_refine_ls_shell.d_res_low                        2.155 
_refine_ls_shell.number_reflns_R_work             1011 
_refine_ls_shell.R_factor_R_work                  0.295 
_refine_ls_shell.percent_reflns_obs               89.55 
_refine_ls_shell.R_factor_R_free                  0.319 
_refine_ls_shell.R_factor_R_free_error            ? 
_refine_ls_shell.percent_reflns_R_free            ? 
_refine_ls_shell.number_reflns_R_free             60 
_refine_ls_shell.number_reflns_all                ? 
_refine_ls_shell.R_factor_all                     ? 
_refine_ls_shell.number_reflns_obs                ? 
_refine_ls_shell.redundancy_reflns_obs            ? 
_refine_ls_shell.pdbx_refine_id                   'X-RAY DIFFRACTION' 
# 
_struct.entry_id                  2G7L 
_struct.title                     'Crystal structure of putative transcription regulator SCO7704 from Streptomyces coelicor' 
_struct.pdbx_model_details        ? 
_struct.pdbx_CASP_flag            ? 
_struct.pdbx_model_type_details   ? 
# 
_struct_keywords.entry_id        2G7L 
_struct_keywords.pdbx_keywords   TRANSCRIPTION 
_struct_keywords.text            
'APC6062, SCO7704, transcription, Protein Structure Initiative, PSI, Midwest Center for Structural Genomics, MCSG' 
# 
loop_
_struct_asym.id 
_struct_asym.pdbx_blank_PDB_chainid_flag 
_struct_asym.pdbx_modified 
_struct_asym.entity_id 
_struct_asym.details 
A N N 1 ? 
B N N 2 ? 
# 
_struct_ref.id                         1 
_struct_ref.db_name                    GB 
_struct_ref.db_code                    CAC44560 
_struct_ref.pdbx_db_accession          15020677 
_struct_ref.entity_id                  1 
_struct_ref.pdbx_seq_one_letter_code   
;MAARRAPISRRDRPAKPALSRRWIVDTAVALMRAEGLEKVTMRRLAQELDTGPASLYVYVANTAELHAAVLDALLGEVDL
TGAGAEEDWREQLRAVLTSYTLVLFAHPQLARSALVARPSGENYLRLVERVLELLARSGAPGAQVAWGVDKLLQDATATA
AEQATQEHDPASHEDWSATVRALRDADEATHPAIASHMPLLVAGSAHDRLRWSFDVLVNGITRTPVPGPARGAAG
;
_struct_ref.pdbx_align_begin           1 
_struct_ref.pdbx_db_isoform            ? 
# 
_struct_ref_seq.align_id                      1 
_struct_ref_seq.ref_id                        1 
_struct_ref_seq.pdbx_PDB_id_code              2G7L 
_struct_ref_seq.pdbx_strand_id                A 
_struct_ref_seq.seq_align_beg                 1 
_struct_ref_seq.pdbx_seq_align_beg_ins_code   ? 
_struct_ref_seq.seq_align_end                 235 
_struct_ref_seq.pdbx_seq_align_end_ins_code   ? 
_struct_ref_seq.pdbx_db_accession             15020677 
_struct_ref_seq.db_align_beg                  1 
_struct_ref_seq.pdbx_db_align_beg_ins_code    ? 
_struct_ref_seq.db_align_end                  235 
_struct_ref_seq.pdbx_db_align_end_ins_code    ? 
_struct_ref_seq.pdbx_auth_seq_align_beg       1 
_struct_ref_seq.pdbx_auth_seq_align_end       235 
# 
loop_
_struct_ref_seq_dif.align_id 
_struct_ref_seq_dif.pdbx_pdb_id_code 
_struct_ref_seq_dif.mon_id 
_struct_ref_seq_dif.pdbx_pdb_strand_id 
_struct_ref_seq_dif.seq_num 
_struct_ref_seq_dif.pdbx_pdb_ins_code 
_struct_ref_seq_dif.pdbx_seq_db_name 
_struct_ref_seq_dif.pdbx_seq_db_accession_code 
_struct_ref_seq_dif.db_mon_id 
_struct_ref_seq_dif.pdbx_seq_db_seq_num 
_struct_ref_seq_dif.details 
_struct_ref_seq_dif.pdbx_auth_seq_num 
_struct_ref_seq_dif.pdbx_ordinal 
1 2G7L MSE A 1   ? GB 15020677 MET 1   'modified residue' 1   1  
1 2G7L MSE A 32  ? GB 15020677 MET 32  'modified residue' 32  2  
1 2G7L MSE A 42  ? GB 15020677 MET 42  'modified residue' 42  3  
1 2G7L MSE A 198 ? GB 15020677 MET 198 'modified residue' 198 4  
1 2G7L LEU A 236 ? GB 15020677 ?   ?   'cloning artifact' 236 5  
1 2G7L GLU A 237 ? GB 15020677 ?   ?   'cloning artifact' 237 6  
1 2G7L HIS A 238 ? GB 15020677 ?   ?   'expression tag'   238 7  
1 2G7L HIS A 239 ? GB 15020677 ?   ?   'expression tag'   239 8  
1 2G7L HIS A 240 ? GB 15020677 ?   ?   'expression tag'   240 9  
1 2G7L HIS A 241 ? GB 15020677 ?   ?   'expression tag'   241 10 
1 2G7L HIS A 242 ? GB 15020677 ?   ?   'expression tag'   242 11 
1 2G7L HIS A 243 ? GB 15020677 ?   ?   'expression tag'   243 12 
# 
_pdbx_struct_assembly.id                   1 
_pdbx_struct_assembly.details              author_and_software_defined_assembly 
_pdbx_struct_assembly.method_details       PISA,PQS 
_pdbx_struct_assembly.oligomeric_details   dimeric 
_pdbx_struct_assembly.oligomeric_count     2 
# 
loop_
_pdbx_struct_assembly_prop.biol_id 
_pdbx_struct_assembly_prop.type 
_pdbx_struct_assembly_prop.value 
_pdbx_struct_assembly_prop.details 
1 'ABSA (A^2)' 5350  ? 
1 MORE         -33   ? 
1 'SSA (A^2)'  18050 ? 
# 
_pdbx_struct_assembly_gen.assembly_id       1 
_pdbx_struct_assembly_gen.oper_expression   1,2 
_pdbx_struct_assembly_gen.asym_id_list      A,B 
# 
loop_
_pdbx_struct_oper_list.id 
_pdbx_struct_oper_list.type 
_pdbx_struct_oper_list.name 
_pdbx_struct_oper_list.symmetry_operation 
_pdbx_struct_oper_list.matrix[1][1] 
_pdbx_struct_oper_list.matrix[1][2] 
_pdbx_struct_oper_list.matrix[1][3] 
_pdbx_struct_oper_list.vector[1] 
_pdbx_struct_oper_list.matrix[2][1] 
_pdbx_struct_oper_list.matrix[2][2] 
_pdbx_struct_oper_list.matrix[2][3] 
_pdbx_struct_oper_list.vector[2] 
_pdbx_struct_oper_list.matrix[3][1] 
_pdbx_struct_oper_list.matrix[3][2] 
_pdbx_struct_oper_list.matrix[3][3] 
_pdbx_struct_oper_list.vector[3] 
1 'identity operation'         1_555 x,y,z    1.0000000000  0.0000000000 0.0000000000  0.0000000000 0.0000000000 1.0000000000 0.0000000000  0.0000000000  0.0000000000  0.0000000000  1.0000000000  0.0000000000  
2 'crystal symmetry operation' 7_556 y,x,-z+1 -0.3687917987 0.9174170187 -0.1494611088 8.9678906571 0.9174170187 0.3334015376 -0.2172312790 -3.9538281110 -0.1494611088 -0.2172312790 -0.9646097389 13.6041873981 
# 
_struct_biol.id        1 
_struct_biol.details   
'Biological assembly is a dimer composed of protein molecule from asymmetric unit and symmetry-related molecule (Y,X,-Z).' 
# 
loop_
_struct_conf.conf_type_id 
_struct_conf.id 
_struct_conf.pdbx_PDB_helix_id 
_struct_conf.beg_label_comp_id 
_struct_conf.beg_label_asym_id 
_struct_conf.beg_label_seq_id 
_struct_conf.pdbx_beg_PDB_ins_code 
_struct_conf.end_label_comp_id 
_struct_conf.end_label_asym_id 
_struct_conf.end_label_seq_id 
_struct_conf.pdbx_end_PDB_ins_code 
_struct_conf.beg_auth_comp_id 
_struct_conf.beg_auth_asym_id 
_struct_conf.beg_auth_seq_id 
_struct_conf.end_auth_comp_id 
_struct_conf.end_auth_asym_id 
_struct_conf.end_auth_seq_id 
_struct_conf.pdbx_PDB_helix_class 
_struct_conf.details 
_struct_conf.pdbx_PDB_helix_length 
HELX_P HELX_P1  1  SER A 20  ? GLY A 36  ? SER A 20  GLY A 36  1 ? 17 
HELX_P HELX_P2  2  THR A 41  ? LEU A 49  ? THR A 41  LEU A 49  1 ? 9  
HELX_P HELX_P3  3  GLY A 52  ? TYR A 57  ? GLY A 52  TYR A 57  1 ? 6  
HELX_P HELX_P4  4  ASN A 62  ? LEU A 75  ? ASN A 62  LEU A 75  1 ? 14 
HELX_P HELX_P5  5  ASP A 88  ? HIS A 107 ? ASP A 88  HIS A 107 1 ? 20 
HELX_P HELX_P6  6  HIS A 107 ? ALA A 117 ? HIS A 107 ALA A 117 1 ? 11 
HELX_P HELX_P7  7  GLY A 121 ? ARG A 137 ? GLY A 121 ARG A 137 1 ? 17 
HELX_P HELX_P8  8  PRO A 141 ? GLU A 162 ? PRO A 141 GLU A 162 1 ? 22 
HELX_P HELX_P9  9  SER A 177 ? ALA A 186 ? SER A 177 ALA A 186 1 ? 10 
HELX_P HELX_P10 10 HIS A 191 ? MSE A 198 ? HIS A 191 MSE A 198 1 ? 8  
HELX_P HELX_P11 11 SER A 205 ? THR A 224 ? SER A 205 THR A 224 1 ? 20 
# 
_struct_conf_type.id          HELX_P 
_struct_conf_type.criteria    ? 
_struct_conf_type.reference   ? 
# 
loop_
_struct_conn.id 
_struct_conn.conn_type_id 
_struct_conn.pdbx_leaving_atom_flag 
_struct_conn.pdbx_PDB_id 
_struct_conn.ptnr1_label_asym_id 
_struct_conn.ptnr1_label_comp_id 
_struct_conn.ptnr1_label_seq_id 
_struct_conn.ptnr1_label_atom_id 
_struct_conn.pdbx_ptnr1_label_alt_id 
_struct_conn.pdbx_ptnr1_PDB_ins_code 
_struct_conn.pdbx_ptnr1_standard_comp_id 
_struct_conn.ptnr1_symmetry 
_struct_conn.ptnr2_label_asym_id 
_struct_conn.ptnr2_label_comp_id 
_struct_conn.ptnr2_label_seq_id 
_struct_conn.ptnr2_label_atom_id 
_struct_conn.pdbx_ptnr2_label_alt_id 
_struct_conn.pdbx_ptnr2_PDB_ins_code 
_struct_conn.ptnr1_auth_asym_id 
_struct_conn.ptnr1_auth_comp_id 
_struct_conn.ptnr1_auth_seq_id 
_struct_conn.ptnr2_auth_asym_id 
_struct_conn.ptnr2_auth_comp_id 
_struct_conn.ptnr2_auth_seq_id 
_struct_conn.ptnr2_symmetry 
_struct_conn.pdbx_ptnr3_label_atom_id 
_struct_conn.pdbx_ptnr3_label_seq_id 
_struct_conn.pdbx_ptnr3_label_comp_id 
_struct_conn.pdbx_ptnr3_label_asym_id 
_struct_conn.pdbx_ptnr3_label_alt_id 
_struct_conn.pdbx_ptnr3_PDB_ins_code 
_struct_conn.details 
_struct_conn.pdbx_dist_value 
_struct_conn.pdbx_value_order 
_struct_conn.pdbx_role 
covale1 covale both ? A LEU 31  C ? ? ? 1_555 A MSE 32  N ? ? A LEU 31  A MSE 32  1_555 ? ? ? ? ? ? ? 1.345 ? ? 
covale2 covale both ? A MSE 32  C ? ? ? 1_555 A ARG 33  N ? ? A MSE 32  A ARG 33  1_555 ? ? ? ? ? ? ? 1.323 ? ? 
covale3 covale both ? A THR 41  C ? ? ? 1_555 A MSE 42  N ? ? A THR 41  A MSE 42  1_555 ? ? ? ? ? ? ? 1.330 ? ? 
covale4 covale both ? A MSE 42  C ? ? ? 1_555 A ARG 43  N ? ? A MSE 42  A ARG 43  1_555 ? ? ? ? ? ? ? 1.338 ? ? 
covale5 covale both ? A HIS 197 C ? ? ? 1_555 A MSE 198 N ? ? A HIS 197 A MSE 198 1_555 ? ? ? ? ? ? ? 1.334 ? ? 
covale6 covale both ? A MSE 198 C ? ? ? 1_555 A PRO 199 N ? ? A MSE 198 A PRO 199 1_555 ? ? ? ? ? ? ? 1.352 ? ? 
# 
_struct_conn_type.id          covale 
_struct_conn_type.criteria    ? 
_struct_conn_type.reference   ? 
# 
loop_
_pdbx_modification_feature.ordinal 
_pdbx_modification_feature.label_comp_id 
_pdbx_modification_feature.label_asym_id 
_pdbx_modification_feature.label_seq_id 
_pdbx_modification_feature.label_alt_id 
_pdbx_modification_feature.modified_residue_label_comp_id 
_pdbx_modification_feature.modified_residue_label_asym_id 
_pdbx_modification_feature.modified_residue_label_seq_id 
_pdbx_modification_feature.modified_residue_label_alt_id 
_pdbx_modification_feature.auth_comp_id 
_pdbx_modification_feature.auth_asym_id 
_pdbx_modification_feature.auth_seq_id 
_pdbx_modification_feature.PDB_ins_code 
_pdbx_modification_feature.symmetry 
_pdbx_modification_feature.modified_residue_auth_comp_id 
_pdbx_modification_feature.modified_residue_auth_asym_id 
_pdbx_modification_feature.modified_residue_auth_seq_id 
_pdbx_modification_feature.modified_residue_PDB_ins_code 
_pdbx_modification_feature.modified_residue_symmetry 
_pdbx_modification_feature.comp_id_linking_atom 
_pdbx_modification_feature.modified_residue_id_linking_atom 
_pdbx_modification_feature.modified_residue_id 
_pdbx_modification_feature.ref_pcm_id 
_pdbx_modification_feature.ref_comp_id 
_pdbx_modification_feature.type 
_pdbx_modification_feature.category 
1 MSE A 32  ? . . . . MSE A 32  ? 1_555 . . . . . . . MET 1 MSE Selenomethionine 'Named protein modification' 
2 MSE A 42  ? . . . . MSE A 42  ? 1_555 . . . . . . . MET 1 MSE Selenomethionine 'Named protein modification' 
3 MSE A 198 ? . . . . MSE A 198 ? 1_555 . . . . . . . MET 1 MSE Selenomethionine 'Named protein modification' 
# 
_struct_mon_prot_cis.pdbx_id                1 
_struct_mon_prot_cis.label_comp_id          MSE 
_struct_mon_prot_cis.label_seq_id           198 
_struct_mon_prot_cis.label_asym_id          A 
_struct_mon_prot_cis.label_alt_id           . 
_struct_mon_prot_cis.pdbx_PDB_ins_code      ? 
_struct_mon_prot_cis.auth_comp_id           MSE 
_struct_mon_prot_cis.auth_seq_id            198 
_struct_mon_prot_cis.auth_asym_id           A 
_struct_mon_prot_cis.pdbx_label_comp_id_2   PRO 
_struct_mon_prot_cis.pdbx_label_seq_id_2    199 
_struct_mon_prot_cis.pdbx_label_asym_id_2   A 
_struct_mon_prot_cis.pdbx_PDB_ins_code_2    ? 
_struct_mon_prot_cis.pdbx_auth_comp_id_2    PRO 
_struct_mon_prot_cis.pdbx_auth_seq_id_2     199 
_struct_mon_prot_cis.pdbx_auth_asym_id_2    A 
_struct_mon_prot_cis.pdbx_PDB_model_num     1 
_struct_mon_prot_cis.pdbx_omega_angle       10.21 
# 
_pdbx_entry_details.entry_id                   2G7L 
_pdbx_entry_details.compound_details           ? 
_pdbx_entry_details.source_details             ? 
_pdbx_entry_details.nonpolymer_details         ? 
_pdbx_entry_details.sequence_details           ? 
_pdbx_entry_details.has_ligand_of_interest     ? 
_pdbx_entry_details.has_protein_modification   Y 
# 
loop_
_pdbx_validate_torsion.id 
_pdbx_validate_torsion.PDB_model_num 
_pdbx_validate_torsion.auth_comp_id 
_pdbx_validate_torsion.auth_asym_id 
_pdbx_validate_torsion.auth_seq_id 
_pdbx_validate_torsion.PDB_ins_code 
_pdbx_validate_torsion.label_alt_id 
_pdbx_validate_torsion.phi 
_pdbx_validate_torsion.psi 
1 1 LEU A 37  ? ? 135.04  -34.32 
2 1 SER A 120 ? ? -144.71 16.35  
3 1 GLU A 188 ? ? -36.76  -38.76 
4 1 PRO A 229 ? ? -34.06  132.07 
# 
loop_
_pdbx_validate_peptide_omega.id 
_pdbx_validate_peptide_omega.PDB_model_num 
_pdbx_validate_peptide_omega.auth_comp_id_1 
_pdbx_validate_peptide_omega.auth_asym_id_1 
_pdbx_validate_peptide_omega.auth_seq_id_1 
_pdbx_validate_peptide_omega.PDB_ins_code_1 
_pdbx_validate_peptide_omega.label_alt_id_1 
_pdbx_validate_peptide_omega.auth_comp_id_2 
_pdbx_validate_peptide_omega.auth_asym_id_2 
_pdbx_validate_peptide_omega.auth_seq_id_2 
_pdbx_validate_peptide_omega.PDB_ins_code_2 
_pdbx_validate_peptide_omega.label_alt_id_2 
_pdbx_validate_peptide_omega.omega 
1 1 GLU A 87 ? ? ASP A 88 ? ? 134.25  
2 1 ASP A 88 ? ? TRP A 89 ? ? -137.13 
# 
_pdbx_SG_project.id                    1 
_pdbx_SG_project.project_name          'PSI, Protein Structure Initiative' 
_pdbx_SG_project.full_name_of_center   'Midwest Center for Structural Genomics' 
_pdbx_SG_project.initial_of_center     MCSG 
# 
loop_
_pdbx_struct_mod_residue.id 
_pdbx_struct_mod_residue.label_asym_id 
_pdbx_struct_mod_residue.label_comp_id 
_pdbx_struct_mod_residue.label_seq_id 
_pdbx_struct_mod_residue.auth_asym_id 
_pdbx_struct_mod_residue.auth_comp_id 
_pdbx_struct_mod_residue.auth_seq_id 
_pdbx_struct_mod_residue.PDB_ins_code 
_pdbx_struct_mod_residue.parent_comp_id 
_pdbx_struct_mod_residue.details 
1 A MSE 32  A MSE 32  ? MET SELENOMETHIONINE 
2 A MSE 42  A MSE 42  ? MET SELENOMETHIONINE 
3 A MSE 198 A MSE 198 ? MET SELENOMETHIONINE 
# 
loop_
_pdbx_unobs_or_zero_occ_residues.id 
_pdbx_unobs_or_zero_occ_residues.PDB_model_num 
_pdbx_unobs_or_zero_occ_residues.polymer_flag 
_pdbx_unobs_or_zero_occ_residues.occupancy_flag 
_pdbx_unobs_or_zero_occ_residues.auth_asym_id 
_pdbx_unobs_or_zero_occ_residues.auth_comp_id 
_pdbx_unobs_or_zero_occ_residues.auth_seq_id 
_pdbx_unobs_or_zero_occ_residues.PDB_ins_code 
_pdbx_unobs_or_zero_occ_residues.label_asym_id 
_pdbx_unobs_or_zero_occ_residues.label_comp_id 
_pdbx_unobs_or_zero_occ_residues.label_seq_id 
1  1 Y 1 A MSE 1   ? A MSE 1   
2  1 Y 1 A ALA 2   ? A ALA 2   
3  1 Y 1 A ALA 3   ? A ALA 3   
4  1 Y 1 A ARG 4   ? A ARG 4   
5  1 Y 1 A ARG 5   ? A ARG 5   
6  1 Y 1 A ALA 6   ? A ALA 6   
7  1 Y 1 A PRO 7   ? A PRO 7   
8  1 Y 1 A ILE 8   ? A ILE 8   
9  1 Y 1 A SER 9   ? A SER 9   
10 1 Y 1 A ARG 10  ? A ARG 10  
11 1 Y 1 A ARG 11  ? A ARG 11  
12 1 Y 1 A ASP 12  ? A ASP 12  
13 1 Y 1 A ARG 13  ? A ARG 13  
14 1 Y 1 A PRO 14  ? A PRO 14  
15 1 Y 1 A ALA 15  ? A ALA 15  
16 1 Y 1 A GLY 84  ? A GLY 84  
17 1 Y 1 A ALA 85  ? A ALA 85  
18 1 Y 1 A GLU 86  ? A GLU 86  
19 1 Y 1 A GLN 166 ? A GLN 166 
20 1 Y 1 A GLU 167 ? A GLU 167 
21 1 Y 1 A HIS 168 ? A HIS 168 
22 1 Y 1 A ASP 169 ? A ASP 169 
23 1 Y 1 A PRO 170 ? A PRO 170 
24 1 Y 1 A ALA 171 ? A ALA 171 
25 1 Y 1 A SER 172 ? A SER 172 
26 1 Y 1 A HIS 173 ? A HIS 173 
27 1 Y 1 A GLU 174 ? A GLU 174 
28 1 Y 1 A ASP 175 ? A ASP 175 
29 1 Y 1 A TRP 176 ? A TRP 176 
30 1 Y 1 A ARG 231 ? A ARG 231 
31 1 Y 1 A GLY 232 ? A GLY 232 
32 1 Y 1 A ALA 233 ? A ALA 233 
33 1 Y 1 A ALA 234 ? A ALA 234 
34 1 Y 1 A GLY 235 ? A GLY 235 
35 1 Y 1 A LEU 236 ? A LEU 236 
36 1 Y 1 A GLU 237 ? A GLU 237 
37 1 Y 1 A HIS 238 ? A HIS 238 
38 1 Y 1 A HIS 239 ? A HIS 239 
39 1 Y 1 A HIS 240 ? A HIS 240 
40 1 Y 1 A HIS 241 ? A HIS 241 
41 1 Y 1 A HIS 242 ? A HIS 242 
42 1 Y 1 A HIS 243 ? A HIS 243 
# 
loop_
_chem_comp_atom.comp_id 
_chem_comp_atom.atom_id 
_chem_comp_atom.type_symbol 
_chem_comp_atom.pdbx_aromatic_flag 
_chem_comp_atom.pdbx_stereo_config 
_chem_comp_atom.pdbx_ordinal 
ALA N    N  N N 1   
ALA CA   C  N S 2   
ALA C    C  N N 3   
ALA O    O  N N 4   
ALA CB   C  N N 5   
ALA OXT  O  N N 6   
ALA H    H  N N 7   
ALA H2   H  N N 8   
ALA HA   H  N N 9   
ALA HB1  H  N N 10  
ALA HB2  H  N N 11  
ALA HB3  H  N N 12  
ALA HXT  H  N N 13  
ARG N    N  N N 14  
ARG CA   C  N S 15  
ARG C    C  N N 16  
ARG O    O  N N 17  
ARG CB   C  N N 18  
ARG CG   C  N N 19  
ARG CD   C  N N 20  
ARG NE   N  N N 21  
ARG CZ   C  N N 22  
ARG NH1  N  N N 23  
ARG NH2  N  N N 24  
ARG OXT  O  N N 25  
ARG H    H  N N 26  
ARG H2   H  N N 27  
ARG HA   H  N N 28  
ARG HB2  H  N N 29  
ARG HB3  H  N N 30  
ARG HG2  H  N N 31  
ARG HG3  H  N N 32  
ARG HD2  H  N N 33  
ARG HD3  H  N N 34  
ARG HE   H  N N 35  
ARG HH11 H  N N 36  
ARG HH12 H  N N 37  
ARG HH21 H  N N 38  
ARG HH22 H  N N 39  
ARG HXT  H  N N 40  
ASN N    N  N N 41  
ASN CA   C  N S 42  
ASN C    C  N N 43  
ASN O    O  N N 44  
ASN CB   C  N N 45  
ASN CG   C  N N 46  
ASN OD1  O  N N 47  
ASN ND2  N  N N 48  
ASN OXT  O  N N 49  
ASN H    H  N N 50  
ASN H2   H  N N 51  
ASN HA   H  N N 52  
ASN HB2  H  N N 53  
ASN HB3  H  N N 54  
ASN HD21 H  N N 55  
ASN HD22 H  N N 56  
ASN HXT  H  N N 57  
ASP N    N  N N 58  
ASP CA   C  N S 59  
ASP C    C  N N 60  
ASP O    O  N N 61  
ASP CB   C  N N 62  
ASP CG   C  N N 63  
ASP OD1  O  N N 64  
ASP OD2  O  N N 65  
ASP OXT  O  N N 66  
ASP H    H  N N 67  
ASP H2   H  N N 68  
ASP HA   H  N N 69  
ASP HB2  H  N N 70  
ASP HB3  H  N N 71  
ASP HD2  H  N N 72  
ASP HXT  H  N N 73  
GLN N    N  N N 74  
GLN CA   C  N S 75  
GLN C    C  N N 76  
GLN O    O  N N 77  
GLN CB   C  N N 78  
GLN CG   C  N N 79  
GLN CD   C  N N 80  
GLN OE1  O  N N 81  
GLN NE2  N  N N 82  
GLN OXT  O  N N 83  
GLN H    H  N N 84  
GLN H2   H  N N 85  
GLN HA   H  N N 86  
GLN HB2  H  N N 87  
GLN HB3  H  N N 88  
GLN HG2  H  N N 89  
GLN HG3  H  N N 90  
GLN HE21 H  N N 91  
GLN HE22 H  N N 92  
GLN HXT  H  N N 93  
GLU N    N  N N 94  
GLU CA   C  N S 95  
GLU C    C  N N 96  
GLU O    O  N N 97  
GLU CB   C  N N 98  
GLU CG   C  N N 99  
GLU CD   C  N N 100 
GLU OE1  O  N N 101 
GLU OE2  O  N N 102 
GLU OXT  O  N N 103 
GLU H    H  N N 104 
GLU H2   H  N N 105 
GLU HA   H  N N 106 
GLU HB2  H  N N 107 
GLU HB3  H  N N 108 
GLU HG2  H  N N 109 
GLU HG3  H  N N 110 
GLU HE2  H  N N 111 
GLU HXT  H  N N 112 
GLY N    N  N N 113 
GLY CA   C  N N 114 
GLY C    C  N N 115 
GLY O    O  N N 116 
GLY OXT  O  N N 117 
GLY H    H  N N 118 
GLY H2   H  N N 119 
GLY HA2  H  N N 120 
GLY HA3  H  N N 121 
GLY HXT  H  N N 122 
HIS N    N  N N 123 
HIS CA   C  N S 124 
HIS C    C  N N 125 
HIS O    O  N N 126 
HIS CB   C  N N 127 
HIS CG   C  Y N 128 
HIS ND1  N  Y N 129 
HIS CD2  C  Y N 130 
HIS CE1  C  Y N 131 
HIS NE2  N  Y N 132 
HIS OXT  O  N N 133 
HIS H    H  N N 134 
HIS H2   H  N N 135 
HIS HA   H  N N 136 
HIS HB2  H  N N 137 
HIS HB3  H  N N 138 
HIS HD1  H  N N 139 
HIS HD2  H  N N 140 
HIS HE1  H  N N 141 
HIS HE2  H  N N 142 
HIS HXT  H  N N 143 
HOH O    O  N N 144 
HOH H1   H  N N 145 
HOH H2   H  N N 146 
ILE N    N  N N 147 
ILE CA   C  N S 148 
ILE C    C  N N 149 
ILE O    O  N N 150 
ILE CB   C  N S 151 
ILE CG1  C  N N 152 
ILE CG2  C  N N 153 
ILE CD1  C  N N 154 
ILE OXT  O  N N 155 
ILE H    H  N N 156 
ILE H2   H  N N 157 
ILE HA   H  N N 158 
ILE HB   H  N N 159 
ILE HG12 H  N N 160 
ILE HG13 H  N N 161 
ILE HG21 H  N N 162 
ILE HG22 H  N N 163 
ILE HG23 H  N N 164 
ILE HD11 H  N N 165 
ILE HD12 H  N N 166 
ILE HD13 H  N N 167 
ILE HXT  H  N N 168 
LEU N    N  N N 169 
LEU CA   C  N S 170 
LEU C    C  N N 171 
LEU O    O  N N 172 
LEU CB   C  N N 173 
LEU CG   C  N N 174 
LEU CD1  C  N N 175 
LEU CD2  C  N N 176 
LEU OXT  O  N N 177 
LEU H    H  N N 178 
LEU H2   H  N N 179 
LEU HA   H  N N 180 
LEU HB2  H  N N 181 
LEU HB3  H  N N 182 
LEU HG   H  N N 183 
LEU HD11 H  N N 184 
LEU HD12 H  N N 185 
LEU HD13 H  N N 186 
LEU HD21 H  N N 187 
LEU HD22 H  N N 188 
LEU HD23 H  N N 189 
LEU HXT  H  N N 190 
LYS N    N  N N 191 
LYS CA   C  N S 192 
LYS C    C  N N 193 
LYS O    O  N N 194 
LYS CB   C  N N 195 
LYS CG   C  N N 196 
LYS CD   C  N N 197 
LYS CE   C  N N 198 
LYS NZ   N  N N 199 
LYS OXT  O  N N 200 
LYS H    H  N N 201 
LYS H2   H  N N 202 
LYS HA   H  N N 203 
LYS HB2  H  N N 204 
LYS HB3  H  N N 205 
LYS HG2  H  N N 206 
LYS HG3  H  N N 207 
LYS HD2  H  N N 208 
LYS HD3  H  N N 209 
LYS HE2  H  N N 210 
LYS HE3  H  N N 211 
LYS HZ1  H  N N 212 
LYS HZ2  H  N N 213 
LYS HZ3  H  N N 214 
LYS HXT  H  N N 215 
MET N    N  N N 216 
MET CA   C  N S 217 
MET C    C  N N 218 
MET O    O  N N 219 
MET CB   C  N N 220 
MET CG   C  N N 221 
MET SD   S  N N 222 
MET CE   C  N N 223 
MET OXT  O  N N 224 
MET H    H  N N 225 
MET H2   H  N N 226 
MET HA   H  N N 227 
MET HB2  H  N N 228 
MET HB3  H  N N 229 
MET HG2  H  N N 230 
MET HG3  H  N N 231 
MET HE1  H  N N 232 
MET HE2  H  N N 233 
MET HE3  H  N N 234 
MET HXT  H  N N 235 
MSE N    N  N N 236 
MSE CA   C  N S 237 
MSE C    C  N N 238 
MSE O    O  N N 239 
MSE OXT  O  N N 240 
MSE CB   C  N N 241 
MSE CG   C  N N 242 
MSE SE   SE N N 243 
MSE CE   C  N N 244 
MSE H    H  N N 245 
MSE H2   H  N N 246 
MSE HA   H  N N 247 
MSE HXT  H  N N 248 
MSE HB2  H  N N 249 
MSE HB3  H  N N 250 
MSE HG2  H  N N 251 
MSE HG3  H  N N 252 
MSE HE1  H  N N 253 
MSE HE2  H  N N 254 
MSE HE3  H  N N 255 
PHE N    N  N N 256 
PHE CA   C  N S 257 
PHE C    C  N N 258 
PHE O    O  N N 259 
PHE CB   C  N N 260 
PHE CG   C  Y N 261 
PHE CD1  C  Y N 262 
PHE CD2  C  Y N 263 
PHE CE1  C  Y N 264 
PHE CE2  C  Y N 265 
PHE CZ   C  Y N 266 
PHE OXT  O  N N 267 
PHE H    H  N N 268 
PHE H2   H  N N 269 
PHE HA   H  N N 270 
PHE HB2  H  N N 271 
PHE HB3  H  N N 272 
PHE HD1  H  N N 273 
PHE HD2  H  N N 274 
PHE HE1  H  N N 275 
PHE HE2  H  N N 276 
PHE HZ   H  N N 277 
PHE HXT  H  N N 278 
PRO N    N  N N 279 
PRO CA   C  N S 280 
PRO C    C  N N 281 
PRO O    O  N N 282 
PRO CB   C  N N 283 
PRO CG   C  N N 284 
PRO CD   C  N N 285 
PRO OXT  O  N N 286 
PRO H    H  N N 287 
PRO HA   H  N N 288 
PRO HB2  H  N N 289 
PRO HB3  H  N N 290 
PRO HG2  H  N N 291 
PRO HG3  H  N N 292 
PRO HD2  H  N N 293 
PRO HD3  H  N N 294 
PRO HXT  H  N N 295 
SER N    N  N N 296 
SER CA   C  N S 297 
SER C    C  N N 298 
SER O    O  N N 299 
SER CB   C  N N 300 
SER OG   O  N N 301 
SER OXT  O  N N 302 
SER H    H  N N 303 
SER H2   H  N N 304 
SER HA   H  N N 305 
SER HB2  H  N N 306 
SER HB3  H  N N 307 
SER HG   H  N N 308 
SER HXT  H  N N 309 
THR N    N  N N 310 
THR CA   C  N S 311 
THR C    C  N N 312 
THR O    O  N N 313 
THR CB   C  N R 314 
THR OG1  O  N N 315 
THR CG2  C  N N 316 
THR OXT  O  N N 317 
THR H    H  N N 318 
THR H2   H  N N 319 
THR HA   H  N N 320 
THR HB   H  N N 321 
THR HG1  H  N N 322 
THR HG21 H  N N 323 
THR HG22 H  N N 324 
THR HG23 H  N N 325 
THR HXT  H  N N 326 
TRP N    N  N N 327 
TRP CA   C  N S 328 
TRP C    C  N N 329 
TRP O    O  N N 330 
TRP CB   C  N N 331 
TRP CG   C  Y N 332 
TRP CD1  C  Y N 333 
TRP CD2  C  Y N 334 
TRP NE1  N  Y N 335 
TRP CE2  C  Y N 336 
TRP CE3  C  Y N 337 
TRP CZ2  C  Y N 338 
TRP CZ3  C  Y N 339 
TRP CH2  C  Y N 340 
TRP OXT  O  N N 341 
TRP H    H  N N 342 
TRP H2   H  N N 343 
TRP HA   H  N N 344 
TRP HB2  H  N N 345 
TRP HB3  H  N N 346 
TRP HD1  H  N N 347 
TRP HE1  H  N N 348 
TRP HE3  H  N N 349 
TRP HZ2  H  N N 350 
TRP HZ3  H  N N 351 
TRP HH2  H  N N 352 
TRP HXT  H  N N 353 
TYR N    N  N N 354 
TYR CA   C  N S 355 
TYR C    C  N N 356 
TYR O    O  N N 357 
TYR CB   C  N N 358 
TYR CG   C  Y N 359 
TYR CD1  C  Y N 360 
TYR CD2  C  Y N 361 
TYR CE1  C  Y N 362 
TYR CE2  C  Y N 363 
TYR CZ   C  Y N 364 
TYR OH   O  N N 365 
TYR OXT  O  N N 366 
TYR H    H  N N 367 
TYR H2   H  N N 368 
TYR HA   H  N N 369 
TYR HB2  H  N N 370 
TYR HB3  H  N N 371 
TYR HD1  H  N N 372 
TYR HD2  H  N N 373 
TYR HE1  H  N N 374 
TYR HE2  H  N N 375 
TYR HH   H  N N 376 
TYR HXT  H  N N 377 
VAL N    N  N N 378 
VAL CA   C  N S 379 
VAL C    C  N N 380 
VAL O    O  N N 381 
VAL CB   C  N N 382 
VAL CG1  C  N N 383 
VAL CG2  C  N N 384 
VAL OXT  O  N N 385 
VAL H    H  N N 386 
VAL H2   H  N N 387 
VAL HA   H  N N 388 
VAL HB   H  N N 389 
VAL HG11 H  N N 390 
VAL HG12 H  N N 391 
VAL HG13 H  N N 392 
VAL HG21 H  N N 393 
VAL HG22 H  N N 394 
VAL HG23 H  N N 395 
VAL HXT  H  N N 396 
# 
loop_
_chem_comp_bond.comp_id 
_chem_comp_bond.atom_id_1 
_chem_comp_bond.atom_id_2 
_chem_comp_bond.value_order 
_chem_comp_bond.pdbx_aromatic_flag 
_chem_comp_bond.pdbx_stereo_config 
_chem_comp_bond.pdbx_ordinal 
ALA N   CA   sing N N 1   
ALA N   H    sing N N 2   
ALA N   H2   sing N N 3   
ALA CA  C    sing N N 4   
ALA CA  CB   sing N N 5   
ALA CA  HA   sing N N 6   
ALA C   O    doub N N 7   
ALA C   OXT  sing N N 8   
ALA CB  HB1  sing N N 9   
ALA CB  HB2  sing N N 10  
ALA CB  HB3  sing N N 11  
ALA OXT HXT  sing N N 12  
ARG N   CA   sing N N 13  
ARG N   H    sing N N 14  
ARG N   H2   sing N N 15  
ARG CA  C    sing N N 16  
ARG CA  CB   sing N N 17  
ARG CA  HA   sing N N 18  
ARG C   O    doub N N 19  
ARG C   OXT  sing N N 20  
ARG CB  CG   sing N N 21  
ARG CB  HB2  sing N N 22  
ARG CB  HB3  sing N N 23  
ARG CG  CD   sing N N 24  
ARG CG  HG2  sing N N 25  
ARG CG  HG3  sing N N 26  
ARG CD  NE   sing N N 27  
ARG CD  HD2  sing N N 28  
ARG CD  HD3  sing N N 29  
ARG NE  CZ   sing N N 30  
ARG NE  HE   sing N N 31  
ARG CZ  NH1  sing N N 32  
ARG CZ  NH2  doub N N 33  
ARG NH1 HH11 sing N N 34  
ARG NH1 HH12 sing N N 35  
ARG NH2 HH21 sing N N 36  
ARG NH2 HH22 sing N N 37  
ARG OXT HXT  sing N N 38  
ASN N   CA   sing N N 39  
ASN N   H    sing N N 40  
ASN N   H2   sing N N 41  
ASN CA  C    sing N N 42  
ASN CA  CB   sing N N 43  
ASN CA  HA   sing N N 44  
ASN C   O    doub N N 45  
ASN C   OXT  sing N N 46  
ASN CB  CG   sing N N 47  
ASN CB  HB2  sing N N 48  
ASN CB  HB3  sing N N 49  
ASN CG  OD1  doub N N 50  
ASN CG  ND2  sing N N 51  
ASN ND2 HD21 sing N N 52  
ASN ND2 HD22 sing N N 53  
ASN OXT HXT  sing N N 54  
ASP N   CA   sing N N 55  
ASP N   H    sing N N 56  
ASP N   H2   sing N N 57  
ASP CA  C    sing N N 58  
ASP CA  CB   sing N N 59  
ASP CA  HA   sing N N 60  
ASP C   O    doub N N 61  
ASP C   OXT  sing N N 62  
ASP CB  CG   sing N N 63  
ASP CB  HB2  sing N N 64  
ASP CB  HB3  sing N N 65  
ASP CG  OD1  doub N N 66  
ASP CG  OD2  sing N N 67  
ASP OD2 HD2  sing N N 68  
ASP OXT HXT  sing N N 69  
GLN N   CA   sing N N 70  
GLN N   H    sing N N 71  
GLN N   H2   sing N N 72  
GLN CA  C    sing N N 73  
GLN CA  CB   sing N N 74  
GLN CA  HA   sing N N 75  
GLN C   O    doub N N 76  
GLN C   OXT  sing N N 77  
GLN CB  CG   sing N N 78  
GLN CB  HB2  sing N N 79  
GLN CB  HB3  sing N N 80  
GLN CG  CD   sing N N 81  
GLN CG  HG2  sing N N 82  
GLN CG  HG3  sing N N 83  
GLN CD  OE1  doub N N 84  
GLN CD  NE2  sing N N 85  
GLN NE2 HE21 sing N N 86  
GLN NE2 HE22 sing N N 87  
GLN OXT HXT  sing N N 88  
GLU N   CA   sing N N 89  
GLU N   H    sing N N 90  
GLU N   H2   sing N N 91  
GLU CA  C    sing N N 92  
GLU CA  CB   sing N N 93  
GLU CA  HA   sing N N 94  
GLU C   O    doub N N 95  
GLU C   OXT  sing N N 96  
GLU CB  CG   sing N N 97  
GLU CB  HB2  sing N N 98  
GLU CB  HB3  sing N N 99  
GLU CG  CD   sing N N 100 
GLU CG  HG2  sing N N 101 
GLU CG  HG3  sing N N 102 
GLU CD  OE1  doub N N 103 
GLU CD  OE2  sing N N 104 
GLU OE2 HE2  sing N N 105 
GLU OXT HXT  sing N N 106 
GLY N   CA   sing N N 107 
GLY N   H    sing N N 108 
GLY N   H2   sing N N 109 
GLY CA  C    sing N N 110 
GLY CA  HA2  sing N N 111 
GLY CA  HA3  sing N N 112 
GLY C   O    doub N N 113 
GLY C   OXT  sing N N 114 
GLY OXT HXT  sing N N 115 
HIS N   CA   sing N N 116 
HIS N   H    sing N N 117 
HIS N   H2   sing N N 118 
HIS CA  C    sing N N 119 
HIS CA  CB   sing N N 120 
HIS CA  HA   sing N N 121 
HIS C   O    doub N N 122 
HIS C   OXT  sing N N 123 
HIS CB  CG   sing N N 124 
HIS CB  HB2  sing N N 125 
HIS CB  HB3  sing N N 126 
HIS CG  ND1  sing Y N 127 
HIS CG  CD2  doub Y N 128 
HIS ND1 CE1  doub Y N 129 
HIS ND1 HD1  sing N N 130 
HIS CD2 NE2  sing Y N 131 
HIS CD2 HD2  sing N N 132 
HIS CE1 NE2  sing Y N 133 
HIS CE1 HE1  sing N N 134 
HIS NE2 HE2  sing N N 135 
HIS OXT HXT  sing N N 136 
HOH O   H1   sing N N 137 
HOH O   H2   sing N N 138 
ILE N   CA   sing N N 139 
ILE N   H    sing N N 140 
ILE N   H2   sing N N 141 
ILE CA  C    sing N N 142 
ILE CA  CB   sing N N 143 
ILE CA  HA   sing N N 144 
ILE C   O    doub N N 145 
ILE C   OXT  sing N N 146 
ILE CB  CG1  sing N N 147 
ILE CB  CG2  sing N N 148 
ILE CB  HB   sing N N 149 
ILE CG1 CD1  sing N N 150 
ILE CG1 HG12 sing N N 151 
ILE CG1 HG13 sing N N 152 
ILE CG2 HG21 sing N N 153 
ILE CG2 HG22 sing N N 154 
ILE CG2 HG23 sing N N 155 
ILE CD1 HD11 sing N N 156 
ILE CD1 HD12 sing N N 157 
ILE CD1 HD13 sing N N 158 
ILE OXT HXT  sing N N 159 
LEU N   CA   sing N N 160 
LEU N   H    sing N N 161 
LEU N   H2   sing N N 162 
LEU CA  C    sing N N 163 
LEU CA  CB   sing N N 164 
LEU CA  HA   sing N N 165 
LEU C   O    doub N N 166 
LEU C   OXT  sing N N 167 
LEU CB  CG   sing N N 168 
LEU CB  HB2  sing N N 169 
LEU CB  HB3  sing N N 170 
LEU CG  CD1  sing N N 171 
LEU CG  CD2  sing N N 172 
LEU CG  HG   sing N N 173 
LEU CD1 HD11 sing N N 174 
LEU CD1 HD12 sing N N 175 
LEU CD1 HD13 sing N N 176 
LEU CD2 HD21 sing N N 177 
LEU CD2 HD22 sing N N 178 
LEU CD2 HD23 sing N N 179 
LEU OXT HXT  sing N N 180 
LYS N   CA   sing N N 181 
LYS N   H    sing N N 182 
LYS N   H2   sing N N 183 
LYS CA  C    sing N N 184 
LYS CA  CB   sing N N 185 
LYS CA  HA   sing N N 186 
LYS C   O    doub N N 187 
LYS C   OXT  sing N N 188 
LYS CB  CG   sing N N 189 
LYS CB  HB2  sing N N 190 
LYS CB  HB3  sing N N 191 
LYS CG  CD   sing N N 192 
LYS CG  HG2  sing N N 193 
LYS CG  HG3  sing N N 194 
LYS CD  CE   sing N N 195 
LYS CD  HD2  sing N N 196 
LYS CD  HD3  sing N N 197 
LYS CE  NZ   sing N N 198 
LYS CE  HE2  sing N N 199 
LYS CE  HE3  sing N N 200 
LYS NZ  HZ1  sing N N 201 
LYS NZ  HZ2  sing N N 202 
LYS NZ  HZ3  sing N N 203 
LYS OXT HXT  sing N N 204 
MET N   CA   sing N N 205 
MET N   H    sing N N 206 
MET N   H2   sing N N 207 
MET CA  C    sing N N 208 
MET CA  CB   sing N N 209 
MET CA  HA   sing N N 210 
MET C   O    doub N N 211 
MET C   OXT  sing N N 212 
MET CB  CG   sing N N 213 
MET CB  HB2  sing N N 214 
MET CB  HB3  sing N N 215 
MET CG  SD   sing N N 216 
MET CG  HG2  sing N N 217 
MET CG  HG3  sing N N 218 
MET SD  CE   sing N N 219 
MET CE  HE1  sing N N 220 
MET CE  HE2  sing N N 221 
MET CE  HE3  sing N N 222 
MET OXT HXT  sing N N 223 
MSE N   CA   sing N N 224 
MSE N   H    sing N N 225 
MSE N   H2   sing N N 226 
MSE CA  C    sing N N 227 
MSE CA  CB   sing N N 228 
MSE CA  HA   sing N N 229 
MSE C   O    doub N N 230 
MSE C   OXT  sing N N 231 
MSE OXT HXT  sing N N 232 
MSE CB  CG   sing N N 233 
MSE CB  HB2  sing N N 234 
MSE CB  HB3  sing N N 235 
MSE CG  SE   sing N N 236 
MSE CG  HG2  sing N N 237 
MSE CG  HG3  sing N N 238 
MSE SE  CE   sing N N 239 
MSE CE  HE1  sing N N 240 
MSE CE  HE2  sing N N 241 
MSE CE  HE3  sing N N 242 
PHE N   CA   sing N N 243 
PHE N   H    sing N N 244 
PHE N   H2   sing N N 245 
PHE CA  C    sing N N 246 
PHE CA  CB   sing N N 247 
PHE CA  HA   sing N N 248 
PHE C   O    doub N N 249 
PHE C   OXT  sing N N 250 
PHE CB  CG   sing N N 251 
PHE CB  HB2  sing N N 252 
PHE CB  HB3  sing N N 253 
PHE CG  CD1  doub Y N 254 
PHE CG  CD2  sing Y N 255 
PHE CD1 CE1  sing Y N 256 
PHE CD1 HD1  sing N N 257 
PHE CD2 CE2  doub Y N 258 
PHE CD2 HD2  sing N N 259 
PHE CE1 CZ   doub Y N 260 
PHE CE1 HE1  sing N N 261 
PHE CE2 CZ   sing Y N 262 
PHE CE2 HE2  sing N N 263 
PHE CZ  HZ   sing N N 264 
PHE OXT HXT  sing N N 265 
PRO N   CA   sing N N 266 
PRO N   CD   sing N N 267 
PRO N   H    sing N N 268 
PRO CA  C    sing N N 269 
PRO CA  CB   sing N N 270 
PRO CA  HA   sing N N 271 
PRO C   O    doub N N 272 
PRO C   OXT  sing N N 273 
PRO CB  CG   sing N N 274 
PRO CB  HB2  sing N N 275 
PRO CB  HB3  sing N N 276 
PRO CG  CD   sing N N 277 
PRO CG  HG2  sing N N 278 
PRO CG  HG3  sing N N 279 
PRO CD  HD2  sing N N 280 
PRO CD  HD3  sing N N 281 
PRO OXT HXT  sing N N 282 
SER N   CA   sing N N 283 
SER N   H    sing N N 284 
SER N   H2   sing N N 285 
SER CA  C    sing N N 286 
SER CA  CB   sing N N 287 
SER CA  HA   sing N N 288 
SER C   O    doub N N 289 
SER C   OXT  sing N N 290 
SER CB  OG   sing N N 291 
SER CB  HB2  sing N N 292 
SER CB  HB3  sing N N 293 
SER OG  HG   sing N N 294 
SER OXT HXT  sing N N 295 
THR N   CA   sing N N 296 
THR N   H    sing N N 297 
THR N   H2   sing N N 298 
THR CA  C    sing N N 299 
THR CA  CB   sing N N 300 
THR CA  HA   sing N N 301 
THR C   O    doub N N 302 
THR C   OXT  sing N N 303 
THR CB  OG1  sing N N 304 
THR CB  CG2  sing N N 305 
THR CB  HB   sing N N 306 
THR OG1 HG1  sing N N 307 
THR CG2 HG21 sing N N 308 
THR CG2 HG22 sing N N 309 
THR CG2 HG23 sing N N 310 
THR OXT HXT  sing N N 311 
TRP N   CA   sing N N 312 
TRP N   H    sing N N 313 
TRP N   H2   sing N N 314 
TRP CA  C    sing N N 315 
TRP CA  CB   sing N N 316 
TRP CA  HA   sing N N 317 
TRP C   O    doub N N 318 
TRP C   OXT  sing N N 319 
TRP CB  CG   sing N N 320 
TRP CB  HB2  sing N N 321 
TRP CB  HB3  sing N N 322 
TRP CG  CD1  doub Y N 323 
TRP CG  CD2  sing Y N 324 
TRP CD1 NE1  sing Y N 325 
TRP CD1 HD1  sing N N 326 
TRP CD2 CE2  doub Y N 327 
TRP CD2 CE3  sing Y N 328 
TRP NE1 CE2  sing Y N 329 
TRP NE1 HE1  sing N N 330 
TRP CE2 CZ2  sing Y N 331 
TRP CE3 CZ3  doub Y N 332 
TRP CE3 HE3  sing N N 333 
TRP CZ2 CH2  doub Y N 334 
TRP CZ2 HZ2  sing N N 335 
TRP CZ3 CH2  sing Y N 336 
TRP CZ3 HZ3  sing N N 337 
TRP CH2 HH2  sing N N 338 
TRP OXT HXT  sing N N 339 
TYR N   CA   sing N N 340 
TYR N   H    sing N N 341 
TYR N   H2   sing N N 342 
TYR CA  C    sing N N 343 
TYR CA  CB   sing N N 344 
TYR CA  HA   sing N N 345 
TYR C   O    doub N N 346 
TYR C   OXT  sing N N 347 
TYR CB  CG   sing N N 348 
TYR CB  HB2  sing N N 349 
TYR CB  HB3  sing N N 350 
TYR CG  CD1  doub Y N 351 
TYR CG  CD2  sing Y N 352 
TYR CD1 CE1  sing Y N 353 
TYR CD1 HD1  sing N N 354 
TYR CD2 CE2  doub Y N 355 
TYR CD2 HD2  sing N N 356 
TYR CE1 CZ   doub Y N 357 
TYR CE1 HE1  sing N N 358 
TYR CE2 CZ   sing Y N 359 
TYR CE2 HE2  sing N N 360 
TYR CZ  OH   sing N N 361 
TYR OH  HH   sing N N 362 
TYR OXT HXT  sing N N 363 
VAL N   CA   sing N N 364 
VAL N   H    sing N N 365 
VAL N   H2   sing N N 366 
VAL CA  C    sing N N 367 
VAL CA  CB   sing N N 368 
VAL CA  HA   sing N N 369 
VAL C   O    doub N N 370 
VAL C   OXT  sing N N 371 
VAL CB  CG1  sing N N 372 
VAL CB  CG2  sing N N 373 
VAL CB  HB   sing N N 374 
VAL CG1 HG11 sing N N 375 
VAL CG1 HG12 sing N N 376 
VAL CG1 HG13 sing N N 377 
VAL CG2 HG21 sing N N 378 
VAL CG2 HG22 sing N N 379 
VAL CG2 HG23 sing N N 380 
VAL OXT HXT  sing N N 381 
# 
_atom_sites.entry_id                    2G7L 
_atom_sites.fract_transf_matrix[1][1]   0.00908403 
_atom_sites.fract_transf_matrix[1][2]   0.00337870 
_atom_sites.fract_transf_matrix[1][3]   0.00378808 
_atom_sites.fract_transf_matrix[2][1]   -0.00081661 
_atom_sites.fract_transf_matrix[2][2]   0.00863742 
_atom_sites.fract_transf_matrix[2][3]   -0.00574569 
_atom_sites.fract_transf_matrix[3][1]   -0.00814686 
_atom_sites.fract_transf_matrix[3][2]   0.00767310 
_atom_sites.fract_transf_matrix[3][3]   0.01269276 
_atom_sites.fract_transf_vector[1]      0.283655 
_atom_sites.fract_transf_vector[2]      0.403295 
_atom_sites.fract_transf_vector[3]      0.465373 
# 
loop_
_atom_type.symbol 
C  
N  
O  
SE 
# 
loop_
_atom_site.group_PDB 
_atom_site.id 
_atom_site.type_symbol 
_atom_site.label_atom_id 
_atom_site.label_alt_id 
_atom_site.label_comp_id 
_atom_site.label_asym_id 
_atom_site.label_entity_id 
_atom_site.label_seq_id 
_atom_site.pdbx_PDB_ins_code 
_atom_site.Cartn_x 
_atom_site.Cartn_y 
_atom_site.Cartn_z 
_atom_site.occupancy 
_atom_site.B_iso_or_equiv 
_atom_site.pdbx_formal_charge 
_atom_site.auth_seq_id 
_atom_site.auth_comp_id 
_atom_site.auth_asym_id 
_atom_site.auth_atom_id 
_atom_site.pdbx_PDB_model_num 
ATOM   1    N  N   . LYS A 1 16  ? -2.054  34.845  -12.275 1.00 86.77 ? 16  LYS A N   1 
ATOM   2    C  CA  . LYS A 1 16  ? -3.158  34.771  -11.267 1.00 86.72 ? 16  LYS A CA  1 
ATOM   3    C  C   . LYS A 1 16  ? -4.197  33.594  -11.372 1.00 86.30 ? 16  LYS A C   1 
ATOM   4    O  O   . LYS A 1 16  ? -5.310  33.745  -10.829 1.00 86.68 ? 16  LYS A O   1 
ATOM   5    C  CB  . LYS A 1 16  ? -3.903  36.129  -11.205 1.00 87.16 ? 16  LYS A CB  1 
ATOM   6    C  CG  . LYS A 1 16  ? -3.211  37.221  -10.377 1.00 88.21 ? 16  LYS A CG  1 
ATOM   7    C  CD  . LYS A 1 16  ? -3.856  38.606  -10.564 1.00 88.26 ? 16  LYS A CD  1 
ATOM   8    C  CE  . LYS A 1 16  ? -3.911  39.339  -9.223  1.00 91.89 ? 16  LYS A CE  1 
ATOM   9    N  NZ  . LYS A 1 16  ? -3.294  40.720  -9.248  1.00 93.24 ? 16  LYS A NZ  1 
ATOM   10   N  N   . PRO A 1 17  ? -3.853  32.425  -12.025 1.00 85.34 ? 17  PRO A N   1 
ATOM   11   C  CA  . PRO A 1 17  ? -4.846  31.302  -11.941 1.00 84.01 ? 17  PRO A CA  1 
ATOM   12   C  C   . PRO A 1 17  ? -5.083  30.855  -10.491 1.00 81.10 ? 17  PRO A C   1 
ATOM   13   O  O   . PRO A 1 17  ? -4.164  30.944  -9.661  1.00 80.99 ? 17  PRO A O   1 
ATOM   14   C  CB  . PRO A 1 17  ? -4.217  30.165  -12.784 1.00 83.75 ? 17  PRO A CB  1 
ATOM   15   C  CG  . PRO A 1 17  ? -3.158  30.835  -13.659 1.00 86.05 ? 17  PRO A CG  1 
ATOM   16   C  CD  . PRO A 1 17  ? -2.662  32.037  -12.825 1.00 85.68 ? 17  PRO A CD  1 
ATOM   17   N  N   . ALA A 1 18  ? -6.310  30.431  -10.174 1.00 78.18 ? 18  ALA A N   1 
ATOM   18   C  CA  . ALA A 1 18  ? -6.652  30.036  -8.799  1.00 75.14 ? 18  ALA A CA  1 
ATOM   19   C  C   . ALA A 1 18  ? -6.029  28.682  -8.409  1.00 72.86 ? 18  ALA A C   1 
ATOM   20   O  O   . ALA A 1 18  ? -5.983  27.743  -9.214  1.00 71.96 ? 18  ALA A O   1 
ATOM   21   C  CB  . ALA A 1 18  ? -8.152  30.014  -8.589  1.00 75.33 ? 18  ALA A CB  1 
ATOM   22   N  N   . LEU A 1 19  ? -5.547  28.609  -7.170  1.00 69.78 ? 19  LEU A N   1 
ATOM   23   C  CA  . LEU A 1 19  ? -4.859  27.427  -6.685  1.00 67.12 ? 19  LEU A CA  1 
ATOM   24   C  C   . LEU A 1 19  ? -5.932  26.434  -6.290  1.00 65.77 ? 19  LEU A C   1 
ATOM   25   O  O   . LEU A 1 19  ? -6.900  26.815  -5.626  1.00 65.93 ? 19  LEU A O   1 
ATOM   26   C  CB  . LEU A 1 19  ? -4.032  27.798  -5.460  1.00 66.62 ? 19  LEU A CB  1 
ATOM   27   C  CG  . LEU A 1 19  ? -2.746  27.072  -5.058  1.00 66.17 ? 19  LEU A CG  1 
ATOM   28   C  CD1 . LEU A 1 19  ? -1.856  26.547  -6.230  1.00 63.56 ? 19  LEU A CD1 1 
ATOM   29   C  CD2 . LEU A 1 19  ? -1.951  27.975  -4.134  1.00 66.59 ? 19  LEU A CD2 1 
ATOM   30   N  N   . SER A 1 20  ? -5.792  25.172  -6.697  1.00 62.56 ? 20  SER A N   1 
ATOM   31   C  CA  . SER A 1 20  ? -6.706  24.127  -6.200  1.00 60.14 ? 20  SER A CA  1 
ATOM   32   C  C   . SER A 1 20  ? -5.928  22.889  -5.782  1.00 58.45 ? 20  SER A C   1 
ATOM   33   O  O   . SER A 1 20  ? -4.761  22.731  -6.165  1.00 58.84 ? 20  SER A O   1 
ATOM   34   C  CB  . SER A 1 20  ? -7.763  23.767  -7.248  1.00 59.23 ? 20  SER A CB  1 
ATOM   35   O  OG  . SER A 1 20  ? -7.151  23.273  -8.433  1.00 60.19 ? 20  SER A OG  1 
ATOM   36   N  N   . ARG A 1 21  ? -6.586  22.002  -5.027  1.00 56.68 ? 21  ARG A N   1 
ATOM   37   C  CA  . ARG A 1 21  ? -6.013  20.714  -4.703  1.00 54.44 ? 21  ARG A CA  1 
ATOM   38   C  C   . ARG A 1 21  ? -5.717  19.940  -5.998  1.00 53.11 ? 21  ARG A C   1 
ATOM   39   O  O   . ARG A 1 21  ? -4.615  19.401  -6.154  1.00 50.94 ? 21  ARG A O   1 
ATOM   40   C  CB  . ARG A 1 21  ? -6.931  19.920  -3.776  1.00 54.66 ? 21  ARG A CB  1 
ATOM   41   C  CG  . ARG A 1 21  ? -6.248  18.617  -3.294  1.00 56.50 ? 21  ARG A CG  1 
ATOM   42   C  CD  . ARG A 1 21  ? -6.933  17.895  -2.168  1.00 56.19 ? 21  ARG A CD  1 
ATOM   43   N  NE  . ARG A 1 21  ? -6.439  16.511  -2.100  1.00 59.53 ? 21  ARG A NE  1 
ATOM   44   C  CZ  . ARG A 1 21  ? -5.559  16.060  -1.206  1.00 61.10 ? 21  ARG A CZ  1 
ATOM   45   N  NH1 . ARG A 1 21  ? -5.158  14.790  -1.219  1.00 63.29 ? 21  ARG A NH1 1 
ATOM   46   N  NH2 . ARG A 1 21  ? -5.092  16.865  -0.284  1.00 65.25 ? 21  ARG A NH2 1 
ATOM   47   N  N   . ARG A 1 22  ? -6.683  19.891  -6.928  1.00 51.67 ? 22  ARG A N   1 
ATOM   48   C  CA  . ARG A 1 22  ? -6.486  19.129  -8.153  1.00 50.66 ? 22  ARG A CA  1 
ATOM   49   C  C   . ARG A 1 22  ? -5.223  19.599  -8.892  1.00 49.93 ? 22  ARG A C   1 
ATOM   50   O  O   . ARG A 1 22  ? -4.446  18.792  -9.385  1.00 50.26 ? 22  ARG A O   1 
ATOM   51   C  CB  . ARG A 1 22  ? -7.694  19.253  -9.077  1.00 51.41 ? 22  ARG A CB  1 
ATOM   52   C  CG  . ARG A 1 22  ? -7.457  18.528  -10.448 1.00 51.80 ? 22  ARG A CG  1 
ATOM   53   C  CD  . ARG A 1 22  ? -8.296  19.075  -11.620 1.00 51.83 ? 22  ARG A CD  1 
ATOM   54   N  NE  . ARG A 1 22  ? -8.079  20.496  -11.823 1.00 52.80 ? 22  ARG A NE  1 
ATOM   55   C  CZ  . ARG A 1 22  ? -7.043  21.011  -12.483 1.00 51.48 ? 22  ARG A CZ  1 
ATOM   56   N  NH1 . ARG A 1 22  ? -6.098  20.227  -13.020 1.00 48.42 ? 22  ARG A NH1 1 
ATOM   57   N  NH2 . ARG A 1 22  ? -6.956  22.324  -12.581 1.00 54.59 ? 22  ARG A NH2 1 
ATOM   58   N  N   . TRP A 1 23  ? -5.051  20.914  -9.023  1.00 49.34 ? 23  TRP A N   1 
ATOM   59   C  CA  . TRP A 1 23  ? -3.933  21.459  -9.801  1.00 49.91 ? 23  TRP A CA  1 
ATOM   60   C  C   . TRP A 1 23  ? -2.592  21.129  -9.162  1.00 47.61 ? 23  TRP A C   1 
ATOM   61   O  O   . TRP A 1 23  ? -1.637  20.716  -9.833  1.00 44.56 ? 23  TRP A O   1 
ATOM   62   C  CB  . TRP A 1 23  ? -4.097  22.977  -9.990  1.00 51.20 ? 23  TRP A CB  1 
ATOM   63   C  CG  . TRP A 1 23  ? -3.001  23.687  -10.811 1.00 53.92 ? 23  TRP A CG  1 
ATOM   64   C  CD1 . TRP A 1 23  ? -2.138  23.146  -11.762 1.00 55.46 ? 23  TRP A CD1 1 
ATOM   65   C  CD2 . TRP A 1 23  ? -2.691  25.076  -10.745 1.00 54.57 ? 23  TRP A CD2 1 
ATOM   66   N  NE1 . TRP A 1 23  ? -1.311  24.125  -12.265 1.00 53.47 ? 23  TRP A NE1 1 
ATOM   67   C  CE2 . TRP A 1 23  ? -1.631  25.317  -11.648 1.00 56.00 ? 23  TRP A CE2 1 
ATOM   68   C  CE3 . TRP A 1 23  ? -3.214  26.152  -9.999  1.00 56.62 ? 23  TRP A CE3 1 
ATOM   69   C  CZ2 . TRP A 1 23  ? -1.097  26.612  -11.847 1.00 54.92 ? 23  TRP A CZ2 1 
ATOM   70   C  CZ3 . TRP A 1 23  ? -2.685  27.441  -10.210 1.00 55.22 ? 23  TRP A CZ3 1 
ATOM   71   C  CH2 . TRP A 1 23  ? -1.636  27.641  -11.122 1.00 54.51 ? 23  TRP A CH2 1 
ATOM   72   N  N   . ILE A 1 24  ? -2.537  21.319  -7.853  1.00 47.93 ? 24  ILE A N   1 
ATOM   73   C  CA  . ILE A 1 24  ? -1.336  20.991  -7.037  1.00 47.65 ? 24  ILE A CA  1 
ATOM   74   C  C   . ILE A 1 24  ? -0.910  19.558  -7.219  1.00 47.05 ? 24  ILE A C   1 
ATOM   75   O  O   . ILE A 1 24  ? 0.303   19.250  -7.437  1.00 46.96 ? 24  ILE A O   1 
ATOM   76   C  CB  . ILE A 1 24  ? -1.628  21.283  -5.556  1.00 48.91 ? 24  ILE A CB  1 
ATOM   77   C  CG1 . ILE A 1 24  ? -1.794  22.791  -5.370  1.00 48.96 ? 24  ILE A CG1 1 
ATOM   78   C  CG2 . ILE A 1 24  ? -0.532  20.651  -4.613  1.00 51.15 ? 24  ILE A CG2 1 
ATOM   79   C  CD1 . ILE A 1 24  ? -2.532  23.195  -4.083  1.00 51.90 ? 24  ILE A CD1 1 
ATOM   80   N  N   . VAL A 1 25  ? -1.887  18.642  -7.178  1.00 47.18 ? 25  VAL A N   1 
ATOM   81   C  CA  . VAL A 1 25  ? -1.514  17.217  -7.276  1.00 46.90 ? 25  VAL A CA  1 
ATOM   82   C  C   . VAL A 1 25  ? -1.178  16.810  -8.681  1.00 47.63 ? 25  VAL A C   1 
ATOM   83   O  O   . VAL A 1 25  ? -0.252  16.012  -8.900  1.00 47.76 ? 25  VAL A O   1 
ATOM   84   C  CB  . VAL A 1 25  ? -2.374  16.167  -6.338  1.00 48.34 ? 25  VAL A CB  1 
ATOM   85   C  CG1 . VAL A 1 25  ? -3.486  16.792  -5.533  1.00 45.50 ? 25  VAL A CG1 1 
ATOM   86   C  CG2 . VAL A 1 25  ? -2.760  14.860  -7.022  1.00 46.65 ? 25  VAL A CG2 1 
ATOM   87   N  N   . ASP A 1 26  ? -1.861  17.419  -9.665  1.00 48.87 ? 26  ASP A N   1 
ATOM   88   C  CA  . ASP A 1 26  ? -1.574  17.104  -11.093 1.00 49.72 ? 26  ASP A CA  1 
ATOM   89   C  C   . ASP A 1 26  ? -0.143  17.527  -11.382 1.00 48.55 ? 26  ASP A C   1 
ATOM   90   O  O   . ASP A 1 26  ? 0.548   16.864  -12.146 1.00 47.26 ? 26  ASP A O   1 
ATOM   91   C  CB  . ASP A 1 26  ? -2.584  17.776  -12.101 1.00 50.09 ? 26  ASP A CB  1 
ATOM   92   C  CG  . ASP A 1 26  ? -4.041  17.156  -12.047 1.00 55.89 ? 26  ASP A CG  1 
ATOM   93   O  OD1 . ASP A 1 26  ? -4.242  16.101  -11.339 1.00 54.66 ? 26  ASP A OD1 1 
ATOM   94   O  OD2 . ASP A 1 26  ? -4.971  17.690  -12.753 1.00 54.24 ? 26  ASP A OD2 1 
ATOM   95   N  N   . THR A 1 27  ? 0.272   18.649  -10.782 1.00 48.90 ? 27  THR A N   1 
ATOM   96   C  CA  . THR A 1 27  ? 1.652   19.169  -10.880 1.00 49.08 ? 27  THR A CA  1 
ATOM   97   C  C   . THR A 1 27  ? 2.684   18.234  -10.199 1.00 49.27 ? 27  THR A C   1 
ATOM   98   O  O   . THR A 1 27  ? 3.737   17.914  -10.785 1.00 48.72 ? 27  THR A O   1 
ATOM   99   C  CB  . THR A 1 27  ? 1.741   20.590  -10.250 1.00 49.86 ? 27  THR A CB  1 
ATOM   100  O  OG1 . THR A 1 27  ? 0.793   21.441  -10.888 1.00 52.28 ? 27  THR A OG1 1 
ATOM   101  C  CG2 . THR A 1 27  ? 3.097   21.208  -10.462 1.00 50.00 ? 27  THR A CG2 1 
ATOM   102  N  N   . ALA A 1 28  ? 2.371   17.806  -8.961  1.00 48.79 ? 28  ALA A N   1 
ATOM   103  C  CA  . ALA A 1 28  ? 3.182   16.794  -8.254  1.00 48.73 ? 28  ALA A CA  1 
ATOM   104  C  C   . ALA A 1 28  ? 3.377   15.566  -9.119  1.00 49.13 ? 28  ALA A C   1 
ATOM   105  O  O   . ALA A 1 28  ? 4.471   15.049  -9.179  1.00 49.67 ? 28  ALA A O   1 
ATOM   106  C  CB  . ALA A 1 28  ? 2.544   16.406  -6.925  1.00 48.70 ? 28  ALA A CB  1 
ATOM   107  N  N   . VAL A 1 29  ? 2.312   15.104  -9.784  1.00 49.88 ? 29  VAL A N   1 
ATOM   108  C  CA  . VAL A 1 29  ? 2.380   13.906  -10.592 1.00 50.84 ? 29  VAL A CA  1 
ATOM   109  C  C   . VAL A 1 29  ? 3.340   14.117  -11.744 1.00 52.92 ? 29  VAL A C   1 
ATOM   110  O  O   . VAL A 1 29  ? 4.193   13.251  -12.028 1.00 52.97 ? 29  VAL A O   1 
ATOM   111  C  CB  . VAL A 1 29  ? 0.990   13.485  -11.146 1.00 52.20 ? 29  VAL A CB  1 
ATOM   112  C  CG1 . VAL A 1 29  ? 1.142   12.334  -12.188 1.00 52.19 ? 29  VAL A CG1 1 
ATOM   113  C  CG2 . VAL A 1 29  ? 0.039   13.002  -10.012 1.00 48.84 ? 29  VAL A CG2 1 
ATOM   114  N  N   . ALA A 1 30  ? 3.170   15.247  -12.451 1.00 52.79 ? 30  ALA A N   1 
ATOM   115  C  CA  . ALA A 1 30  ? 4.028   15.605  -13.576 1.00 53.26 ? 30  ALA A CA  1 
ATOM   116  C  C   . ALA A 1 30  ? 5.463   15.771  -13.122 1.00 53.92 ? 30  ALA A C   1 
ATOM   117  O  O   . ALA A 1 30  ? 6.347   15.269  -13.768 1.00 53.82 ? 30  ALA A O   1 
ATOM   118  C  CB  . ALA A 1 30  ? 3.499   16.943  -14.284 1.00 52.59 ? 30  ALA A CB  1 
ATOM   119  N  N   . LEU A 1 31  ? 5.686   16.466  -12.009 1.00 54.69 ? 31  LEU A N   1 
ATOM   120  C  CA  . LEU A 1 31  ? 7.043   16.570  -11.421 1.00 58.37 ? 31  LEU A CA  1 
ATOM   121  C  C   . LEU A 1 31  ? 7.731   15.200  -11.136 1.00 60.23 ? 31  LEU A C   1 
ATOM   122  O  O   . LEU A 1 31  ? 8.930   15.032  -11.434 1.00 60.84 ? 31  LEU A O   1 
ATOM   123  C  CB  . LEU A 1 31  ? 6.996   17.399  -10.155 1.00 58.39 ? 31  LEU A CB  1 
ATOM   124  C  CG  . LEU A 1 31  ? 8.306   17.931  -9.632  1.00 62.28 ? 31  LEU A CG  1 
ATOM   125  C  CD1 . LEU A 1 31  ? 9.093   18.638  -10.745 1.00 66.33 ? 31  LEU A CD1 1 
ATOM   126  C  CD2 . LEU A 1 31  ? 7.927   18.878  -8.517  1.00 66.26 ? 31  LEU A CD2 1 
HETATM 127  N  N   . MSE A 1 32  ? 6.965   14.216  -10.631 1.00 60.64 ? 32  MSE A N   1 
HETATM 128  C  CA  . MSE A 1 32  ? 7.499   12.880  -10.367 1.00 62.41 ? 32  MSE A CA  1 
HETATM 129  C  C   . MSE A 1 32  ? 7.956   12.141  -11.637 1.00 61.93 ? 32  MSE A C   1 
HETATM 130  O  O   . MSE A 1 32  ? 9.039   11.591  -11.674 1.00 62.51 ? 32  MSE A O   1 
HETATM 131  C  CB  . MSE A 1 32  ? 6.476   12.025  -9.625  1.00 61.02 ? 32  MSE A CB  1 
HETATM 132  C  CG  . MSE A 1 32  ? 6.761   10.499  -9.759  1.00 61.35 ? 32  MSE A CG  1 
HETATM 133  SE SE  . MSE A 1 32  ? 5.358   9.511   -8.950  0.80 67.92 ? 32  MSE A SE  1 
HETATM 134  C  CE  . MSE A 1 32  ? 4.639   8.955   -10.715 1.00 58.65 ? 32  MSE A CE  1 
ATOM   135  N  N   . ARG A 1 33  ? 7.090   12.081  -12.635 1.00 62.83 ? 33  ARG A N   1 
ATOM   136  C  CA  . ARG A 1 33  ? 7.389   11.495  -13.936 1.00 65.08 ? 33  ARG A CA  1 
ATOM   137  C  C   . ARG A 1 33  ? 8.606   12.117  -14.667 1.00 65.71 ? 33  ARG A C   1 
ATOM   138  O  O   . ARG A 1 33  ? 9.313   11.431  -15.398 1.00 66.41 ? 33  ARG A O   1 
ATOM   139  C  CB  . ARG A 1 33  ? 6.164   11.686  -14.829 1.00 64.67 ? 33  ARG A CB  1 
ATOM   140  C  CG  . ARG A 1 33  ? 4.894   11.272  -14.189 1.00 65.40 ? 33  ARG A CG  1 
ATOM   141  C  CD  . ARG A 1 33  ? 4.454   10.027  -14.816 1.00 67.97 ? 33  ARG A CD  1 
ATOM   142  N  NE  . ARG A 1 33  ? 3.075   9.683   -14.507 1.00 69.12 ? 33  ARG A NE  1 
ATOM   143  C  CZ  . ARG A 1 33  ? 2.696   8.516   -13.986 1.00 74.15 ? 33  ARG A CZ  1 
ATOM   144  N  NH1 . ARG A 1 33  ? 3.623   7.564   -13.671 1.00 74.39 ? 33  ARG A NH1 1 
ATOM   145  N  NH2 . ARG A 1 33  ? 1.386   8.294   -13.779 1.00 73.33 ? 33  ARG A NH2 1 
ATOM   146  N  N   . ALA A 1 34  ? 8.807   13.416  -14.471 1.00 66.77 ? 34  ALA A N   1 
ATOM   147  C  CA  . ALA A 1 34  ? 9.825   14.159  -15.148 1.00 68.73 ? 34  ALA A CA  1 
ATOM   148  C  C   . ALA A 1 34  ? 11.135  14.105  -14.384 1.00 69.84 ? 34  ALA A C   1 
ATOM   149  O  O   . ALA A 1 34  ? 12.230  14.126  -14.964 1.00 71.57 ? 34  ALA A O   1 
ATOM   150  C  CB  . ALA A 1 34  ? 9.357   15.641  -15.316 1.00 68.32 ? 34  ALA A CB  1 
ATOM   151  N  N   . GLU A 1 35  ? 11.042  14.026  -13.077 1.00 71.01 ? 35  GLU A N   1 
ATOM   152  C  CA  . GLU A 1 35  ? 12.228  14.271  -12.252 1.00 72.51 ? 35  GLU A CA  1 
ATOM   153  C  C   . GLU A 1 35  ? 12.498  13.241  -11.137 1.00 72.45 ? 35  GLU A C   1 
ATOM   154  O  O   . GLU A 1 35  ? 13.544  13.316  -10.473 1.00 73.36 ? 35  GLU A O   1 
ATOM   155  C  CB  . GLU A 1 35  ? 12.181  15.707  -11.693 1.00 72.49 ? 35  GLU A CB  1 
ATOM   156  C  CG  . GLU A 1 35  ? 12.272  16.822  -12.774 1.00 74.36 ? 35  GLU A CG  1 
ATOM   157  C  CD  . GLU A 1 35  ? 12.732  18.131  -12.186 1.00 75.36 ? 35  GLU A CD  1 
ATOM   158  O  OE1 . GLU A 1 35  ? 13.906  18.195  -11.776 1.00 77.34 ? 35  GLU A OE1 1 
ATOM   159  O  OE2 . GLU A 1 35  ? 11.929  19.093  -12.102 1.00 74.74 ? 35  GLU A OE2 1 
ATOM   160  N  N   . GLY A 1 36  ? 11.559  12.309  -10.929 1.00 72.44 ? 36  GLY A N   1 
ATOM   161  C  CA  . GLY A 1 36  ? 11.706  11.248  -9.924  1.00 71.98 ? 36  GLY A CA  1 
ATOM   162  C  C   . GLY A 1 36  ? 10.649  11.041  -8.835  1.00 71.67 ? 36  GLY A C   1 
ATOM   163  O  O   . GLY A 1 36  ? 9.973   9.977   -8.796  1.00 72.82 ? 36  GLY A O   1 
ATOM   164  N  N   . LEU A 1 37  ? 10.554  12.005  -7.920  1.00 69.79 ? 37  LEU A N   1 
ATOM   165  C  CA  . LEU A 1 37  ? 9.734   11.897  -6.681  1.00 68.67 ? 37  LEU A CA  1 
ATOM   166  C  C   . LEU A 1 37  ? 10.479  12.390  -5.449  1.00 68.92 ? 37  LEU A C   1 
ATOM   167  O  O   . LEU A 1 37  ? 9.879   12.948  -4.514  1.00 68.27 ? 37  LEU A O   1 
ATOM   168  C  CB  . LEU A 1 37  ? 9.183   10.506  -6.414  1.00 68.56 ? 37  LEU A CB  1 
ATOM   169  C  CG  . LEU A 1 37  ? 8.282   10.361  -5.172  1.00 68.37 ? 37  LEU A CG  1 
ATOM   170  C  CD1 . LEU A 1 37  ? 7.044   11.312  -5.161  1.00 68.31 ? 37  LEU A CD1 1 
ATOM   171  C  CD2 . LEU A 1 37  ? 7.815   8.966   -5.078  1.00 67.41 ? 37  LEU A CD2 1 
ATOM   172  N  N   . GLU A 1 38  ? 11.797  12.152  -5.454  1.00 69.34 ? 38  GLU A N   1 
ATOM   173  C  CA  . GLU A 1 38  ? 12.746  12.772  -4.526  1.00 69.52 ? 38  GLU A CA  1 
ATOM   174  C  C   . GLU A 1 38  ? 12.688  14.296  -4.694  1.00 69.01 ? 38  GLU A C   1 
ATOM   175  O  O   . GLU A 1 38  ? 12.813  15.043  -3.717  1.00 68.19 ? 38  GLU A O   1 
ATOM   176  C  CB  . GLU A 1 38  ? 14.166  12.199  -4.744  1.00 70.46 ? 38  GLU A CB  1 
ATOM   177  C  CG  . GLU A 1 38  ? 14.659  12.080  -6.233  1.00 73.78 ? 38  GLU A CG  1 
ATOM   178  C  CD  . GLU A 1 38  ? 14.147  10.821  -6.997  1.00 79.35 ? 38  GLU A CD  1 
ATOM   179  O  OE1 . GLU A 1 38  ? 13.016  10.344  -6.743  1.00 81.35 ? 38  GLU A OE1 1 
ATOM   180  O  OE2 . GLU A 1 38  ? 14.868  10.300  -7.884  1.00 79.96 ? 38  GLU A OE2 1 
ATOM   181  N  N   . LYS A 1 39  ? 12.419  14.731  -5.931  1.00 68.36 ? 39  LYS A N   1 
ATOM   182  C  CA  . LYS A 1 39  ? 12.206  16.145  -6.308  1.00 68.24 ? 39  LYS A CA  1 
ATOM   183  C  C   . LYS A 1 39  ? 10.836  16.774  -5.907  1.00 67.74 ? 39  LYS A C   1 
ATOM   184  O  O   . LYS A 1 39  ? 10.695  17.997  -5.822  1.00 67.84 ? 39  LYS A O   1 
ATOM   185  C  CB  . LYS A 1 39  ? 12.397  16.284  -7.820  1.00 68.65 ? 39  LYS A CB  1 
ATOM   186  C  CG  . LYS A 1 39  ? 13.665  15.645  -8.391  1.00 70.29 ? 39  LYS A CG  1 
ATOM   187  C  CD  . LYS A 1 39  ? 14.902  16.303  -7.853  1.00 74.15 ? 39  LYS A CD  1 
ATOM   188  C  CE  . LYS A 1 39  ? 16.131  15.880  -8.645  1.00 77.07 ? 39  LYS A CE  1 
ATOM   189  N  NZ  . LYS A 1 39  ? 17.324  16.165  -7.812  1.00 77.67 ? 39  LYS A NZ  1 
ATOM   190  N  N   . VAL A 1 40  ? 9.832   15.940  -5.654  1.00 66.89 ? 40  VAL A N   1 
ATOM   191  C  CA  . VAL A 1 40  ? 8.511   16.409  -5.282  1.00 65.16 ? 40  VAL A CA  1 
ATOM   192  C  C   . VAL A 1 40  ? 8.478   16.835  -3.799  1.00 66.03 ? 40  VAL A C   1 
ATOM   193  O  O   . VAL A 1 40  ? 8.107   16.057  -2.882  1.00 65.90 ? 40  VAL A O   1 
ATOM   194  C  CB  . VAL A 1 40  ? 7.425   15.346  -5.616  1.00 65.31 ? 40  VAL A CB  1 
ATOM   195  C  CG1 . VAL A 1 40  ? 6.015   15.890  -5.317  1.00 61.57 ? 40  VAL A CG1 1 
ATOM   196  C  CG2 . VAL A 1 40  ? 7.565   14.861  -7.082  1.00 63.19 ? 40  VAL A CG2 1 
ATOM   197  N  N   . THR A 1 41  ? 8.865   18.080  -3.554  1.00 65.51 ? 41  THR A N   1 
ATOM   198  C  CA  . THR A 1 41  ? 8.809   18.619  -2.208  1.00 66.00 ? 41  THR A CA  1 
ATOM   199  C  C   . THR A 1 41  ? 7.808   19.747  -2.241  1.00 65.53 ? 41  THR A C   1 
ATOM   200  O  O   . THR A 1 41  ? 7.423   20.176  -3.320  1.00 64.62 ? 41  THR A O   1 
ATOM   201  C  CB  . THR A 1 41  ? 10.194  19.170  -1.791  1.00 66.29 ? 41  THR A CB  1 
ATOM   202  O  OG1 . THR A 1 41  ? 10.510  20.295  -2.618  1.00 69.57 ? 41  THR A OG1 1 
ATOM   203  C  CG2 . THR A 1 41  ? 11.294  18.126  -1.985  1.00 66.45 ? 41  THR A CG2 1 
HETATM 204  N  N   . MSE A 1 42  ? 7.399   20.240  -1.075  1.00 66.15 ? 42  MSE A N   1 
HETATM 205  C  CA  . MSE A 1 42  ? 6.445   21.337  -1.014  1.00 67.07 ? 42  MSE A CA  1 
HETATM 206  C  C   . MSE A 1 42  ? 7.058   22.628  -1.586  1.00 67.07 ? 42  MSE A C   1 
HETATM 207  O  O   . MSE A 1 42  ? 6.376   23.399  -2.264  1.00 66.02 ? 42  MSE A O   1 
HETATM 208  C  CB  . MSE A 1 42  ? 5.926   21.551  0.427   1.00 67.59 ? 42  MSE A CB  1 
HETATM 209  C  CG  . MSE A 1 42  ? 4.941   20.439  0.908   1.00 72.17 ? 42  MSE A CG  1 
HETATM 210  SE SE  . MSE A 1 42  ? 3.236   20.455  -0.097  0.80 78.35 ? 42  MSE A SE  1 
HETATM 211  C  CE  . MSE A 1 42  ? 2.342   21.725  0.873   1.00 79.13 ? 42  MSE A CE  1 
ATOM   212  N  N   . ARG A 1 43  ? 8.348   22.838  -1.302  1.00 67.17 ? 43  ARG A N   1 
ATOM   213  C  CA  . ARG A 1 43  ? 9.119   23.990  -1.796  1.00 67.35 ? 43  ARG A CA  1 
ATOM   214  C  C   . ARG A 1 43  ? 9.323   23.914  -3.330  1.00 65.49 ? 43  ARG A C   1 
ATOM   215  O  O   . ARG A 1 43  ? 9.037   24.860  -4.003  1.00 65.24 ? 43  ARG A O   1 
ATOM   216  C  CB  . ARG A 1 43  ? 10.444  24.115  -1.027  1.00 68.49 ? 43  ARG A CB  1 
ATOM   217  C  CG  . ARG A 1 43  ? 11.420  25.202  -1.547  1.00 73.63 ? 43  ARG A CG  1 
ATOM   218  C  CD  . ARG A 1 43  ? 12.886  24.634  -1.724  1.00 81.33 ? 43  ARG A CD  1 
ATOM   219  N  NE  . ARG A 1 43  ? 12.893  23.179  -1.980  1.00 85.51 ? 43  ARG A NE  1 
ATOM   220  C  CZ  . ARG A 1 43  ? 13.747  22.537  -2.781  1.00 86.67 ? 43  ARG A CZ  1 
ATOM   221  N  NH1 . ARG A 1 43  ? 14.690  23.215  -3.442  1.00 87.57 ? 43  ARG A NH1 1 
ATOM   222  N  NH2 . ARG A 1 43  ? 13.638  21.216  -2.938  1.00 84.06 ? 43  ARG A NH2 1 
ATOM   223  N  N   . ARG A 1 44  ? 9.769   22.784  -3.880  1.00 64.93 ? 44  ARG A N   1 
ATOM   224  C  CA  . ARG A 1 44  ? 9.809   22.624  -5.339  1.00 64.12 ? 44  ARG A CA  1 
ATOM   225  C  C   . ARG A 1 44  ? 8.431   22.757  -6.013  1.00 64.18 ? 44  ARG A C   1 
ATOM   226  O  O   . ARG A 1 44  ? 8.329   23.106  -7.180  1.00 64.65 ? 44  ARG A O   1 
ATOM   227  C  CB  . ARG A 1 44  ? 10.456  21.309  -5.747  1.00 64.33 ? 44  ARG A CB  1 
ATOM   228  C  CG  . ARG A 1 44  ? 10.504  21.079  -7.237  1.00 63.01 ? 44  ARG A CG  1 
ATOM   229  C  CD  . ARG A 1 44  ? 11.293  22.215  -7.958  1.00 64.82 ? 44  ARG A CD  1 
ATOM   230  N  NE  . ARG A 1 44  ? 10.931  22.203  -9.358  1.00 66.36 ? 44  ARG A NE  1 
ATOM   231  C  CZ  . ARG A 1 44  ? 11.470  21.387  -10.268 1.00 68.90 ? 44  ARG A CZ  1 
ATOM   232  N  NH1 . ARG A 1 44  ? 12.449  20.529  -9.934  1.00 68.39 ? 44  ARG A NH1 1 
ATOM   233  N  NH2 . ARG A 1 44  ? 11.027  21.440  -11.520 1.00 66.98 ? 44  ARG A NH2 1 
ATOM   234  N  N   . LEU A 1 45  ? 7.371   22.487  -5.276  1.00 63.23 ? 45  LEU A N   1 
ATOM   235  C  CA  . LEU A 1 45  ? 6.020   22.549  -5.851  1.00 62.94 ? 45  LEU A CA  1 
ATOM   236  C  C   . LEU A 1 45  ? 5.498   23.974  -5.823  1.00 62.25 ? 45  LEU A C   1 
ATOM   237  O  O   . LEU A 1 45  ? 4.894   24.407  -6.784  1.00 60.24 ? 45  LEU A O   1 
ATOM   238  C  CB  . LEU A 1 45  ? 5.074   21.606  -5.086  1.00 63.08 ? 45  LEU A CB  1 
ATOM   239  C  CG  . LEU A 1 45  ? 3.941   20.875  -5.777  1.00 63.35 ? 45  LEU A CG  1 
ATOM   240  C  CD1 . LEU A 1 45  ? 4.450   20.059  -6.953  1.00 63.17 ? 45  LEU A CD1 1 
ATOM   241  C  CD2 . LEU A 1 45  ? 3.338   19.989  -4.695  1.00 62.04 ? 45  LEU A CD2 1 
ATOM   242  N  N   . ALA A 1 46  ? 5.744   24.679  -4.711  1.00 63.90 ? 46  ALA A N   1 
ATOM   243  C  CA  . ALA A 1 46  ? 5.442   26.118  -4.553  1.00 65.91 ? 46  ALA A CA  1 
ATOM   244  C  C   . ALA A 1 46  ? 6.145   26.939  -5.647  1.00 67.02 ? 46  ALA A C   1 
ATOM   245  O  O   . ALA A 1 46  ? 5.555   27.830  -6.278  1.00 68.30 ? 46  ALA A O   1 
ATOM   246  C  CB  . ALA A 1 46  ? 5.862   26.579  -3.166  1.00 65.77 ? 46  ALA A CB  1 
ATOM   247  N  N   . GLN A 1 47  ? 7.392   26.588  -5.907  1.00 68.32 ? 47  GLN A N   1 
ATOM   248  C  CA  . GLN A 1 47  ? 8.160   27.215  -6.959  1.00 70.04 ? 47  GLN A CA  1 
ATOM   249  C  C   . GLN A 1 47  ? 7.511   26.903  -8.283  1.00 70.09 ? 47  GLN A C   1 
ATOM   250  O  O   . GLN A 1 47  ? 7.350   27.774  -9.112  1.00 70.34 ? 47  GLN A O   1 
ATOM   251  C  CB  . GLN A 1 47  ? 9.592   26.686  -6.948  1.00 70.78 ? 47  GLN A CB  1 
ATOM   252  C  CG  . GLN A 1 47  ? 10.549  27.348  -7.945  1.00 75.09 ? 47  GLN A CG  1 
ATOM   253  C  CD  . GLN A 1 47  ? 11.421  26.327  -8.685  1.00 79.74 ? 47  GLN A CD  1 
ATOM   254  O  OE1 . GLN A 1 47  ? 11.218  26.084  -9.889  1.00 81.63 ? 47  GLN A OE1 1 
ATOM   255  N  NE2 . GLN A 1 47  ? 12.381  25.702  -7.964  1.00 79.23 ? 47  GLN A NE2 1 
ATOM   256  N  N   . GLU A 1 48  ? 7.124   25.655  -8.493  1.00 70.45 ? 48  GLU A N   1 
ATOM   257  C  CA  . GLU A 1 48  ? 6.543   25.267  -9.765  1.00 70.91 ? 48  GLU A CA  1 
ATOM   258  C  C   . GLU A 1 48  ? 5.193   25.963  -10.020 1.00 71.03 ? 48  GLU A C   1 
ATOM   259  O  O   . GLU A 1 48  ? 4.798   26.191  -11.162 1.00 70.99 ? 48  GLU A O   1 
ATOM   260  C  CB  . GLU A 1 48  ? 6.410   23.750  -9.835  1.00 71.03 ? 48  GLU A CB  1 
ATOM   261  C  CG  . GLU A 1 48  ? 6.147   23.223  -11.220 1.00 73.72 ? 48  GLU A CG  1 
ATOM   262  C  CD  . GLU A 1 48  ? 7.355   23.327  -12.154 1.00 76.97 ? 48  GLU A CD  1 
ATOM   263  O  OE1 . GLU A 1 48  ? 8.462   23.729  -11.725 1.00 76.64 ? 48  GLU A OE1 1 
ATOM   264  O  OE2 . GLU A 1 48  ? 7.187   22.973  -13.341 1.00 79.63 ? 48  GLU A OE2 1 
ATOM   265  N  N   . LEU A 1 49  ? 4.492   26.330  -8.959  1.00 71.75 ? 49  LEU A N   1 
ATOM   266  C  CA  . LEU A 1 49  ? 3.204   26.984  -9.117  1.00 72.62 ? 49  LEU A CA  1 
ATOM   267  C  C   . LEU A 1 49  ? 3.260   28.522  -8.946  1.00 74.13 ? 49  LEU A C   1 
ATOM   268  O  O   . LEU A 1 49  ? 2.208   29.173  -8.849  1.00 74.06 ? 49  LEU A O   1 
ATOM   269  C  CB  . LEU A 1 49  ? 2.190   26.363  -8.154  1.00 71.45 ? 49  LEU A CB  1 
ATOM   270  C  CG  . LEU A 1 49  ? 1.951   24.867  -8.409  1.00 70.80 ? 49  LEU A CG  1 
ATOM   271  C  CD1 . LEU A 1 49  ? 1.239   24.188  -7.240  1.00 68.95 ? 49  LEU A CD1 1 
ATOM   272  C  CD2 . LEU A 1 49  ? 1.170   24.699  -9.668  1.00 68.98 ? 49  LEU A CD2 1 
ATOM   273  N  N   . ASP A 1 50  ? 4.476   29.086  -8.904  1.00 75.29 ? 50  ASP A N   1 
ATOM   274  C  CA  . ASP A 1 50  ? 4.690   30.534  -8.687  1.00 76.40 ? 50  ASP A CA  1 
ATOM   275  C  C   . ASP A 1 50  ? 3.935   31.049  -7.449  1.00 75.93 ? 50  ASP A C   1 
ATOM   276  O  O   . ASP A 1 50  ? 3.265   32.063  -7.515  1.00 76.48 ? 50  ASP A O   1 
ATOM   277  C  CB  . ASP A 1 50  ? 4.310   31.360  -9.931  1.00 76.99 ? 50  ASP A CB  1 
ATOM   278  C  CG  . ASP A 1 50  ? 4.977   30.836  -11.250 1.00 81.97 ? 50  ASP A CG  1 
ATOM   279  O  OD1 . ASP A 1 50  ? 4.314   30.925  -12.327 1.00 86.99 ? 50  ASP A OD1 1 
ATOM   280  O  OD2 . ASP A 1 50  ? 6.143   30.342  -11.234 1.00 84.46 ? 50  ASP A OD2 1 
ATOM   281  N  N   . THR A 1 51  ? 4.047   30.325  -6.336  1.00 75.50 ? 51  THR A N   1 
ATOM   282  C  CA  . THR A 1 51  ? 3.434   30.685  -5.048  1.00 74.54 ? 51  THR A CA  1 
ATOM   283  C  C   . THR A 1 51  ? 4.356   30.204  -3.878  1.00 73.92 ? 51  THR A C   1 
ATOM   284  O  O   . THR A 1 51  ? 5.450   29.655  -4.127  1.00 72.94 ? 51  THR A O   1 
ATOM   285  C  CB  . THR A 1 51  ? 2.002   30.095  -4.952  1.00 74.43 ? 51  THR A CB  1 
ATOM   286  O  OG1 . THR A 1 51  ? 1.357   30.549  -3.757  1.00 76.54 ? 51  THR A OG1 1 
ATOM   287  C  CG2 . THR A 1 51  ? 2.032   28.583  -4.952  1.00 73.74 ? 51  THR A CG2 1 
ATOM   288  N  N   . GLY A 1 52  ? 3.941   30.423  -2.627  1.00 73.20 ? 52  GLY A N   1 
ATOM   289  C  CA  . GLY A 1 52  ? 4.726   29.966  -1.470  1.00 73.29 ? 52  GLY A CA  1 
ATOM   290  C  C   . GLY A 1 52  ? 4.175   28.692  -0.822  1.00 73.57 ? 52  GLY A C   1 
ATOM   291  O  O   . GLY A 1 52  ? 2.973   28.392  -0.969  1.00 74.43 ? 52  GLY A O   1 
ATOM   292  N  N   . PRO A 1 53  ? 5.025   27.946  -0.073  1.00 72.93 ? 53  PRO A N   1 
ATOM   293  C  CA  . PRO A 1 53  ? 4.608   26.740  0.655   1.00 72.39 ? 53  PRO A CA  1 
ATOM   294  C  C   . PRO A 1 53  ? 3.340   26.882  1.536   1.00 72.13 ? 53  PRO A C   1 
ATOM   295  O  O   . PRO A 1 53  ? 2.532   25.938  1.595   1.00 71.75 ? 53  PRO A O   1 
ATOM   296  C  CB  . PRO A 1 53  ? 5.823   26.424  1.529   1.00 73.04 ? 53  PRO A CB  1 
ATOM   297  C  CG  . PRO A 1 53  ? 6.981   27.022  0.791   1.00 72.66 ? 53  PRO A CG  1 
ATOM   298  C  CD  . PRO A 1 53  ? 6.458   28.240  0.131   1.00 72.77 ? 53  PRO A CD  1 
ATOM   299  N  N   . ALA A 1 54  ? 3.170   28.028  2.209   1.00 70.88 ? 54  ALA A N   1 
ATOM   300  C  CA  . ALA A 1 54  ? 1.994   28.287  3.068   1.00 69.95 ? 54  ALA A CA  1 
ATOM   301  C  C   . ALA A 1 54  ? 0.661   28.134  2.330   1.00 69.14 ? 54  ALA A C   1 
ATOM   302  O  O   . ALA A 1 54  ? -0.345  27.688  2.897   1.00 69.15 ? 54  ALA A O   1 
ATOM   303  C  CB  . ALA A 1 54  ? 2.094   29.688  3.710   1.00 69.90 ? 54  ALA A CB  1 
ATOM   304  N  N   . SER A 1 55  ? 0.660   28.518  1.065   1.00 68.33 ? 55  SER A N   1 
ATOM   305  C  CA  . SER A 1 55  ? -0.512  28.374  0.211   1.00 68.73 ? 55  SER A CA  1 
ATOM   306  C  C   . SER A 1 55  ? -0.872  26.924  -0.063  1.00 67.63 ? 55  SER A C   1 
ATOM   307  O  O   . SER A 1 55  ? -2.033  26.572  -0.085  1.00 67.77 ? 55  SER A O   1 
ATOM   308  C  CB  . SER A 1 55  ? -0.265  29.068  -1.116  1.00 68.66 ? 55  SER A CB  1 
ATOM   309  O  OG  . SER A 1 55  ? 0.228   30.354  -0.876  1.00 70.95 ? 55  SER A OG  1 
ATOM   310  N  N   . LEU A 1 56  ? 0.138   26.095  -0.275  1.00 67.42 ? 56  LEU A N   1 
ATOM   311  C  CA  . LEU A 1 56  ? -0.067  24.694  -0.603  1.00 67.07 ? 56  LEU A CA  1 
ATOM   312  C  C   . LEU A 1 56  ? -0.528  23.903  0.596   1.00 67.42 ? 56  LEU A C   1 
ATOM   313  O  O   . LEU A 1 56  ? -1.188  22.895  0.433   1.00 67.22 ? 56  LEU A O   1 
ATOM   314  C  CB  . LEU A 1 56  ? 1.221   24.077  -1.128  1.00 66.17 ? 56  LEU A CB  1 
ATOM   315  C  CG  . LEU A 1 56  ? 1.954   24.713  -2.290  1.00 64.44 ? 56  LEU A CG  1 
ATOM   316  C  CD1 . LEU A 1 56  ? 3.086   23.813  -2.669  1.00 59.26 ? 56  LEU A CD1 1 
ATOM   317  C  CD2 . LEU A 1 56  ? 1.025   24.939  -3.439  1.00 64.26 ? 56  LEU A CD2 1 
ATOM   318  N  N   . TYR A 1 57  ? -0.181  24.367  1.795   1.00 68.37 ? 57  TYR A N   1 
ATOM   319  C  CA  . TYR A 1 57  ? -0.405  23.609  3.038   1.00 69.53 ? 57  TYR A CA  1 
ATOM   320  C  C   . TYR A 1 57  ? -1.846  23.549  3.452   1.00 69.43 ? 57  TYR A C   1 
ATOM   321  O  O   . TYR A 1 57  ? -2.222  22.713  4.260   1.00 70.53 ? 57  TYR A O   1 
ATOM   322  C  CB  . TYR A 1 57  ? 0.440   24.152  4.221   1.00 70.73 ? 57  TYR A CB  1 
ATOM   323  C  CG  . TYR A 1 57  ? 1.903   23.754  4.195   1.00 70.83 ? 57  TYR A CG  1 
ATOM   324  C  CD1 . TYR A 1 57  ? 2.911   24.699  4.415   1.00 74.20 ? 57  TYR A CD1 1 
ATOM   325  C  CD2 . TYR A 1 57  ? 2.274   22.452  3.937   1.00 70.92 ? 57  TYR A CD2 1 
ATOM   326  C  CE1 . TYR A 1 57  ? 4.268   24.341  4.369   1.00 75.54 ? 57  TYR A CE1 1 
ATOM   327  C  CE2 . TYR A 1 57  ? 3.602   22.071  3.897   1.00 74.06 ? 57  TYR A CE2 1 
ATOM   328  C  CZ  . TYR A 1 57  ? 4.607   23.011  4.115   1.00 75.08 ? 57  TYR A CZ  1 
ATOM   329  O  OH  . TYR A 1 57  ? 5.928   22.602  4.087   1.00 71.67 ? 57  TYR A OH  1 
ATOM   330  N  N   . VAL A 1 58  ? -2.654  24.435  2.913   1.00 69.29 ? 58  VAL A N   1 
ATOM   331  C  CA  . VAL A 1 58  ? -4.079  24.382  3.163   1.00 69.70 ? 58  VAL A CA  1 
ATOM   332  C  C   . VAL A 1 58  ? -4.728  23.204  2.412   1.00 69.42 ? 58  VAL A C   1 
ATOM   333  O  O   . VAL A 1 58  ? -5.734  22.656  2.863   1.00 69.90 ? 58  VAL A O   1 
ATOM   334  C  CB  . VAL A 1 58  ? -4.769  25.756  2.869   1.00 69.90 ? 58  VAL A CB  1 
ATOM   335  C  CG1 . VAL A 1 58  ? -3.820  26.705  2.207   1.00 70.16 ? 58  VAL A CG1 1 
ATOM   336  C  CG2 . VAL A 1 58  ? -6.054  25.601  2.050   1.00 69.34 ? 58  VAL A CG2 1 
ATOM   337  N  N   . TYR A 1 59  ? -4.133  22.820  1.283   1.00 68.98 ? 59  TYR A N   1 
ATOM   338  C  CA  . TYR A 1 59  ? -4.600  21.692  0.444   1.00 68.75 ? 59  TYR A CA  1 
ATOM   339  C  C   . TYR A 1 59  ? -3.935  20.381  0.856   1.00 68.56 ? 59  TYR A C   1 
ATOM   340  O  O   . TYR A 1 59  ? -4.619  19.403  1.130   1.00 69.25 ? 59  TYR A O   1 
ATOM   341  C  CB  . TYR A 1 59  ? -4.385  22.000  -1.039  1.00 68.16 ? 59  TYR A CB  1 
ATOM   342  C  CG  . TYR A 1 59  ? -5.099  23.261  -1.435  1.00 69.05 ? 59  TYR A CG  1 
ATOM   343  C  CD1 . TYR A 1 59  ? -4.397  24.440  -1.656  1.00 69.11 ? 59  TYR A CD1 1 
ATOM   344  C  CD2 . TYR A 1 59  ? -6.499  23.299  -1.541  1.00 72.04 ? 59  TYR A CD2 1 
ATOM   345  C  CE1 . TYR A 1 59  ? -5.043  25.614  -1.992  1.00 67.77 ? 59  TYR A CE1 1 
ATOM   346  C  CE2 . TYR A 1 59  ? -7.164  24.482  -1.889  1.00 71.18 ? 59  TYR A CE2 1 
ATOM   347  C  CZ  . TYR A 1 59  ? -6.426  25.635  -2.108  1.00 69.67 ? 59  TYR A CZ  1 
ATOM   348  O  OH  . TYR A 1 59  ? -7.054  26.833  -2.442  1.00 68.98 ? 59  TYR A OH  1 
ATOM   349  N  N   . VAL A 1 60  ? -2.609  20.374  0.935   1.00 68.16 ? 60  VAL A N   1 
ATOM   350  C  CA  . VAL A 1 60  ? -1.852  19.200  1.362   1.00 68.74 ? 60  VAL A CA  1 
ATOM   351  C  C   . VAL A 1 60  ? -0.976  19.566  2.572   1.00 68.95 ? 60  VAL A C   1 
ATOM   352  O  O   . VAL A 1 60  ? -0.096  20.430  2.476   1.00 69.50 ? 60  VAL A O   1 
ATOM   353  C  CB  . VAL A 1 60  ? -1.071  18.486  0.148   1.00 68.17 ? 60  VAL A CB  1 
ATOM   354  C  CG1 . VAL A 1 60  ? -0.737  19.448  -0.946  1.00 69.85 ? 60  VAL A CG1 1 
ATOM   355  C  CG2 . VAL A 1 60  ? 0.157   17.826  0.596   1.00 68.52 ? 60  VAL A CG2 1 
ATOM   356  N  N   . ALA A 1 61  ? -1.234  18.931  3.717   1.00 68.56 ? 61  ALA A N   1 
ATOM   357  C  CA  . ALA A 1 61  ? -0.658  19.406  4.975   1.00 67.77 ? 61  ALA A CA  1 
ATOM   358  C  C   . ALA A 1 61  ? 0.823   19.047  5.184   1.00 67.48 ? 61  ALA A C   1 
ATOM   359  O  O   . ALA A 1 61  ? 1.485   19.630  6.039   1.00 68.01 ? 61  ALA A O   1 
ATOM   360  C  CB  . ALA A 1 61  ? -1.550  18.975  6.181   1.00 67.77 ? 61  ALA A CB  1 
ATOM   361  N  N   . ASN A 1 62  ? 1.354   18.100  4.408   1.00 66.15 ? 62  ASN A N   1 
ATOM   362  C  CA  . ASN A 1 62  ? 2.736   17.689  4.570   1.00 64.67 ? 62  ASN A CA  1 
ATOM   363  C  C   . ASN A 1 62  ? 3.201   16.792  3.437   1.00 63.93 ? 62  ASN A C   1 
ATOM   364  O  O   . ASN A 1 62  ? 2.430   16.426  2.566   1.00 64.11 ? 62  ASN A O   1 
ATOM   365  C  CB  . ASN A 1 62  ? 2.948   16.996  5.953   1.00 65.28 ? 62  ASN A CB  1 
ATOM   366  C  CG  . ASN A 1 62  ? 1.948   15.849  6.227   1.00 64.42 ? 62  ASN A CG  1 
ATOM   367  O  OD1 . ASN A 1 62  ? 1.829   14.921  5.439   1.00 64.84 ? 62  ASN A OD1 1 
ATOM   368  N  ND2 . ASN A 1 62  ? 1.247   15.918  7.356   1.00 61.27 ? 62  ASN A ND2 1 
ATOM   369  N  N   . THR A 1 63  ? 4.460   16.407  3.475   1.00 62.55 ? 63  THR A N   1 
ATOM   370  C  CA  . THR A 1 63  ? 5.045   15.510  2.485   1.00 61.81 ? 63  THR A CA  1 
ATOM   371  C  C   . THR A 1 63  ? 4.209   14.220  2.277   1.00 60.99 ? 63  THR A C   1 
ATOM   372  O  O   . THR A 1 63  ? 3.895   13.835  1.125   1.00 61.89 ? 63  THR A O   1 
ATOM   373  C  CB  . THR A 1 63  ? 6.475   15.138  2.943   1.00 62.36 ? 63  THR A CB  1 
ATOM   374  O  OG1 . THR A 1 63  ? 7.091   16.295  3.539   1.00 63.93 ? 63  THR A OG1 1 
ATOM   375  C  CG2 . THR A 1 63  ? 7.350   14.562  1.809   1.00 60.22 ? 63  THR A CG2 1 
ATOM   376  N  N   . ALA A 1 64  ? 3.854   13.555  3.380   1.00 58.34 ? 64  ALA A N   1 
ATOM   377  C  CA  . ALA A 1 64  ? 3.132   12.272  3.320   1.00 56.01 ? 64  ALA A CA  1 
ATOM   378  C  C   . ALA A 1 64  ? 1.717   12.396  2.749   1.00 53.30 ? 64  ALA A C   1 
ATOM   379  O  O   . ALA A 1 64  ? 1.331   11.544  1.971   1.00 52.42 ? 64  ALA A O   1 
ATOM   380  C  CB  . ALA A 1 64  ? 3.150   11.528  4.699   1.00 56.20 ? 64  ALA A CB  1 
ATOM   381  N  N   . GLU A 1 65  ? 0.990   13.469  3.095   1.00 51.72 ? 65  GLU A N   1 
ATOM   382  C  CA  . GLU A 1 65  ? -0.293  13.813  2.477   1.00 51.76 ? 65  GLU A CA  1 
ATOM   383  C  C   . GLU A 1 65  ? -0.137  14.056  0.986   1.00 51.99 ? 65  GLU A C   1 
ATOM   384  O  O   . GLU A 1 65  ? -0.997  13.671  0.183   1.00 51.58 ? 65  GLU A O   1 
ATOM   385  C  CB  . GLU A 1 65  ? -0.986  15.000  3.151   1.00 50.84 ? 65  GLU A CB  1 
ATOM   386  C  CG  . GLU A 1 65  ? -1.566  14.702  4.595   1.00 54.75 ? 65  GLU A CG  1 
ATOM   387  C  CD  . GLU A 1 65  ? -2.634  13.576  4.655   1.00 59.08 ? 65  GLU A CD  1 
ATOM   388  O  OE1 . GLU A 1 65  ? -3.246  13.259  3.600   1.00 62.56 ? 65  GLU A OE1 1 
ATOM   389  O  OE2 . GLU A 1 65  ? -2.877  13.008  5.764   1.00 61.85 ? 65  GLU A OE2 1 
ATOM   390  N  N   . LEU A 1 66  ? 0.994   14.646  0.621   1.00 51.72 ? 66  LEU A N   1 
ATOM   391  C  CA  . LEU A 1 66  ? 1.326   14.935  -0.787  1.00 51.82 ? 66  LEU A CA  1 
ATOM   392  C  C   . LEU A 1 66  ? 1.667   13.618  -1.513  1.00 52.13 ? 66  LEU A C   1 
ATOM   393  O  O   . LEU A 1 66  ? 1.194   13.378  -2.643  1.00 49.84 ? 66  LEU A O   1 
ATOM   394  C  CB  . LEU A 1 66  ? 2.521   15.917  -0.869  1.00 51.13 ? 66  LEU A CB  1 
ATOM   395  C  CG  . LEU A 1 66  ? 3.139   16.200  -2.255  1.00 52.02 ? 66  LEU A CG  1 
ATOM   396  C  CD1 . LEU A 1 66  ? 2.093   17.008  -3.116  1.00 51.81 ? 66  LEU A CD1 1 
ATOM   397  C  CD2 . LEU A 1 66  ? 4.511   16.970  -2.147  1.00 51.60 ? 66  LEU A CD2 1 
ATOM   398  N  N   . HIS A 1 67  ? 2.507   12.769  -0.884  1.00 51.57 ? 67  HIS A N   1 
ATOM   399  C  CA  . HIS A 1 67  ? 2.773   11.437  -1.505  1.00 51.95 ? 67  HIS A CA  1 
ATOM   400  C  C   . HIS A 1 67  ? 1.488   10.640  -1.595  1.00 49.05 ? 67  HIS A C   1 
ATOM   401  O  O   . HIS A 1 67  ? 1.252   9.994   -2.598  1.00 49.41 ? 67  HIS A O   1 
ATOM   402  C  CB  . HIS A 1 67  ? 3.858   10.636  -0.789  1.00 53.21 ? 67  HIS A CB  1 
ATOM   403  C  CG  . HIS A 1 67  ? 5.227   11.234  -0.903  1.00 58.48 ? 67  HIS A CG  1 
ATOM   404  N  ND1 . HIS A 1 67  ? 6.310   10.746  -0.205  1.00 62.89 ? 67  HIS A ND1 1 
ATOM   405  C  CD2 . HIS A 1 67  ? 5.682   12.295  -1.610  1.00 59.84 ? 67  HIS A CD2 1 
ATOM   406  C  CE1 . HIS A 1 67  ? 7.378   11.477  -0.484  1.00 62.95 ? 67  HIS A CE1 1 
ATOM   407  N  NE2 . HIS A 1 67  ? 7.019   12.430  -1.324  1.00 61.08 ? 67  HIS A NE2 1 
ATOM   408  N  N   . ALA A 1 68  ? 0.651   10.720  -0.563  1.00 47.59 ? 68  ALA A N   1 
ATOM   409  C  CA  . ALA A 1 68  ? -0.642  9.996   -0.553  1.00 47.31 ? 68  ALA A CA  1 
ATOM   410  C  C   . ALA A 1 68  ? -1.564  10.416  -1.749  1.00 47.89 ? 68  ALA A C   1 
ATOM   411  O  O   . ALA A 1 68  ? -2.143  9.544   -2.437  1.00 49.64 ? 68  ALA A O   1 
ATOM   412  C  CB  . ALA A 1 68  ? -1.354  10.176  0.741   1.00 45.80 ? 68  ALA A CB  1 
ATOM   413  N  N   . ALA A 1 69  ? -1.729  11.723  -1.956  1.00 47.06 ? 69  ALA A N   1 
ATOM   414  C  CA  . ALA A 1 69  ? -2.420  12.304  -3.146  1.00 47.10 ? 69  ALA A CA  1 
ATOM   415  C  C   . ALA A 1 69  ? -1.818  11.817  -4.460  1.00 46.58 ? 69  ALA A C   1 
ATOM   416  O  O   . ALA A 1 69  ? -2.527  11.452  -5.371  1.00 46.92 ? 69  ALA A O   1 
ATOM   417  C  CB  . ALA A 1 69  ? -2.334  13.830  -3.068  1.00 46.94 ? 69  ALA A CB  1 
ATOM   418  N  N   . VAL A 1 70  ? -0.497  11.794  -4.565  1.00 46.92 ? 70  VAL A N   1 
ATOM   419  C  CA  . VAL A 1 70  ? 0.115   11.256  -5.774  1.00 47.59 ? 70  VAL A CA  1 
ATOM   420  C  C   . VAL A 1 70  ? -0.160  9.768   -5.901  1.00 48.68 ? 70  VAL A C   1 
ATOM   421  O  O   . VAL A 1 70  ? -0.322  9.228   -7.014  1.00 48.99 ? 70  VAL A O   1 
ATOM   422  C  CB  . VAL A 1 70  ? 1.638   11.488  -5.776  1.00 47.99 ? 70  VAL A CB  1 
ATOM   423  C  CG1 . VAL A 1 70  ? 2.292   10.776  -6.927  1.00 46.73 ? 70  VAL A CG1 1 
ATOM   424  C  CG2 . VAL A 1 70  ? 1.945   13.053  -5.812  1.00 49.03 ? 70  VAL A CG2 1 
ATOM   425  N  N   . LEU A 1 71  ? -0.128  9.055   -4.766  1.00 49.49 ? 71  LEU A N   1 
ATOM   426  C  CA  . LEU A 1 71  ? -0.460  7.611   -4.838  1.00 49.18 ? 71  LEU A CA  1 
ATOM   427  C  C   . LEU A 1 71  ? -1.877  7.470   -5.245  1.00 48.73 ? 71  LEU A C   1 
ATOM   428  O  O   . LEU A 1 71  ? -2.187  6.629   -6.114  1.00 49.92 ? 71  LEU A O   1 
ATOM   429  C  CB  . LEU A 1 71  ? -0.194  6.862   -3.506  1.00 49.06 ? 71  LEU A CB  1 
ATOM   430  C  CG  . LEU A 1 71  ? -0.520  5.365   -3.521  1.00 48.74 ? 71  LEU A CG  1 
ATOM   431  C  CD1 . LEU A 1 71  ? 0.263   4.681   -4.617  1.00 43.95 ? 71  LEU A CD1 1 
ATOM   432  C  CD2 . LEU A 1 71  ? -0.204  4.780   -2.125  1.00 47.45 ? 71  LEU A CD2 1 
ATOM   433  N  N   . ASP A 1 72  ? -2.764  8.259   -4.646  1.00 49.61 ? 72  ASP A N   1 
ATOM   434  C  CA  . ASP A 1 72  ? -4.167  8.186   -5.068  1.00 52.33 ? 72  ASP A CA  1 
ATOM   435  C  C   . ASP A 1 72  ? -4.370  8.327   -6.580  1.00 52.43 ? 72  ASP A C   1 
ATOM   436  O  O   . ASP A 1 72  ? -4.992  7.479   -7.228  1.00 53.84 ? 72  ASP A O   1 
ATOM   437  C  CB  . ASP A 1 72  ? -5.051  9.143   -4.299  1.00 53.10 ? 72  ASP A CB  1 
ATOM   438  C  CG  . ASP A 1 72  ? -6.535  8.815   -4.472  1.00 59.14 ? 72  ASP A CG  1 
ATOM   439  O  OD1 . ASP A 1 72  ? -7.034  9.030   -5.585  1.00 65.87 ? 72  ASP A OD1 1 
ATOM   440  O  OD2 . ASP A 1 72  ? -7.229  8.384   -3.518  1.00 58.13 ? 72  ASP A OD2 1 
ATOM   441  N  N   . ALA A 1 73  ? -3.766  9.350   -7.160  1.00 53.53 ? 73  ALA A N   1 
ATOM   442  C  CA  . ALA A 1 73  ? -3.785  9.548   -8.596  1.00 54.09 ? 73  ALA A CA  1 
ATOM   443  C  C   . ALA A 1 73  ? -3.416  8.255   -9.329  1.00 54.78 ? 73  ALA A C   1 
ATOM   444  O  O   . ALA A 1 73  ? -4.133  7.828   -10.240 1.00 54.83 ? 73  ALA A O   1 
ATOM   445  C  CB  . ALA A 1 73  ? -2.782  10.692  -8.980  1.00 53.84 ? 73  ALA A CB  1 
ATOM   446  N  N   . LEU A 1 74  ? -2.311  7.630   -8.921  1.00 55.35 ? 74  LEU A N   1 
ATOM   447  C  CA  . LEU A 1 74  ? -1.742  6.445   -9.626  1.00 55.88 ? 74  LEU A CA  1 
ATOM   448  C  C   . LEU A 1 74  ? -2.625  5.188   -9.515  1.00 55.81 ? 74  LEU A C   1 
ATOM   449  O  O   . LEU A 1 74  ? -2.517  4.244   -10.310 1.00 54.29 ? 74  LEU A O   1 
ATOM   450  C  CB  . LEU A 1 74  ? -0.318  6.152   -9.101  1.00 56.47 ? 74  LEU A CB  1 
ATOM   451  C  CG  . LEU A 1 74  ? 0.749   7.212   -9.433  1.00 59.15 ? 74  LEU A CG  1 
ATOM   452  C  CD1 . LEU A 1 74  ? 1.830   7.249   -8.405  1.00 59.23 ? 74  LEU A CD1 1 
ATOM   453  C  CD2 . LEU A 1 74  ? 1.393   6.942   -10.806 1.00 59.17 ? 74  LEU A CD2 1 
ATOM   454  N  N   . LEU A 1 75  ? -3.543  5.229   -8.555  1.00 56.74 ? 75  LEU A N   1 
ATOM   455  C  CA  . LEU A 1 75  ? -4.488  4.130   -8.280  1.00 57.73 ? 75  LEU A CA  1 
ATOM   456  C  C   . LEU A 1 75  ? -5.727  4.152   -9.173  1.00 59.56 ? 75  LEU A C   1 
ATOM   457  O  O   . LEU A 1 75  ? -6.592  3.283   -9.052  1.00 58.39 ? 75  LEU A O   1 
ATOM   458  C  CB  . LEU A 1 75  ? -4.936  4.166   -6.800  1.00 57.17 ? 75  LEU A CB  1 
ATOM   459  C  CG  . LEU A 1 75  ? -4.198  3.285   -5.781  1.00 57.25 ? 75  LEU A CG  1 
ATOM   460  C  CD1 . LEU A 1 75  ? -2.845  2.846   -6.269  1.00 53.28 ? 75  LEU A CD1 1 
ATOM   461  C  CD2 . LEU A 1 75  ? -4.111  3.944   -4.416  1.00 53.69 ? 75  LEU A CD2 1 
ATOM   462  N  N   . GLY A 1 76  ? -5.844  5.172   -10.038 1.00 61.54 ? 76  GLY A N   1 
ATOM   463  C  CA  . GLY A 1 76  ? -6.896  5.191   -11.045 1.00 63.82 ? 76  GLY A CA  1 
ATOM   464  C  C   . GLY A 1 76  ? -6.613  4.150   -12.122 1.00 65.61 ? 76  GLY A C   1 
ATOM   465  O  O   . GLY A 1 76  ? -7.518  3.761   -12.883 1.00 66.24 ? 76  GLY A O   1 
ATOM   466  N  N   . GLU A 1 77  ? -5.367  3.693   -12.198 1.00 67.55 ? 77  GLU A N   1 
ATOM   467  C  CA  . GLU A 1 77  ? -5.000  2.690   -13.197 1.00 70.82 ? 77  GLU A CA  1 
ATOM   468  C  C   . GLU A 1 77  ? -5.548  1.288   -12.825 1.00 72.44 ? 77  GLU A C   1 
ATOM   469  O  O   . GLU A 1 77  ? -6.088  0.583   -13.699 1.00 73.49 ? 77  GLU A O   1 
ATOM   470  C  CB  . GLU A 1 77  ? -3.483  2.687   -13.483 1.00 70.68 ? 77  GLU A CB  1 
ATOM   471  C  CG  . GLU A 1 77  ? -2.614  1.927   -12.446 1.00 71.14 ? 77  GLU A CG  1 
ATOM   472  C  CD  . GLU A 1 77  ? -1.096  2.208   -12.578 1.00 71.67 ? 77  GLU A CD  1 
ATOM   473  O  OE1 . GLU A 1 77  ? -0.607  3.238   -11.988 1.00 69.87 ? 77  GLU A OE1 1 
ATOM   474  O  OE2 . GLU A 1 77  ? -0.399  1.364   -13.229 1.00 67.55 ? 77  GLU A OE2 1 
ATOM   475  N  N   . VAL A 1 78  ? -5.442  0.906   -11.546 1.00 73.63 ? 78  VAL A N   1 
ATOM   476  C  CA  . VAL A 1 78  ? -5.967  -0.398  -11.059 1.00 74.34 ? 78  VAL A CA  1 
ATOM   477  C  C   . VAL A 1 78  ? -7.425  -0.771  -11.458 1.00 74.81 ? 78  VAL A C   1 
ATOM   478  O  O   . VAL A 1 78  ? -8.354  0.063   -11.432 1.00 74.24 ? 78  VAL A O   1 
ATOM   479  C  CB  . VAL A 1 78  ? -5.590  -0.739  -9.521  1.00 74.38 ? 78  VAL A CB  1 
ATOM   480  C  CG1 . VAL A 1 78  ? -5.079  0.457   -8.746  1.00 73.78 ? 78  VAL A CG1 1 
ATOM   481  C  CG2 . VAL A 1 78  ? -6.739  -1.443  -8.762  1.00 73.43 ? 78  VAL A CG2 1 
ATOM   482  N  N   . ASP A 1 79  ? -7.562  -2.048  -11.845 1.00 75.92 ? 79  ASP A N   1 
ATOM   483  C  CA  . ASP A 1 79  ? -8.800  -2.667  -12.358 1.00 76.89 ? 79  ASP A CA  1 
ATOM   484  C  C   . ASP A 1 79  ? -9.759  -3.093  -11.239 1.00 77.06 ? 79  ASP A C   1 
ATOM   485  O  O   . ASP A 1 79  ? -9.540  -4.110  -10.568 1.00 76.99 ? 79  ASP A O   1 
ATOM   486  C  CB  . ASP A 1 79  ? -8.477  -3.898  -13.236 1.00 77.25 ? 79  ASP A CB  1 
ATOM   487  C  CG  . ASP A 1 79  ? -6.955  -4.057  -13.561 1.00 78.88 ? 79  ASP A CG  1 
ATOM   488  O  OD1 . ASP A 1 79  ? -6.625  -4.970  -14.374 1.00 82.27 ? 79  ASP A OD1 1 
ATOM   489  O  OD2 . ASP A 1 79  ? -6.088  -3.309  -13.028 1.00 76.72 ? 79  ASP A OD2 1 
ATOM   490  N  N   . LEU A 1 80  ? -10.809 -2.302  -11.042 1.00 77.83 ? 80  LEU A N   1 
ATOM   491  C  CA  . LEU A 1 80  ? -11.860 -2.584  -10.070 1.00 78.95 ? 80  LEU A CA  1 
ATOM   492  C  C   . LEU A 1 80  ? -13.101 -3.206  -10.755 1.00 81.57 ? 80  LEU A C   1 
ATOM   493  O  O   . LEU A 1 80  ? -14.242 -3.133  -10.258 1.00 81.50 ? 80  LEU A O   1 
ATOM   494  C  CB  . LEU A 1 80  ? -12.229 -1.294  -9.336  1.00 78.05 ? 80  LEU A CB  1 
ATOM   495  C  CG  . LEU A 1 80  ? -11.101 -0.574  -8.585  1.00 75.07 ? 80  LEU A CG  1 
ATOM   496  C  CD1 . LEU A 1 80  ? -11.725 0.448   -7.723  1.00 71.40 ? 80  LEU A CD1 1 
ATOM   497  C  CD2 . LEU A 1 80  ? -10.276 -1.526  -7.744  1.00 71.24 ? 80  LEU A CD2 1 
ATOM   498  N  N   . THR A 1 81  ? -12.840 -3.819  -11.907 1.00 84.27 ? 81  THR A N   1 
ATOM   499  C  CA  . THR A 1 81  ? -13.830 -4.461  -12.767 1.00 86.79 ? 81  THR A CA  1 
ATOM   500  C  C   . THR A 1 81  ? -13.595 -5.973  -12.773 1.00 88.34 ? 81  THR A C   1 
ATOM   501  O  O   . THR A 1 81  ? -14.537 -6.755  -12.549 1.00 88.58 ? 81  THR A O   1 
ATOM   502  C  CB  . THR A 1 81  ? -13.674 -3.964  -14.245 1.00 86.98 ? 81  THR A CB  1 
ATOM   503  O  OG1 . THR A 1 81  ? -12.288 -4.043  -14.653 1.00 87.31 ? 81  THR A OG1 1 
ATOM   504  C  CG2 . THR A 1 81  ? -14.191 -2.531  -14.411 1.00 86.89 ? 81  THR A CG2 1 
ATOM   505  N  N   . GLY A 1 82  ? -12.329 -6.349  -13.033 1.00 90.03 ? 82  GLY A N   1 
ATOM   506  C  CA  . GLY A 1 82  ? -11.892 -7.726  -13.324 1.00 92.47 ? 82  GLY A CA  1 
ATOM   507  C  C   . GLY A 1 82  ? -10.693 -7.827  -14.287 1.00 94.13 ? 82  GLY A C   1 
ATOM   508  O  O   . GLY A 1 82  ? -10.259 -6.813  -14.885 1.00 94.56 ? 82  GLY A O   1 
ATOM   509  N  N   . ALA A 1 83  ? -10.174 -9.061  -14.431 1.00 95.33 ? 83  ALA A N   1 
ATOM   510  C  CA  . ALA A 1 83  ? -8.991  -9.412  -15.256 1.00 95.92 ? 83  ALA A CA  1 
ATOM   511  C  C   . ALA A 1 83  ? -9.356  -10.413 -16.350 1.00 96.56 ? 83  ALA A C   1 
ATOM   512  O  O   . ALA A 1 83  ? -8.695  -10.488 -17.395 1.00 97.09 ? 83  ALA A O   1 
ATOM   513  C  CB  . ALA A 1 83  ? -7.877  -10.007 -14.377 1.00 96.06 ? 83  ALA A CB  1 
ATOM   514  N  N   . GLU A 1 87  ? -17.265 -14.943 -12.373 1.00 82.49 ? 87  GLU A N   1 
ATOM   515  C  CA  . GLU A 1 87  ? -17.494 -14.359 -11.050 1.00 82.63 ? 87  GLU A CA  1 
ATOM   516  C  C   . GLU A 1 87  ? -17.433 -15.347 -9.850  1.00 81.35 ? 87  GLU A C   1 
ATOM   517  O  O   . GLU A 1 87  ? -18.370 -16.200 -9.655  1.00 82.11 ? 87  GLU A O   1 
ATOM   518  C  CB  . GLU A 1 87  ? -18.811 -13.547 -11.017 1.00 83.27 ? 87  GLU A CB  1 
ATOM   519  C  CG  . GLU A 1 87  ? -19.821 -13.985 -9.895  1.00 85.84 ? 87  GLU A CG  1 
ATOM   520  C  CD  . GLU A 1 87  ? -20.564 -12.817 -9.237  1.00 90.26 ? 87  GLU A CD  1 
ATOM   521  O  OE1 . GLU A 1 87  ? -21.007 -12.972 -8.060  1.00 89.72 ? 87  GLU A OE1 1 
ATOM   522  O  OE2 . GLU A 1 87  ? -20.699 -11.741 -9.889  1.00 92.67 ? 87  GLU A OE2 1 
ATOM   523  N  N   . ASP A 1 88  ? -16.298 -15.295 -9.125  1.00 77.90 ? 88  ASP A N   1 
ATOM   524  C  CA  . ASP A 1 88  ? -16.331 -15.271 -7.637  1.00 74.40 ? 88  ASP A CA  1 
ATOM   525  C  C   . ASP A 1 88  ? -15.119 -14.769 -6.807  1.00 71.12 ? 88  ASP A C   1 
ATOM   526  O  O   . ASP A 1 88  ? -13.977 -14.651 -7.279  1.00 69.43 ? 88  ASP A O   1 
ATOM   527  C  CB  . ASP A 1 88  ? -17.173 -16.360 -6.920  1.00 74.77 ? 88  ASP A CB  1 
ATOM   528  C  CG  . ASP A 1 88  ? -18.241 -15.728 -5.916  1.00 75.82 ? 88  ASP A CG  1 
ATOM   529  O  OD1 . ASP A 1 88  ? -18.837 -16.483 -5.124  1.00 78.89 ? 88  ASP A OD1 1 
ATOM   530  O  OD2 . ASP A 1 88  ? -18.504 -14.487 -5.908  1.00 73.37 ? 88  ASP A OD2 1 
ATOM   531  N  N   . TRP A 1 89  ? -15.470 -14.473 -5.559  1.00 67.31 ? 89  TRP A N   1 
ATOM   532  C  CA  . TRP A 1 89  ? -15.012 -13.297 -4.854  1.00 64.80 ? 89  TRP A CA  1 
ATOM   533  C  C   . TRP A 1 89  ? -13.539 -13.349 -4.466  1.00 63.08 ? 89  TRP A C   1 
ATOM   534  O  O   . TRP A 1 89  ? -12.828 -12.346 -4.564  1.00 63.05 ? 89  TRP A O   1 
ATOM   535  C  CB  . TRP A 1 89  ? -15.928 -13.073 -3.648  1.00 63.56 ? 89  TRP A CB  1 
ATOM   536  C  CG  . TRP A 1 89  ? -15.841 -14.190 -2.626  1.00 63.88 ? 89  TRP A CG  1 
ATOM   537  C  CD1 . TRP A 1 89  ? -16.687 -15.272 -2.498  1.00 63.61 ? 89  TRP A CD1 1 
ATOM   538  C  CD2 . TRP A 1 89  ? -14.854 -14.331 -1.596  1.00 61.53 ? 89  TRP A CD2 1 
ATOM   539  N  NE1 . TRP A 1 89  ? -16.293 -16.055 -1.432  1.00 63.64 ? 89  TRP A NE1 1 
ATOM   540  C  CE2 . TRP A 1 89  ? -15.157 -15.518 -0.882  1.00 62.80 ? 89  TRP A CE2 1 
ATOM   541  C  CE3 . TRP A 1 89  ? -13.739 -13.566 -1.201  1.00 58.40 ? 89  TRP A CE3 1 
ATOM   542  C  CZ2 . TRP A 1 89  ? -14.373 -15.966 0.192   1.00 62.63 ? 89  TRP A CZ2 1 
ATOM   543  C  CZ3 . TRP A 1 89  ? -12.967 -14.021 -0.158  1.00 61.36 ? 89  TRP A CZ3 1 
ATOM   544  C  CH2 . TRP A 1 89  ? -13.290 -15.205 0.538   1.00 62.45 ? 89  TRP A CH2 1 
ATOM   545  N  N   . ARG A 1 90  ? -13.071 -14.539 -4.088  1.00 61.56 ? 90  ARG A N   1 
ATOM   546  C  CA  . ARG A 1 90  ? -11.746 -14.713 -3.492  1.00 59.58 ? 90  ARG A CA  1 
ATOM   547  C  C   . ARG A 1 90  ? -10.677 -14.524 -4.536  1.00 59.25 ? 90  ARG A C   1 
ATOM   548  O  O   . ARG A 1 90  ? -9.663  -13.874 -4.297  1.00 57.56 ? 90  ARG A O   1 
ATOM   549  C  CB  . ARG A 1 90  ? -11.629 -16.096 -2.803  1.00 59.84 ? 90  ARG A CB  1 
ATOM   550  C  CG  . ARG A 1 90  ? -10.316 -16.299 -2.116  1.00 55.14 ? 90  ARG A CG  1 
ATOM   551  C  CD  . ARG A 1 90  ? -10.353 -17.428 -1.145  1.00 55.49 ? 90  ARG A CD  1 
ATOM   552  N  NE  . ARG A 1 90  ? -9.023  -17.700 -0.628  1.00 54.15 ? 90  ARG A NE  1 
ATOM   553  C  CZ  . ARG A 1 90  ? -8.776  -18.004 0.649   1.00 54.90 ? 90  ARG A CZ  1 
ATOM   554  N  NH1 . ARG A 1 90  ? -9.790  -18.079 1.516   1.00 53.40 ? 90  ARG A NH1 1 
ATOM   555  N  NH2 . ARG A 1 90  ? -7.518  -18.261 1.058   1.00 51.66 ? 90  ARG A NH2 1 
ATOM   556  N  N   . GLU A 1 91  ? -10.908 -15.104 -5.701  1.00 59.00 ? 91  GLU A N   1 
ATOM   557  C  CA  . GLU A 1 91  ? -9.981  -14.943 -6.823  1.00 59.84 ? 91  GLU A CA  1 
ATOM   558  C  C   . GLU A 1 91  ? -9.912  -13.483 -7.374  1.00 58.58 ? 91  GLU A C   1 
ATOM   559  O  O   . GLU A 1 91  ? -8.827  -12.990 -7.778  1.00 57.93 ? 91  GLU A O   1 
ATOM   560  C  CB  . GLU A 1 91  ? -10.401 -15.901 -7.936  1.00 60.54 ? 91  GLU A CB  1 
ATOM   561  C  CG  . GLU A 1 91  ? -9.694  -15.682 -9.285  1.00 62.64 ? 91  GLU A CG  1 
ATOM   562  C  CD  . GLU A 1 91  ? -10.511 -16.242 -10.466 1.00 65.58 ? 91  GLU A CD  1 
ATOM   563  O  OE1 . GLU A 1 91  ? -11.770 -16.104 -10.453 1.00 70.14 ? 91  GLU A OE1 1 
ATOM   564  O  OE2 . GLU A 1 91  ? -9.880  -16.820 -11.407 1.00 70.37 ? 91  GLU A OE2 1 
ATOM   565  N  N   . GLN A 1 92  ? -11.067 -12.823 -7.426  1.00 57.62 ? 92  GLN A N   1 
ATOM   566  C  CA  . GLN A 1 92  ? -11.153 -11.441 -7.881  1.00 58.38 ? 92  GLN A CA  1 
ATOM   567  C  C   . GLN A 1 92  ? -10.567 -10.491 -6.833  1.00 56.05 ? 92  GLN A C   1 
ATOM   568  O  O   . GLN A 1 92  ? -9.872  -9.572  -7.192  1.00 57.02 ? 92  GLN A O   1 
ATOM   569  C  CB  . GLN A 1 92  ? -12.607 -11.054 -8.090  1.00 59.19 ? 92  GLN A CB  1 
ATOM   570  C  CG  . GLN A 1 92  ? -13.292 -11.557 -9.400  1.00 63.18 ? 92  GLN A CG  1 
ATOM   571  C  CD  . GLN A 1 92  ? -14.784 -11.262 -9.371  1.00 62.59 ? 92  GLN A CD  1 
ATOM   572  O  OE1 . GLN A 1 92  ? -15.258 -10.283 -9.973  1.00 69.39 ? 92  GLN A OE1 1 
ATOM   573  N  NE2 . GLN A 1 92  ? -15.529 -12.079 -8.629  1.00 65.82 ? 92  GLN A NE2 1 
ATOM   574  N  N   . LEU A 1 93  ? -10.867 -10.706 -5.548  1.00 54.64 ? 93  LEU A N   1 
ATOM   575  C  CA  . LEU A 1 93  ? -10.100 -10.072 -4.422  1.00 53.27 ? 93  LEU A CA  1 
ATOM   576  C  C   . LEU A 1 93  ? -8.590  -10.182 -4.626  1.00 52.63 ? 93  LEU A C   1 
ATOM   577  O  O   . LEU A 1 93  ? -7.854  -9.203  -4.599  1.00 52.81 ? 93  LEU A O   1 
ATOM   578  C  CB  . LEU A 1 93  ? -10.473 -10.694 -3.065  1.00 51.73 ? 93  LEU A CB  1 
ATOM   579  C  CG  . LEU A 1 93  ? -10.759 -9.799  -1.841  1.00 50.73 ? 93  LEU A CG  1 
ATOM   580  C  CD1 . LEU A 1 93  ? -10.358 -10.525 -0.636  1.00 46.65 ? 93  LEU A CD1 1 
ATOM   581  C  CD2 . LEU A 1 93  ? -10.166 -8.395  -1.833  1.00 43.52 ? 93  LEU A CD2 1 
ATOM   582  N  N   . ARG A 1 94  ? -8.112  -11.390 -4.846  1.00 50.97 ? 94  ARG A N   1 
ATOM   583  C  CA  . ARG A 1 94  ? -6.696  -11.535 -5.040  1.00 50.90 ? 94  ARG A CA  1 
ATOM   584  C  C   . ARG A 1 94  ? -6.204  -10.672 -6.225  1.00 52.06 ? 94  ARG A C   1 
ATOM   585  O  O   . ARG A 1 94  ? -5.100  -10.061 -6.160  1.00 51.11 ? 94  ARG A O   1 
ATOM   586  C  CB  . ARG A 1 94  ? -6.330  -13.007 -5.260  1.00 49.79 ? 94  ARG A CB  1 
ATOM   587  C  CG  . ARG A 1 94  ? -4.804  -13.236 -5.215  1.00 49.43 ? 94  ARG A CG  1 
ATOM   588  C  CD  . ARG A 1 94  ? -4.339  -14.604 -5.769  1.00 51.55 ? 94  ARG A CD  1 
ATOM   589  N  NE  . ARG A 1 94  ? -4.768  -15.764 -4.945  1.00 52.69 ? 94  ARG A NE  1 
ATOM   590  C  CZ  . ARG A 1 94  ? -4.071  -16.333 -3.957  1.00 54.11 ? 94  ARG A CZ  1 
ATOM   591  N  NH1 . ARG A 1 94  ? -2.895  -15.840 -3.568  1.00 53.17 ? 94  ARG A NH1 1 
ATOM   592  N  NH2 . ARG A 1 94  ? -4.565  -17.397 -3.328  1.00 53.52 ? 94  ARG A NH2 1 
ATOM   593  N  N   . ALA A 1 95  ? -6.973  -10.665 -7.332  1.00 52.03 ? 95  ALA A N   1 
ATOM   594  C  CA  . ALA A 1 95  ? -6.595  -9.799  -8.489  1.00 52.83 ? 95  ALA A CA  1 
ATOM   595  C  C   . ALA A 1 95  ? -6.549  -8.297  -8.153  1.00 51.65 ? 95  ALA A C   1 
ATOM   596  O  O   . ALA A 1 95  ? -5.566  -7.616  -8.473  1.00 53.09 ? 95  ALA A O   1 
ATOM   597  C  CB  . ALA A 1 95  ? -7.476  -10.082 -9.745  1.00 53.51 ? 95  ALA A CB  1 
ATOM   598  N  N   . VAL A 1 96  ? -7.540  -7.750  -7.470  1.00 51.34 ? 96  VAL A N   1 
ATOM   599  C  CA  . VAL A 1 96  ? -7.377  -6.338  -7.152  1.00 51.79 ? 96  VAL A CA  1 
ATOM   600  C  C   . VAL A 1 96  ? -6.183  -6.041  -6.235  1.00 51.72 ? 96  VAL A C   1 
ATOM   601  O  O   . VAL A 1 96  ? -5.445  -5.092  -6.450  1.00 49.89 ? 96  VAL A O   1 
ATOM   602  C  CB  . VAL A 1 96  ? -8.713  -5.535  -6.872  1.00 53.38 ? 96  VAL A CB  1 
ATOM   603  C  CG1 . VAL A 1 96  ? -9.951  -6.369  -7.173  1.00 53.46 ? 96  VAL A CG1 1 
ATOM   604  C  CG2 . VAL A 1 96  ? -8.752  -4.809  -5.542  1.00 53.35 ? 96  VAL A CG2 1 
ATOM   605  N  N   . LEU A 1 97  ? -5.949  -6.927  -5.268  1.00 51.61 ? 97  LEU A N   1 
ATOM   606  C  CA  . LEU A 1 97  ? -4.890  -6.695  -4.289  1.00 51.52 ? 97  LEU A CA  1 
ATOM   607  C  C   . LEU A 1 97  ? -3.555  -6.806  -4.956  1.00 49.75 ? 97  LEU A C   1 
ATOM   608  O  O   . LEU A 1 97  ? -2.656  -6.095  -4.616  1.00 50.75 ? 97  LEU A O   1 
ATOM   609  C  CB  . LEU A 1 97  ? -5.043  -7.626  -3.045  1.00 51.62 ? 97  LEU A CB  1 
ATOM   610  C  CG  . LEU A 1 97  ? -6.143  -7.078  -2.130  1.00 53.43 ? 97  LEU A CG  1 
ATOM   611  C  CD1 . LEU A 1 97  ? -6.623  -8.146  -1.169  1.00 54.57 ? 97  LEU A CD1 1 
ATOM   612  C  CD2 . LEU A 1 97  ? -5.629  -5.826  -1.367  1.00 55.16 ? 97  LEU A CD2 1 
ATOM   613  N  N   . THR A 1 98  ? -3.453  -7.658  -5.950  1.00 49.75 ? 98  THR A N   1 
ATOM   614  C  CA  . THR A 1 98  ? -2.249  -7.754  -6.772  1.00 51.41 ? 98  THR A CA  1 
ATOM   615  C  C   . THR A 1 98  ? -1.963  -6.494  -7.587  1.00 52.62 ? 98  THR A C   1 
ATOM   616  O  O   . THR A 1 98  ? -0.819  -6.004  -7.605  1.00 55.56 ? 98  THR A O   1 
ATOM   617  C  CB  . THR A 1 98  ? -2.318  -9.029  -7.672  1.00 51.48 ? 98  THR A CB  1 
ATOM   618  O  OG1 . THR A 1 98  ? -2.422  -10.147 -6.809  1.00 49.70 ? 98  THR A OG1 1 
ATOM   619  C  CG2 . THR A 1 98  ? -1.095  -9.221  -8.542  1.00 51.19 ? 98  THR A CG2 1 
ATOM   620  N  N   . SER A 1 99  ? -2.969  -5.953  -8.261  1.00 53.31 ? 99  SER A N   1 
ATOM   621  C  CA  . SER A 1 99  ? -2.721  -4.756  -9.037  1.00 52.88 ? 99  SER A CA  1 
ATOM   622  C  C   . SER A 1 99  ? -2.470  -3.575  -8.149  1.00 52.20 ? 99  SER A C   1 
ATOM   623  O  O   . SER A 1 99  ? -1.596  -2.801  -8.478  1.00 53.64 ? 99  SER A O   1 
ATOM   624  C  CB  . SER A 1 99  ? -3.764  -4.507  -10.152 1.00 54.35 ? 99  SER A CB  1 
ATOM   625  O  OG  . SER A 1 99  ? -5.095  -4.567  -9.703  1.00 55.94 ? 99  SER A OG  1 
ATOM   626  N  N   . TYR A 1 100 ? -3.148  -3.445  -7.005  1.00 51.33 ? 100 TYR A N   1 
ATOM   627  C  CA  . TYR A 1 100 ? -2.714  -2.457  -6.010  1.00 51.05 ? 100 TYR A CA  1 
ATOM   628  C  C   . TYR A 1 100 ? -1.245  -2.623  -5.690  1.00 51.95 ? 100 TYR A C   1 
ATOM   629  O  O   . TYR A 1 100 ? -0.456  -1.671  -5.806  1.00 52.43 ? 100 TYR A O   1 
ATOM   630  C  CB  . TYR A 1 100 ? -3.550  -2.565  -4.760  1.00 51.63 ? 100 TYR A CB  1 
ATOM   631  C  CG  . TYR A 1 100 ? -3.096  -1.725  -3.587  1.00 52.39 ? 100 TYR A CG  1 
ATOM   632  C  CD1 . TYR A 1 100 ? -3.356  -0.352  -3.552  1.00 51.99 ? 100 TYR A CD1 1 
ATOM   633  C  CD2 . TYR A 1 100 ? -2.468  -2.312  -2.453  1.00 52.30 ? 100 TYR A CD2 1 
ATOM   634  C  CE1 . TYR A 1 100 ? -2.985  0.441   -2.467  1.00 49.18 ? 100 TYR A CE1 1 
ATOM   635  C  CE2 . TYR A 1 100 ? -2.118  -1.520  -1.343  1.00 49.07 ? 100 TYR A CE2 1 
ATOM   636  C  CZ  . TYR A 1 100 ? -2.372  -0.146  -1.366  1.00 51.54 ? 100 TYR A CZ  1 
ATOM   637  O  OH  . TYR A 1 100 ? -2.043  0.664   -0.311  1.00 51.76 ? 100 TYR A OH  1 
ATOM   638  N  N   . THR A 1 101 ? -0.840  -3.850  -5.351  1.00 52.92 ? 101 THR A N   1 
ATOM   639  C  CA  . THR A 1 101 ? 0.546   -4.160  -4.993  1.00 53.59 ? 101 THR A CA  1 
ATOM   640  C  C   . THR A 1 101 ? 1.554   -3.826  -6.112  1.00 53.58 ? 101 THR A C   1 
ATOM   641  O  O   . THR A 1 101 ? 2.626   -3.310  -5.842  1.00 52.81 ? 101 THR A O   1 
ATOM   642  C  CB  . THR A 1 101 ? 0.704   -5.660  -4.559  1.00 53.71 ? 101 THR A CB  1 
ATOM   643  O  OG1 . THR A 1 101 ? -0.132  -5.906  -3.427  1.00 53.39 ? 101 THR A OG1 1 
ATOM   644  C  CG2 . THR A 1 101 ? 2.124   -5.953  -4.138  1.00 56.20 ? 101 THR A CG2 1 
ATOM   645  N  N   . LEU A 1 102 ? 1.193   -4.142  -7.351  1.00 54.68 ? 102 LEU A N   1 
ATOM   646  C  CA  . LEU A 1 102 ? 2.044   -3.841  -8.499  1.00 54.79 ? 102 LEU A CA  1 
ATOM   647  C  C   . LEU A 1 102 ? 2.223   -2.332  -8.698  1.00 53.52 ? 102 LEU A C   1 
ATOM   648  O  O   . LEU A 1 102 ? 3.291   -1.909  -9.070  1.00 52.79 ? 102 LEU A O   1 
ATOM   649  C  CB  . LEU A 1 102 ? 1.457   -4.476  -9.769  1.00 56.19 ? 102 LEU A CB  1 
ATOM   650  C  CG  . LEU A 1 102 ? 1.688   -5.997  -9.822  1.00 58.89 ? 102 LEU A CG  1 
ATOM   651  C  CD1 . LEU A 1 102 ? 0.716   -6.641  -10.789 1.00 61.30 ? 102 LEU A CD1 1 
ATOM   652  C  CD2 . LEU A 1 102 ? 3.141   -6.381  -10.131 1.00 59.07 ? 102 LEU A CD2 1 
ATOM   653  N  N   . VAL A 1 103 ? 1.214   -1.518  -8.417  1.00 52.42 ? 103 VAL A N   1 
ATOM   654  C  CA  . VAL A 1 103 ? 1.515   -0.070  -8.410  1.00 53.69 ? 103 VAL A CA  1 
ATOM   655  C  C   . VAL A 1 103 ? 2.462   0.340   -7.294  1.00 52.63 ? 103 VAL A C   1 
ATOM   656  O  O   . VAL A 1 103 ? 3.373   1.088   -7.526  1.00 54.10 ? 103 VAL A O   1 
ATOM   657  C  CB  . VAL A 1 103 ? 0.306   0.930   -8.704  1.00 53.69 ? 103 VAL A CB  1 
ATOM   658  C  CG1 . VAL A 1 103 ? -1.058  0.274   -8.784  1.00 54.58 ? 103 VAL A CG1 1 
ATOM   659  C  CG2 . VAL A 1 103 ? 0.337   2.254   -7.891  1.00 54.62 ? 103 VAL A CG2 1 
ATOM   660  N  N   . LEU A 1 104 ? 2.312   -0.236  -6.116  1.00 51.39 ? 104 LEU A N   1 
ATOM   661  C  CA  . LEU A 1 104 ? 3.253   0.030   -5.016  1.00 51.16 ? 104 LEU A CA  1 
ATOM   662  C  C   . LEU A 1 104 ? 4.674   -0.428  -5.318  1.00 50.58 ? 104 LEU A C   1 
ATOM   663  O  O   . LEU A 1 104 ? 5.608   0.266   -4.983  1.00 50.09 ? 104 LEU A O   1 
ATOM   664  C  CB  . LEU A 1 104 ? 2.740   -0.600  -3.731  1.00 50.45 ? 104 LEU A CB  1 
ATOM   665  C  CG  . LEU A 1 104 ? 1.878   0.169   -2.704  1.00 52.86 ? 104 LEU A CG  1 
ATOM   666  C  CD1 . LEU A 1 104 ? 1.208   1.379   -3.226  1.00 52.74 ? 104 LEU A CD1 1 
ATOM   667  C  CD2 . LEU A 1 104 ? 0.905   -0.680  -1.977  1.00 51.43 ? 104 LEU A CD2 1 
ATOM   668  N  N   . PHE A 1 105 ? 4.842   -1.587  -5.943  1.00 51.87 ? 105 PHE A N   1 
ATOM   669  C  CA  . PHE A 1 105 ? 6.185   -2.103  -6.271  1.00 53.78 ? 105 PHE A CA  1 
ATOM   670  C  C   . PHE A 1 105 ? 6.884   -1.177  -7.267  1.00 54.55 ? 105 PHE A C   1 
ATOM   671  O  O   . PHE A 1 105 ? 8.094   -1.057  -7.234  1.00 55.87 ? 105 PHE A O   1 
ATOM   672  C  CB  . PHE A 1 105 ? 6.111   -3.514  -6.889  1.00 54.61 ? 105 PHE A CB  1 
ATOM   673  C  CG  . PHE A 1 105 ? 6.140   -4.680  -5.861  1.00 57.03 ? 105 PHE A CG  1 
ATOM   674  C  CD1 . PHE A 1 105 ? 5.346   -4.655  -4.711  1.00 56.87 ? 105 PHE A CD1 1 
ATOM   675  C  CD2 . PHE A 1 105 ? 6.947   -5.796  -6.083  1.00 55.92 ? 105 PHE A CD2 1 
ATOM   676  C  CE1 . PHE A 1 105 ? 5.355   -5.751  -3.750  1.00 57.47 ? 105 PHE A CE1 1 
ATOM   677  C  CE2 . PHE A 1 105 ? 6.943   -6.891  -5.162  1.00 59.22 ? 105 PHE A CE2 1 
ATOM   678  C  CZ  . PHE A 1 105 ? 6.144   -6.845  -3.981  1.00 55.96 ? 105 PHE A CZ  1 
ATOM   679  N  N   . ALA A 1 106 ? 6.122   -0.538  -8.157  1.00 55.35 ? 106 ALA A N   1 
ATOM   680  C  CA  . ALA A 1 106 ? 6.654   0.505   -9.066  1.00 55.94 ? 106 ALA A CA  1 
ATOM   681  C  C   . ALA A 1 106 ? 7.078   1.763   -8.302  1.00 55.85 ? 106 ALA A C   1 
ATOM   682  O  O   . ALA A 1 106 ? 7.984   2.457   -8.732  1.00 56.43 ? 106 ALA A O   1 
ATOM   683  C  CB  . ALA A 1 106 ? 5.632   0.843   -10.170 1.00 55.92 ? 106 ALA A CB  1 
ATOM   684  N  N   . HIS A 1 107 ? 6.444   2.048   -7.151  1.00 55.70 ? 107 HIS A N   1 
ATOM   685  C  CA  . HIS A 1 107 ? 6.738   3.264   -6.388  1.00 54.34 ? 107 HIS A CA  1 
ATOM   686  C  C   . HIS A 1 107 ? 6.950   3.047   -4.863  1.00 54.42 ? 107 HIS A C   1 
ATOM   687  O  O   . HIS A 1 107 ? 6.135   3.522   -4.027  1.00 53.95 ? 107 HIS A O   1 
ATOM   688  C  CB  . HIS A 1 107 ? 5.642   4.301   -6.626  1.00 55.91 ? 107 HIS A CB  1 
ATOM   689  C  CG  . HIS A 1 107 ? 5.400   4.593   -8.070  1.00 56.06 ? 107 HIS A CG  1 
ATOM   690  N  ND1 . HIS A 1 107 ? 6.131   5.527   -8.776  1.00 58.10 ? 107 HIS A ND1 1 
ATOM   691  C  CD2 . HIS A 1 107 ? 4.519   4.060   -8.950  1.00 57.87 ? 107 HIS A CD2 1 
ATOM   692  C  CE1 . HIS A 1 107 ? 5.710   5.560   -10.027 1.00 55.04 ? 107 HIS A CE1 1 
ATOM   693  N  NE2 . HIS A 1 107 ? 4.743   4.672   -10.162 1.00 56.04 ? 107 HIS A NE2 1 
ATOM   694  N  N   . PRO A 1 108 ? 8.052   2.331   -4.487  1.00 53.76 ? 108 PRO A N   1 
ATOM   695  C  CA  . PRO A 1 108 ? 8.176   1.881   -3.079  1.00 52.27 ? 108 PRO A CA  1 
ATOM   696  C  C   . PRO A 1 108 ? 8.150   2.955   -2.050  1.00 51.59 ? 108 PRO A C   1 
ATOM   697  O  O   . PRO A 1 108 ? 7.595   2.741   -0.970  1.00 51.00 ? 108 PRO A O   1 
ATOM   698  C  CB  . PRO A 1 108 ? 9.473   1.043   -3.083  1.00 52.63 ? 108 PRO A CB  1 
ATOM   699  C  CG  . PRO A 1 108 ? 9.461   0.437   -4.495  1.00 53.73 ? 108 PRO A CG  1 
ATOM   700  C  CD  . PRO A 1 108 ? 9.130   1.744   -5.313  1.00 52.86 ? 108 PRO A CD  1 
ATOM   701  N  N   . GLN A 1 109 ? 8.658   4.140   -2.389  1.00 51.14 ? 109 GLN A N   1 
ATOM   702  C  CA  . GLN A 1 109 ? 8.526   5.265   -1.482  1.00 50.59 ? 109 GLN A CA  1 
ATOM   703  C  C   . GLN A 1 109 ? 7.092   5.681   -1.257  1.00 50.16 ? 109 GLN A C   1 
ATOM   704  O  O   . GLN A 1 109 ? 6.773   6.145   -0.178  1.00 50.02 ? 109 GLN A O   1 
ATOM   705  C  CB  . GLN A 1 109 ? 9.353   6.465   -1.949  1.00 52.99 ? 109 GLN A CB  1 
ATOM   706  C  CG  . GLN A 1 109 ? 9.283   7.669   -1.011  1.00 53.45 ? 109 GLN A CG  1 
ATOM   707  C  CD  . GLN A 1 109 ? 9.655   7.343   0.429   1.00 60.17 ? 109 GLN A CD  1 
ATOM   708  O  OE1 . GLN A 1 109 ? 10.725  6.771   0.667   1.00 60.43 ? 109 GLN A OE1 1 
ATOM   709  N  NE2 . GLN A 1 109 ? 8.789   7.741   1.404   1.00 58.19 ? 109 GLN A NE2 1 
ATOM   710  N  N   . LEU A 1 110 ? 6.202   5.488   -2.252  1.00 49.33 ? 110 LEU A N   1 
ATOM   711  C  CA  . LEU A 1 110 ? 4.771   5.717   -1.981  1.00 49.01 ? 110 LEU A CA  1 
ATOM   712  C  C   . LEU A 1 110 ? 4.159   4.717   -1.003  1.00 47.44 ? 110 LEU A C   1 
ATOM   713  O  O   . LEU A 1 110 ? 3.349   5.105   -0.145  1.00 47.44 ? 110 LEU A O   1 
ATOM   714  C  CB  . LEU A 1 110 ? 3.943   5.782   -3.298  1.00 49.72 ? 110 LEU A CB  1 
ATOM   715  C  CG  . LEU A 1 110 ? 4.334   6.951   -4.265  1.00 49.36 ? 110 LEU A CG  1 
ATOM   716  C  CD1 . LEU A 1 110 ? 3.402   6.948   -5.488  1.00 45.93 ? 110 LEU A CD1 1 
ATOM   717  C  CD2 . LEU A 1 110 ? 4.334   8.312   -3.520  1.00 46.76 ? 110 LEU A CD2 1 
ATOM   718  N  N   . ALA A 1 111 ? 4.513   3.436   -1.140  1.00 47.19 ? 111 ALA A N   1 
ATOM   719  C  CA  . ALA A 1 111 ? 4.177   2.399   -0.084  1.00 46.72 ? 111 ALA A CA  1 
ATOM   720  C  C   . ALA A 1 111 ? 4.706   2.858   1.281   1.00 46.58 ? 111 ALA A C   1 
ATOM   721  O  O   . ALA A 1 111 ? 3.930   2.889   2.252   1.00 47.16 ? 111 ALA A O   1 
ATOM   722  C  CB  . ALA A 1 111 ? 4.734   0.994   -0.424  1.00 47.11 ? 111 ALA A CB  1 
ATOM   723  N  N   . ARG A 1 112 ? 5.987   3.303   1.343   1.00 45.40 ? 112 ARG A N   1 
ATOM   724  C  CA  . ARG A 1 112 ? 6.553   3.745   2.633   1.00 45.93 ? 112 ARG A CA  1 
ATOM   725  C  C   . ARG A 1 112 ? 5.772   4.880   3.229   1.00 45.71 ? 112 ARG A C   1 
ATOM   726  O  O   . ARG A 1 112 ? 5.472   4.902   4.446   1.00 46.90 ? 112 ARG A O   1 
ATOM   727  C  CB  . ARG A 1 112 ? 8.024   4.133   2.520   1.00 46.09 ? 112 ARG A CB  1 
ATOM   728  C  CG  . ARG A 1 112 ? 8.940   2.951   2.330   1.00 47.27 ? 112 ARG A CG  1 
ATOM   729  C  CD  . ARG A 1 112 ? 10.354  3.367   1.908   1.00 46.86 ? 112 ARG A CD  1 
ATOM   730  N  NE  . ARG A 1 112 ? 10.901  2.243   1.158   1.00 46.21 ? 112 ARG A NE  1 
ATOM   731  C  CZ  . ARG A 1 112 ? 12.117  2.179   0.639   1.00 51.32 ? 112 ARG A CZ  1 
ATOM   732  N  NH1 . ARG A 1 112 ? 12.985  3.160   0.826   1.00 58.11 ? 112 ARG A NH1 1 
ATOM   733  N  NH2 . ARG A 1 112 ? 12.498  1.105   -0.016  1.00 48.73 ? 112 ARG A NH2 1 
ATOM   734  N  N   . SER A 1 113 ? 5.398   5.843   2.392   1.00 44.99 ? 113 SER A N   1 
ATOM   735  C  CA  . SER A 1 113 ? 4.652   6.988   2.904   1.00 44.33 ? 113 SER A CA  1 
ATOM   736  C  C   . SER A 1 113 ? 3.218   6.640   3.204   1.00 42.32 ? 113 SER A C   1 
ATOM   737  O  O   . SER A 1 113 ? 2.616   7.210   4.122   1.00 41.76 ? 113 SER A O   1 
ATOM   738  C  CB  . SER A 1 113 ? 4.709   8.132   1.885   1.00 46.49 ? 113 SER A CB  1 
ATOM   739  O  OG  . SER A 1 113 ? 6.047   8.563   1.734   1.00 50.57 ? 113 SER A OG  1 
ATOM   740  N  N   . ALA A 1 114 ? 2.653   5.712   2.433   1.00 43.00 ? 114 ALA A N   1 
ATOM   741  C  CA  . ALA A 1 114 ? 1.247   5.238   2.686   1.00 44.13 ? 114 ALA A CA  1 
ATOM   742  C  C   . ALA A 1 114 ? 1.057   4.616   4.114   1.00 45.36 ? 114 ALA A C   1 
ATOM   743  O  O   . ALA A 1 114 ? -0.001  4.750   4.763   1.00 45.41 ? 114 ALA A O   1 
ATOM   744  C  CB  . ALA A 1 114 ? 0.789   4.264   1.566   1.00 43.26 ? 114 ALA A CB  1 
ATOM   745  N  N   . LEU A 1 115 ? 2.133   4.082   4.676   1.00 46.29 ? 115 LEU A N   1 
ATOM   746  C  CA  . LEU A 1 115 ? 2.056   3.680   6.106   1.00 47.71 ? 115 LEU A CA  1 
ATOM   747  C  C   . LEU A 1 115 ? 2.014   4.848   7.045   1.00 48.46 ? 115 LEU A C   1 
ATOM   748  O  O   . LEU A 1 115 ? 1.417   4.764   8.090   1.00 49.57 ? 115 LEU A O   1 
ATOM   749  C  CB  . LEU A 1 115 ? 3.167   2.686   6.506   1.00 47.28 ? 115 LEU A CB  1 
ATOM   750  C  CG  . LEU A 1 115 ? 3.189   1.411   5.664   1.00 49.18 ? 115 LEU A CG  1 
ATOM   751  C  CD1 . LEU A 1 115 ? 4.566   0.786   5.579   1.00 52.14 ? 115 LEU A CD1 1 
ATOM   752  C  CD2 . LEU A 1 115 ? 2.127   0.371   6.040   1.00 43.95 ? 115 LEU A CD2 1 
ATOM   753  N  N   . VAL A 1 116 ? 2.630   5.966   6.682   1.00 50.36 ? 116 VAL A N   1 
ATOM   754  C  CA  . VAL A 1 116 ? 2.528   7.170   7.495   1.00 50.54 ? 116 VAL A CA  1 
ATOM   755  C  C   . VAL A 1 116 ? 1.171   7.870   7.303   1.00 51.18 ? 116 VAL A C   1 
ATOM   756  O  O   . VAL A 1 116 ? 0.484   8.230   8.277   1.00 51.70 ? 116 VAL A O   1 
ATOM   757  C  CB  . VAL A 1 116 ? 3.668   8.143   7.151   1.00 52.25 ? 116 VAL A CB  1 
ATOM   758  C  CG1 . VAL A 1 116 ? 3.654   9.335   8.105   1.00 51.55 ? 116 VAL A CG1 1 
ATOM   759  C  CG2 . VAL A 1 116 ? 4.983   7.433   7.219   1.00 49.74 ? 116 VAL A CG2 1 
ATOM   760  N  N   . ALA A 1 117 ? 0.762   8.067   6.039   1.00 50.22 ? 117 ALA A N   1 
ATOM   761  C  CA  . ALA A 1 117 ? -0.600  8.623   5.773   1.00 48.35 ? 117 ALA A CA  1 
ATOM   762  C  C   . ALA A 1 117 ? -1.178  7.925   4.565   1.00 46.90 ? 117 ALA A C   1 
ATOM   763  O  O   . ALA A 1 117 ? -0.563  7.907   3.520   1.00 44.60 ? 117 ALA A O   1 
ATOM   764  C  CB  . ALA A 1 117 ? -0.580  10.146  5.597   1.00 47.72 ? 117 ALA A CB  1 
ATOM   765  N  N   . ARG A 1 118 ? -2.328  7.260   4.762   1.00 47.17 ? 118 ARG A N   1 
ATOM   766  C  CA  . ARG A 1 118 ? -2.976  6.552   3.687   1.00 47.11 ? 118 ARG A CA  1 
ATOM   767  C  C   . ARG A 1 118 ? -3.618  7.570   2.746   1.00 46.47 ? 118 ARG A C   1 
ATOM   768  O  O   . ARG A 1 118 ? -4.104  8.600   3.221   1.00 44.10 ? 118 ARG A O   1 
ATOM   769  C  CB  . ARG A 1 118 ? -4.092  5.639   4.225   1.00 47.22 ? 118 ARG A CB  1 
ATOM   770  C  CG  . ARG A 1 118 ? -3.593  4.325   4.803   1.00 49.27 ? 118 ARG A CG  1 
ATOM   771  C  CD  . ARG A 1 118 ? -4.736  3.475   5.207   1.00 51.63 ? 118 ARG A CD  1 
ATOM   772  N  NE  . ARG A 1 118 ? -5.392  4.017   6.361   1.00 63.73 ? 118 ARG A NE  1 
ATOM   773  C  CZ  . ARG A 1 118 ? -6.541  3.557   6.860   1.00 68.46 ? 118 ARG A CZ  1 
ATOM   774  N  NH1 . ARG A 1 118 ? -7.167  2.536   6.275   1.00 68.83 ? 118 ARG A NH1 1 
ATOM   775  N  NH2 . ARG A 1 118 ? -7.069  4.145   7.930   1.00 70.91 ? 118 ARG A NH2 1 
ATOM   776  N  N   . PRO A 1 119 ? -3.719  7.221   1.442   1.00 46.96 ? 119 PRO A N   1 
ATOM   777  C  CA  . PRO A 1 119 ? -4.526  7.998   0.524   1.00 47.78 ? 119 PRO A CA  1 
ATOM   778  C  C   . PRO A 1 119 ? -5.953  8.202   1.037   1.00 48.90 ? 119 PRO A C   1 
ATOM   779  O  O   . PRO A 1 119 ? -6.449  7.446   1.905   1.00 48.30 ? 119 PRO A O   1 
ATOM   780  C  CB  . PRO A 1 119 ? -4.522  7.150   -0.746  1.00 47.58 ? 119 PRO A CB  1 
ATOM   781  C  CG  . PRO A 1 119 ? -3.211  6.478   -0.701  1.00 48.70 ? 119 PRO A CG  1 
ATOM   782  C  CD  . PRO A 1 119 ? -3.103  6.076   0.756   1.00 47.89 ? 119 PRO A CD  1 
ATOM   783  N  N   . SER A 1 120 ? -6.599  9.244   0.506   1.00 48.68 ? 120 SER A N   1 
ATOM   784  C  CA  . SER A 1 120 ? -7.939  9.581   0.896   1.00 49.32 ? 120 SER A CA  1 
ATOM   785  C  C   . SER A 1 120 ? -8.726  10.123  -0.309  1.00 50.33 ? 120 SER A C   1 
ATOM   786  O  O   . SER A 1 120 ? -9.765  10.719  -0.137  1.00 52.55 ? 120 SER A O   1 
ATOM   787  C  CB  . SER A 1 120 ? -7.915  10.608  2.025   1.00 49.72 ? 120 SER A CB  1 
ATOM   788  O  OG  . SER A 1 120 ? -7.307  11.827  1.598   1.00 51.10 ? 120 SER A OG  1 
ATOM   789  N  N   . GLY A 1 121 ? -8.257  9.913   -1.528  1.00 50.61 ? 121 GLY A N   1 
ATOM   790  C  CA  . GLY A 1 121 ? -8.973  10.510  -2.637  1.00 51.81 ? 121 GLY A CA  1 
ATOM   791  C  C   . GLY A 1 121 ? -9.951  9.538   -3.224  1.00 52.47 ? 121 GLY A C   1 
ATOM   792  O  O   . GLY A 1 121 ? -10.171 8.449   -2.673  1.00 51.77 ? 121 GLY A O   1 
ATOM   793  N  N   A GLU A 1 122 ? -10.521 9.897   -4.377  0.50 51.79 ? 122 GLU A N   1 
ATOM   794  N  N   B GLU A 1 122 ? -10.540 9.899   -4.353  0.50 51.73 ? 122 GLU A N   1 
ATOM   795  C  CA  A GLU A 1 122 ? -11.585 9.072   -4.960  0.50 51.67 ? 122 GLU A CA  1 
ATOM   796  C  CA  B GLU A 1 122 ? -11.615 9.081   -4.887  0.50 51.45 ? 122 GLU A CA  1 
ATOM   797  C  C   A GLU A 1 122 ? -11.179 7.656   -5.353  0.50 50.60 ? 122 GLU A C   1 
ATOM   798  C  C   B GLU A 1 122 ? -11.201 7.667   -5.400  0.50 50.40 ? 122 GLU A C   1 
ATOM   799  O  O   A GLU A 1 122 ? -11.974 6.716   -5.213  0.50 49.82 ? 122 GLU A O   1 
ATOM   800  O  O   B GLU A 1 122 ? -11.993 6.716   -5.336  0.50 49.08 ? 122 GLU A O   1 
ATOM   801  C  CB  A GLU A 1 122 ? -12.292 9.753   -6.164  0.50 52.00 ? 122 GLU A CB  1 
ATOM   802  C  CB  B GLU A 1 122 ? -12.447 9.914   -5.902  0.50 52.08 ? 122 GLU A CB  1 
ATOM   803  C  CG  A GLU A 1 122 ? -13.679 9.094   -6.459  0.50 54.43 ? 122 GLU A CG  1 
ATOM   804  C  CG  B GLU A 1 122 ? -13.863 10.405  -5.381  0.50 53.44 ? 122 GLU A CG  1 
ATOM   805  C  CD  A GLU A 1 122 ? -14.460 8.683   -5.162  0.50 57.26 ? 122 GLU A CD  1 
ATOM   806  C  CD  B GLU A 1 122 ? -13.950 10.848  -3.898  0.50 56.06 ? 122 GLU A CD  1 
ATOM   807  O  OE1 A GLU A 1 122 ? -14.930 9.588   -4.419  0.50 59.09 ? 122 GLU A OE1 1 
ATOM   808  O  OE1 B GLU A 1 122 ? -13.206 11.778  -3.500  0.50 54.06 ? 122 GLU A OE1 1 
ATOM   809  O  OE2 A GLU A 1 122 ? -14.618 7.455   -4.894  0.50 56.01 ? 122 GLU A OE2 1 
ATOM   810  O  OE2 B GLU A 1 122 ? -14.814 10.280  -3.151  0.50 54.44 ? 122 GLU A OE2 1 
ATOM   811  N  N   . ASN A 1 123 ? -9.972  7.522   -5.876  1.00 49.69 ? 123 ASN A N   1 
ATOM   812  C  CA  . ASN A 1 123 ? -9.494  6.256   -6.366  1.00 50.98 ? 123 ASN A CA  1 
ATOM   813  C  C   . ASN A 1 123 ? -9.261  5.248   -5.212  1.00 51.57 ? 123 ASN A C   1 
ATOM   814  O  O   . ASN A 1 123 ? -9.454  4.036   -5.391  1.00 52.48 ? 123 ASN A O   1 
ATOM   815  C  CB  . ASN A 1 123 ? -8.223  6.461   -7.167  1.00 51.01 ? 123 ASN A CB  1 
ATOM   816  C  CG  . ASN A 1 123 ? -8.477  7.217   -8.509  1.00 56.09 ? 123 ASN A CG  1 
ATOM   817  O  OD1 . ASN A 1 123 ? -9.471  6.963   -9.183  1.00 60.02 ? 123 ASN A OD1 1 
ATOM   818  N  ND2 . ASN A 1 123 ? -7.542  8.079   -8.911  1.00 50.91 ? 123 ASN A ND2 1 
ATOM   819  N  N   . TYR A 1 124 ? -8.873  5.765   -4.042  1.00 50.84 ? 124 TYR A N   1 
ATOM   820  C  CA  . TYR A 1 124 ? -8.558  4.931   -2.892  1.00 50.14 ? 124 TYR A CA  1 
ATOM   821  C  C   . TYR A 1 124 ? -9.872  4.523   -2.280  1.00 50.05 ? 124 TYR A C   1 
ATOM   822  O  O   . TYR A 1 124 ? -10.065 3.344   -1.977  1.00 48.78 ? 124 TYR A O   1 
ATOM   823  C  CB  . TYR A 1 124 ? -7.667  5.635   -1.840  1.00 49.16 ? 124 TYR A CB  1 
ATOM   824  C  CG  . TYR A 1 124 ? -7.153  4.679   -0.733  1.00 47.26 ? 124 TYR A CG  1 
ATOM   825  C  CD1 . TYR A 1 124 ? -6.179  3.730   -1.012  1.00 48.60 ? 124 TYR A CD1 1 
ATOM   826  C  CD2 . TYR A 1 124 ? -7.637  4.739   0.554   1.00 47.49 ? 124 TYR A CD2 1 
ATOM   827  C  CE1 . TYR A 1 124 ? -5.683  2.840   -0.006  1.00 49.64 ? 124 TYR A CE1 1 
ATOM   828  C  CE2 . TYR A 1 124 ? -7.149  3.859   1.576   1.00 45.54 ? 124 TYR A CE2 1 
ATOM   829  C  CZ  . TYR A 1 124 ? -6.172  2.909   1.264   1.00 45.97 ? 124 TYR A CZ  1 
ATOM   830  O  OH  . TYR A 1 124 ? -5.642  2.014   2.231   1.00 51.67 ? 124 TYR A OH  1 
ATOM   831  N  N   . LEU A 1 125 ? -10.773 5.485   -2.095  1.00 49.27 ? 125 LEU A N   1 
ATOM   832  C  CA  . LEU A 1 125 ? -12.138 5.166   -1.676  1.00 50.54 ? 125 LEU A CA  1 
ATOM   833  C  C   . LEU A 1 125 ? -12.832 4.134   -2.605  1.00 50.31 ? 125 LEU A C   1 
ATOM   834  O  O   . LEU A 1 125 ? -13.614 3.317   -2.130  1.00 49.68 ? 125 LEU A O   1 
ATOM   835  C  CB  . LEU A 1 125 ? -12.976 6.461   -1.564  1.00 51.47 ? 125 LEU A CB  1 
ATOM   836  C  CG  . LEU A 1 125 ? -13.090 7.022   -0.140  1.00 54.02 ? 125 LEU A CG  1 
ATOM   837  C  CD1 . LEU A 1 125 ? -11.699 7.203   0.485   1.00 57.28 ? 125 LEU A CD1 1 
ATOM   838  C  CD2 . LEU A 1 125 ? -13.839 8.344   -0.217  1.00 56.69 ? 125 LEU A CD2 1 
ATOM   839  N  N   . ARG A 1 126 ? -12.533 4.172   -3.904  1.00 49.96 ? 126 ARG A N   1 
ATOM   840  C  CA  . ARG A 1 126 ? -13.031 3.166   -4.832  1.00 52.56 ? 126 ARG A CA  1 
ATOM   841  C  C   . ARG A 1 126 ? -12.377 1.787   -4.692  1.00 50.93 ? 126 ARG A C   1 
ATOM   842  O  O   . ARG A 1 126 ? -13.055 0.749   -4.811  1.00 47.83 ? 126 ARG A O   1 
ATOM   843  C  CB  . ARG A 1 126 ? -12.923 3.625   -6.303  1.00 52.07 ? 126 ARG A CB  1 
ATOM   844  C  CG  . ARG A 1 126 ? -14.105 4.587   -6.724  1.00 57.06 ? 126 ARG A CG  1 
ATOM   845  C  CD  . ARG A 1 126 ? -13.999 4.964   -8.221  1.00 57.72 ? 126 ARG A CD  1 
ATOM   846  N  NE  . ARG A 1 126 ? -12.626 4.830   -8.724  1.00 68.40 ? 126 ARG A NE  1 
ATOM   847  C  CZ  . ARG A 1 126 ? -12.216 3.954   -9.652  1.00 72.50 ? 126 ARG A CZ  1 
ATOM   848  N  NH1 . ARG A 1 126 ? -13.095 3.107   -10.210 1.00 73.17 ? 126 ARG A NH1 1 
ATOM   849  N  NH2 . ARG A 1 126 ? -10.914 3.925   -10.014 1.00 71.71 ? 126 ARG A NH2 1 
ATOM   850  N  N   . LEU A 1 127 ? -11.048 1.783   -4.539  1.00 50.77 ? 127 LEU A N   1 
ATOM   851  C  CA  . LEU A 1 127 ? -10.335 0.574   -4.117  1.00 49.42 ? 127 LEU A CA  1 
ATOM   852  C  C   . LEU A 1 127 ? -10.914 0.015   -2.858  1.00 48.22 ? 127 LEU A C   1 
ATOM   853  O  O   . LEU A 1 127 ? -11.238 -1.145  -2.839  1.00 49.78 ? 127 LEU A O   1 
ATOM   854  C  CB  . LEU A 1 127 ? -8.847  0.832   -3.908  1.00 50.76 ? 127 LEU A CB  1 
ATOM   855  C  CG  . LEU A 1 127 ? -8.012  -0.387  -3.458  1.00 49.67 ? 127 LEU A CG  1 
ATOM   856  C  CD1 . LEU A 1 127 ? -7.701  -1.297  -4.653  1.00 48.75 ? 127 LEU A CD1 1 
ATOM   857  C  CD2 . LEU A 1 127 ? -6.698  0.210   -2.913  1.00 46.83 ? 127 LEU A CD2 1 
ATOM   858  N  N   . VAL A 1 128 ? -11.055 0.798   -1.803  1.00 47.78 ? 128 VAL A N   1 
ATOM   859  C  CA  . VAL A 1 128 ? -11.597 0.233   -0.580  1.00 48.41 ? 128 VAL A CA  1 
ATOM   860  C  C   . VAL A 1 128 ? -13.019 -0.309  -0.713  1.00 49.15 ? 128 VAL A C   1 
ATOM   861  O  O   . VAL A 1 128 ? -13.293 -1.400  -0.214  1.00 48.55 ? 128 VAL A O   1 
ATOM   862  C  CB  . VAL A 1 128 ? -11.247 0.970   0.833   1.00 49.53 ? 128 VAL A CB  1 
ATOM   863  C  CG1 . VAL A 1 128 ? -10.145 2.052   0.778   1.00 48.50 ? 128 VAL A CG1 1 
ATOM   864  C  CG2 . VAL A 1 128 ? -12.435 1.172   1.843   1.00 47.04 ? 128 VAL A CG2 1 
ATOM   865  N  N   . GLU A 1 129 ? -13.892 0.431   -1.429  1.00 49.24 ? 129 GLU A N   1 
ATOM   866  C  CA  . GLU A 1 129 ? -15.296 0.020   -1.633  1.00 48.48 ? 129 GLU A CA  1 
ATOM   867  C  C   . GLU A 1 129 ? -15.315 -1.381  -2.275  1.00 46.89 ? 129 GLU A C   1 
ATOM   868  O  O   . GLU A 1 129 ? -16.017 -2.246  -1.855  1.00 48.38 ? 129 GLU A O   1 
ATOM   869  C  CB  . GLU A 1 129 ? -16.007 1.077   -2.550  1.00 49.54 ? 129 GLU A CB  1 
ATOM   870  C  CG  . GLU A 1 129 ? -17.332 0.614   -3.101  1.00 49.95 ? 129 GLU A CG  1 
ATOM   871  C  CD  . GLU A 1 129 ? -18.378 0.656   -2.047  1.00 55.31 ? 129 GLU A CD  1 
ATOM   872  O  OE1 . GLU A 1 129 ? -18.073 1.280   -1.002  1.00 53.23 ? 129 GLU A OE1 1 
ATOM   873  O  OE2 . GLU A 1 129 ? -19.495 0.049   -2.243  1.00 61.70 ? 129 GLU A OE2 1 
ATOM   874  N  N   . ARG A 1 130 ? -14.515 -1.571  -3.298  1.00 46.46 ? 130 ARG A N   1 
ATOM   875  C  CA  . ARG A 1 130 ? -14.440 -2.782  -4.030  1.00 47.39 ? 130 ARG A CA  1 
ATOM   876  C  C   . ARG A 1 130 ? -13.837 -3.963  -3.223  1.00 48.73 ? 130 ARG A C   1 
ATOM   877  O  O   . ARG A 1 130 ? -14.228 -5.112  -3.393  1.00 50.04 ? 130 ARG A O   1 
ATOM   878  C  CB  . ARG A 1 130 ? -13.532 -2.517  -5.226  1.00 46.71 ? 130 ARG A CB  1 
ATOM   879  C  CG  . ARG A 1 130 ? -13.314 -3.744  -6.157  1.00 47.19 ? 130 ARG A CG  1 
ATOM   880  C  CD  . ARG A 1 130 ? -14.693 -4.244  -6.756  1.00 48.26 ? 130 ARG A CD  1 
ATOM   881  N  NE  . ARG A 1 130 ? -14.457 -5.288  -7.757  1.00 52.67 ? 130 ARG A NE  1 
ATOM   882  C  CZ  . ARG A 1 130 ? -15.366 -6.196  -8.128  1.00 53.02 ? 130 ARG A CZ  1 
ATOM   883  N  NH1 . ARG A 1 130 ? -16.590 -6.217  -7.561  1.00 49.45 ? 130 ARG A NH1 1 
ATOM   884  N  NH2 . ARG A 1 130 ? -15.012 -7.101  -9.030  1.00 52.31 ? 130 ARG A NH2 1 
ATOM   885  N  N   . VAL A 1 131 ? -12.831 -3.697  -2.397  1.00 47.08 ? 131 VAL A N   1 
ATOM   886  C  CA  . VAL A 1 131 ? -12.170 -4.771  -1.653  1.00 47.07 ? 131 VAL A CA  1 
ATOM   887  C  C   . VAL A 1 131 ? -13.170 -5.209  -0.663  1.00 45.65 ? 131 VAL A C   1 
ATOM   888  O  O   . VAL A 1 131 ? -13.324 -6.390  -0.431  1.00 46.46 ? 131 VAL A O   1 
ATOM   889  C  CB  . VAL A 1 131 ? -10.907 -4.253  -0.951  1.00 46.07 ? 131 VAL A CB  1 
ATOM   890  C  CG1 . VAL A 1 131 ? -10.435 -5.277  0.114   1.00 51.37 ? 131 VAL A CG1 1 
ATOM   891  C  CG2 . VAL A 1 131 ? -9.866  -4.098  -1.944  1.00 48.48 ? 131 VAL A CG2 1 
ATOM   892  N  N   . LEU A 1 132 ? -13.904 -4.241  -0.107  1.00 45.92 ? 132 LEU A N   1 
ATOM   893  C  CA  . LEU A 1 132 ? -14.888 -4.540  0.900   1.00 47.24 ? 132 LEU A CA  1 
ATOM   894  C  C   . LEU A 1 132 ? -16.059 -5.400  0.333   1.00 49.60 ? 132 LEU A C   1 
ATOM   895  O  O   . LEU A 1 132 ? -16.536 -6.366  0.983   1.00 48.29 ? 132 LEU A O   1 
ATOM   896  C  CB  . LEU A 1 132 ? -15.460 -3.241  1.426   1.00 47.28 ? 132 LEU A CB  1 
ATOM   897  C  CG  . LEU A 1 132 ? -14.848 -2.446  2.553   1.00 46.62 ? 132 LEU A CG  1 
ATOM   898  C  CD1 . LEU A 1 132 ? -15.530 -1.056  2.675   1.00 47.92 ? 132 LEU A CD1 1 
ATOM   899  C  CD2 . LEU A 1 132 ? -15.041 -3.161  3.836   1.00 43.70 ? 132 LEU A CD2 1 
ATOM   900  N  N   . GLU A 1 133 ? -16.494 -5.026  -0.873  1.00 49.15 ? 133 GLU A N   1 
ATOM   901  C  CA  . GLU A 1 133 ? -17.576 -5.704  -1.596  1.00 52.40 ? 133 GLU A CA  1 
ATOM   902  C  C   . GLU A 1 133 ? -17.256 -7.182  -1.788  1.00 50.33 ? 133 GLU A C   1 
ATOM   903  O  O   . GLU A 1 133 ? -18.068 -8.052  -1.514  1.00 51.26 ? 133 GLU A O   1 
ATOM   904  C  CB  . GLU A 1 133 ? -17.667 -5.056  -2.994  1.00 50.57 ? 133 GLU A CB  1 
ATOM   905  C  CG  . GLU A 1 133 ? -18.990 -5.210  -3.721  1.00 56.91 ? 133 GLU A CG  1 
ATOM   906  C  CD  . GLU A 1 133 ? -18.860 -4.828  -5.213  1.00 58.73 ? 133 GLU A CD  1 
ATOM   907  O  OE1 . GLU A 1 133 ? -19.388 -5.608  -6.044  1.00 70.53 ? 133 GLU A OE1 1 
ATOM   908  O  OE2 . GLU A 1 133 ? -18.187 -3.806  -5.569  1.00 60.58 ? 133 GLU A OE2 1 
ATOM   909  N  N   . LEU A 1 134 ? -16.087 -7.426  -2.355  1.00 50.55 ? 134 LEU A N   1 
ATOM   910  C  CA  . LEU A 1 134 ? -15.590 -8.771  -2.613  1.00 50.09 ? 134 LEU A CA  1 
ATOM   911  C  C   . LEU A 1 134 ? -15.400 -9.556  -1.304  1.00 50.20 ? 134 LEU A C   1 
ATOM   912  O  O   . LEU A 1 134 ? -15.898 -10.677 -1.133  1.00 50.17 ? 134 LEU A O   1 
ATOM   913  C  CB  . LEU A 1 134 ? -14.276 -8.674  -3.374  1.00 48.56 ? 134 LEU A CB  1 
ATOM   914  C  CG  . LEU A 1 134 ? -14.383 -8.221  -4.825  1.00 48.91 ? 134 LEU A CG  1 
ATOM   915  C  CD1 . LEU A 1 134 ? -13.030 -8.167  -5.502  1.00 47.30 ? 134 LEU A CD1 1 
ATOM   916  C  CD2 . LEU A 1 134 ? -15.263 -9.188  -5.670  1.00 49.06 ? 134 LEU A CD2 1 
ATOM   917  N  N   . LEU A 1 135 ? -14.674 -8.974  -0.362  1.00 49.89 ? 135 LEU A N   1 
ATOM   918  C  CA  . LEU A 1 135 ? -14.435 -9.702  0.872   1.00 48.52 ? 135 LEU A CA  1 
ATOM   919  C  C   . LEU A 1 135 ? -15.728 -10.095 1.554   1.00 48.23 ? 135 LEU A C   1 
ATOM   920  O  O   . LEU A 1 135 ? -15.832 -11.143 2.190   1.00 48.39 ? 135 LEU A O   1 
ATOM   921  C  CB  . LEU A 1 135 ? -13.505 -8.906  1.838   1.00 48.21 ? 135 LEU A CB  1 
ATOM   922  C  CG  . LEU A 1 135 ? -13.019 -9.706  3.069   1.00 48.37 ? 135 LEU A CG  1 
ATOM   923  C  CD1 . LEU A 1 135 ? -12.296 -11.086 2.714   1.00 47.94 ? 135 LEU A CD1 1 
ATOM   924  C  CD2 . LEU A 1 135 ? -12.194 -8.836  4.007   1.00 45.53 ? 135 LEU A CD2 1 
ATOM   925  N  N   . ALA A 1 136 ? -16.710 -9.217  1.483   1.00 49.72 ? 136 ALA A N   1 
ATOM   926  C  CA  . ALA A 1 136 ? -18.017 -9.421  2.153   1.00 50.39 ? 136 ALA A CA  1 
ATOM   927  C  C   . ALA A 1 136 ? -18.793 -10.712 1.645   1.00 51.14 ? 136 ALA A C   1 
ATOM   928  O  O   . ALA A 1 136 ? -19.581 -11.294 2.404   1.00 51.18 ? 136 ALA A O   1 
ATOM   929  C  CB  . ALA A 1 136 ? -18.900 -8.155  1.970   1.00 50.94 ? 136 ALA A CB  1 
ATOM   930  N  N   A ARG A 1 137 ? -18.503 -11.119 0.408   0.50 50.70 ? 137 ARG A N   1 
ATOM   931  N  N   B ARG A 1 137 ? -18.481 -11.145 0.420   0.50 51.12 ? 137 ARG A N   1 
ATOM   932  C  CA  A ARG A 1 137 ? -19.159 -12.255 -0.268  0.50 50.98 ? 137 ARG A CA  1 
ATOM   933  C  CA  B ARG A 1 137 ? -19.125 -12.292 -0.265  0.50 51.64 ? 137 ARG A CA  1 
ATOM   934  C  C   A ARG A 1 137 ? -18.774 -13.556 0.424   0.50 51.35 ? 137 ARG A C   1 
ATOM   935  C  C   B ARG A 1 137 ? -18.499 -13.611 0.134   0.50 51.96 ? 137 ARG A C   1 
ATOM   936  O  O   A ARG A 1 137 ? -19.481 -14.566 0.313   0.50 50.06 ? 137 ARG A O   1 
ATOM   937  O  O   B ARG A 1 137 ? -18.744 -14.661 -0.486  0.50 50.88 ? 137 ARG A O   1 
ATOM   938  C  CB  A ARG A 1 137 ? -18.791 -12.264 -1.775  0.50 50.44 ? 137 ARG A CB  1 
ATOM   939  C  CB  B ARG A 1 137 ? -19.001 -12.121 -1.773  0.50 51.96 ? 137 ARG A CB  1 
ATOM   940  C  CG  A ARG A 1 137 ? -19.323 -10.986 -2.519  0.50 50.83 ? 137 ARG A CG  1 
ATOM   941  C  CG  B ARG A 1 137 ? -20.099 -11.231 -2.340  0.50 53.62 ? 137 ARG A CG  1 
ATOM   942  C  CD  A ARG A 1 137 ? -19.178 -10.880 -4.062  0.50 50.77 ? 137 ARG A CD  1 
ATOM   943  C  CD  B ARG A 1 137 ? -19.782 -10.714 -3.727  0.50 55.54 ? 137 ARG A CD  1 
ATOM   944  N  NE  A ARG A 1 137 ? -19.929 -9.699  -4.571  0.50 48.00 ? 137 ARG A NE  1 
ATOM   945  N  NE  B ARG A 1 137 ? -18.957 -11.618 -4.526  0.50 54.87 ? 137 ARG A NE  1 
ATOM   946  C  CZ  A ARG A 1 137 ? -19.704 -9.053  -5.721  0.50 46.67 ? 137 ARG A CZ  1 
ATOM   947  C  CZ  B ARG A 1 137 ? -18.535 -11.329 -5.758  0.50 55.17 ? 137 ARG A CZ  1 
ATOM   948  N  NH1 A ARG A 1 137 ? -20.441 -8.005  -6.042  0.50 46.09 ? 137 ARG A NH1 1 
ATOM   949  N  NH1 B ARG A 1 137 ? -17.777 -12.190 -6.440  0.50 52.62 ? 137 ARG A NH1 1 
ATOM   950  N  NH2 A ARG A 1 137 ? -18.733 -9.412  -6.553  0.50 46.49 ? 137 ARG A NH2 1 
ATOM   951  N  NH2 B ARG A 1 137 ? -18.872 -10.169 -6.311  0.50 55.51 ? 137 ARG A NH2 1 
ATOM   952  N  N   . SER A 1 138 ? -17.645 -13.517 1.159   1.00 51.06 ? 138 SER A N   1 
ATOM   953  C  CA  . SER A 1 138 ? -17.190 -14.656 1.942   1.00 50.48 ? 138 SER A CA  1 
ATOM   954  C  C   . SER A 1 138 ? -18.294 -15.081 2.925   1.00 49.98 ? 138 SER A C   1 
ATOM   955  O  O   . SER A 1 138 ? -18.248 -16.190 3.424   1.00 52.76 ? 138 SER A O   1 
ATOM   956  C  CB  . SER A 1 138 ? -15.938 -14.251 2.756   1.00 50.38 ? 138 SER A CB  1 
ATOM   957  O  OG  . SER A 1 138 ? -16.319 -13.414 3.873   1.00 48.24 ? 138 SER A OG  1 
ATOM   958  N  N   . GLY A 1 139 ? -19.244 -14.200 3.239   1.00 49.13 ? 139 GLY A N   1 
ATOM   959  C  CA  . GLY A 1 139 ? -20.230 -14.457 4.269   1.00 47.00 ? 139 GLY A CA  1 
ATOM   960  C  C   . GLY A 1 139 ? -19.793 -14.087 5.663   1.00 50.12 ? 139 GLY A C   1 
ATOM   961  O  O   . GLY A 1 139 ? -20.617 -14.005 6.572   1.00 49.32 ? 139 GLY A O   1 
ATOM   962  N  N   . ALA A 1 140 ? -18.491 -13.822 5.876   1.00 50.36 ? 140 ALA A N   1 
ATOM   963  C  CA  . ALA A 1 140 ? -17.979 -13.497 7.234   1.00 49.09 ? 140 ALA A CA  1 
ATOM   964  C  C   . ALA A 1 140 ? -18.705 -12.296 7.841   1.00 48.77 ? 140 ALA A C   1 
ATOM   965  O  O   . ALA A 1 140 ? -19.161 -11.453 7.130   1.00 50.77 ? 140 ALA A O   1 
ATOM   966  C  CB  . ALA A 1 140 ? -16.481 -13.226 7.164   1.00 48.03 ? 140 ALA A CB  1 
ATOM   967  N  N   . PRO A 1 141 ? -18.832 -12.228 9.161   1.00 48.54 ? 141 PRO A N   1 
ATOM   968  C  CA  . PRO A 1 141 ? -19.438 -11.078 9.764   1.00 48.41 ? 141 PRO A CA  1 
ATOM   969  C  C   . PRO A 1 141 ? -18.801 -9.740  9.392   1.00 50.33 ? 141 PRO A C   1 
ATOM   970  O  O   . PRO A 1 141 ? -17.638 -9.688  8.968   1.00 51.10 ? 141 PRO A O   1 
ATOM   971  C  CB  . PRO A 1 141 ? -19.336 -11.351 11.252  1.00 48.04 ? 141 PRO A CB  1 
ATOM   972  C  CG  . PRO A 1 141 ? -19.310 -12.876 11.371  1.00 48.37 ? 141 PRO A CG  1 
ATOM   973  C  CD  . PRO A 1 141 ? -18.510 -13.295 10.142  1.00 49.26 ? 141 PRO A CD  1 
ATOM   974  N  N   . GLY A 1 142 ? -19.580 -8.665  9.519   1.00 50.67 ? 142 GLY A N   1 
ATOM   975  C  CA  . GLY A 1 142 ? -19.190 -7.370  8.943   1.00 49.71 ? 142 GLY A CA  1 
ATOM   976  C  C   . GLY A 1 142 ? -17.970 -6.774  9.659   1.00 48.84 ? 142 GLY A C   1 
ATOM   977  O  O   . GLY A 1 142 ? -17.164 -6.082  9.022   1.00 48.82 ? 142 GLY A O   1 
ATOM   978  N  N   . ALA A 1 143 ? -17.826 -7.044  10.959  1.00 48.07 ? 143 ALA A N   1 
ATOM   979  C  CA  . ALA A 1 143 ? -16.680 -6.520  11.709  1.00 48.00 ? 143 ALA A CA  1 
ATOM   980  C  C   . ALA A 1 143 ? -15.374 -7.059  11.128  1.00 47.63 ? 143 ALA A C   1 
ATOM   981  O  O   . ALA A 1 143 ? -14.388 -6.327  10.974  1.00 47.57 ? 143 ALA A O   1 
ATOM   982  C  CB  . ALA A 1 143 ? -16.797 -6.838  13.169  1.00 48.64 ? 143 ALA A CB  1 
ATOM   983  N  N   . GLN A 1 144 ? -15.395 -8.330  10.724  1.00 47.84 ? 144 GLN A N   1 
ATOM   984  C  CA  . GLN A 1 144 ? -14.240 -9.023  10.177  1.00 46.24 ? 144 GLN A CA  1 
ATOM   985  C  C   . GLN A 1 144 ? -13.955 -8.563  8.783   1.00 46.48 ? 144 GLN A C   1 
ATOM   986  O  O   . GLN A 1 144 ? -12.770 -8.500  8.331   1.00 46.39 ? 144 GLN A O   1 
ATOM   987  C  CB  . GLN A 1 144 ? -14.465 -10.531 10.184  1.00 45.26 ? 144 GLN A CB  1 
ATOM   988  C  CG  . GLN A 1 144 ? -14.449 -11.064 11.604  1.00 45.86 ? 144 GLN A CG  1 
ATOM   989  C  CD  . GLN A 1 144 ? -15.134 -12.437 11.763  1.00 43.46 ? 144 GLN A CD  1 
ATOM   990  O  OE1 . GLN A 1 144 ? -15.950 -12.609 12.658  1.00 43.39 ? 144 GLN A OE1 1 
ATOM   991  N  NE2 . GLN A 1 144 ? -14.761 -13.395 10.939  1.00 39.10 ? 144 GLN A NE2 1 
ATOM   992  N  N   . VAL A 1 145 ? -15.012 -8.253  8.030   1.00 45.68 ? 145 VAL A N   1 
ATOM   993  C  CA  . VAL A 1 145 ? -14.700 -7.706  6.686   1.00 44.08 ? 145 VAL A CA  1 
ATOM   994  C  C   . VAL A 1 145 ? -14.148 -6.258  6.753   1.00 42.66 ? 145 VAL A C   1 
ATOM   995  O  O   . VAL A 1 145 ? -13.304 -5.925  5.989   1.00 41.78 ? 145 VAL A O   1 
ATOM   996  C  CB  . VAL A 1 145 ? -15.731 -8.056  5.536   1.00 45.84 ? 145 VAL A CB  1 
ATOM   997  C  CG1 . VAL A 1 145 ? -16.903 -8.981  5.964   1.00 43.88 ? 145 VAL A CG1 1 
ATOM   998  C  CG2 . VAL A 1 145 ? -16.012 -6.943  4.570   1.00 41.00 ? 145 VAL A CG2 1 
ATOM   999  N  N   . ALA A 1 146 ? -14.601 -5.487  7.724   1.00 40.69 ? 146 ALA A N   1 
ATOM   1000 C  CA  . ALA A 1 146 ? -14.216 -4.102  7.939   1.00 43.27 ? 146 ALA A CA  1 
ATOM   1001 C  C   . ALA A 1 146 ? -12.744 -3.991  8.413   1.00 43.76 ? 146 ALA A C   1 
ATOM   1002 O  O   . ALA A 1 146 ? -11.980 -3.265  7.797   1.00 44.75 ? 146 ALA A O   1 
ATOM   1003 C  CB  . ALA A 1 146 ? -15.195 -3.463  9.004   1.00 41.67 ? 146 ALA A CB  1 
ATOM   1004 N  N   . TRP A 1 147 ? -12.362 -4.733  9.482   1.00 42.36 ? 147 TRP A N   1 
ATOM   1005 C  CA  . TRP A 1 147 ? -10.975 -4.792  9.944   1.00 41.32 ? 147 TRP A CA  1 
ATOM   1006 C  C   . TRP A 1 147 ? -10.094 -5.576  8.981   1.00 42.59 ? 147 TRP A C   1 
ATOM   1007 O  O   . TRP A 1 147 ? -8.895  -5.285  8.823   1.00 41.22 ? 147 TRP A O   1 
ATOM   1008 C  CB  . TRP A 1 147 ? -10.917 -5.325  11.371  1.00 42.37 ? 147 TRP A CB  1 
ATOM   1009 C  CG  . TRP A 1 147 ? -11.486 -4.376  12.402  1.00 39.73 ? 147 TRP A CG  1 
ATOM   1010 C  CD1 . TRP A 1 147 ? -12.309 -3.339  12.179  1.00 43.46 ? 147 TRP A CD1 1 
ATOM   1011 C  CD2 . TRP A 1 147 ? -11.259 -4.413  13.827  1.00 41.59 ? 147 TRP A CD2 1 
ATOM   1012 N  NE1 . TRP A 1 147 ? -12.668 -2.717  13.406  1.00 42.40 ? 147 TRP A NE1 1 
ATOM   1013 C  CE2 . TRP A 1 147 ? -12.024 -3.381  14.414  1.00 42.10 ? 147 TRP A CE2 1 
ATOM   1014 C  CE3 . TRP A 1 147 ? -10.459 -5.208  14.656  1.00 41.16 ? 147 TRP A CE3 1 
ATOM   1015 C  CZ2 . TRP A 1 147 ? -12.010 -3.118  15.806  1.00 44.81 ? 147 TRP A CZ2 1 
ATOM   1016 C  CZ3 . TRP A 1 147 ? -10.468 -4.967  16.011  1.00 43.40 ? 147 TRP A CZ3 1 
ATOM   1017 C  CH2 . TRP A 1 147 ? -11.235 -3.940  16.575  1.00 44.33 ? 147 TRP A CH2 1 
ATOM   1018 N  N   . GLY A 1 148 ? -10.683 -6.510  8.238   1.00 41.65 ? 148 GLY A N   1 
ATOM   1019 C  CA  . GLY A 1 148 ? -9.915  -7.295  7.314   1.00 41.44 ? 148 GLY A CA  1 
ATOM   1020 C  C   . GLY A 1 148 ? -9.361  -6.556  6.119   1.00 42.64 ? 148 GLY A C   1 
ATOM   1021 O  O   . GLY A 1 148 ? -8.243  -6.784  5.674   1.00 43.51 ? 148 GLY A O   1 
ATOM   1022 N  N   . VAL A 1 149 ? -10.146 -5.703  5.501   1.00 43.59 ? 149 VAL A N   1 
ATOM   1023 C  CA  . VAL A 1 149 ? -9.635  -5.019  4.302   1.00 42.80 ? 149 VAL A CA  1 
ATOM   1024 C  C   . VAL A 1 149 ? -8.475  -4.048  4.687   1.00 41.48 ? 149 VAL A C   1 
ATOM   1025 O  O   . VAL A 1 149 ? -7.592  -3.916  3.916   1.00 41.04 ? 149 VAL A O   1 
ATOM   1026 C  CB  . VAL A 1 149 ? -10.780 -4.211  3.539   1.00 43.16 ? 149 VAL A CB  1 
ATOM   1027 C  CG1 . VAL A 1 149 ? -11.861 -5.213  2.937   1.00 45.03 ? 149 VAL A CG1 1 
ATOM   1028 C  CG2 . VAL A 1 149 ? -11.455 -3.315  4.500   1.00 44.35 ? 149 VAL A CG2 1 
ATOM   1029 N  N   . ASP A 1 150 ? -8.547  -3.356  5.827   1.00 41.95 ? 150 ASP A N   1 
ATOM   1030 C  CA  . ASP A 1 150 ? -7.395  -2.629  6.399   1.00 44.48 ? 150 ASP A CA  1 
ATOM   1031 C  C   . ASP A 1 150 ? -6.128  -3.501  6.472   1.00 43.08 ? 150 ASP A C   1 
ATOM   1032 O  O   . ASP A 1 150 ? -5.041  -3.129  5.972   1.00 42.73 ? 150 ASP A O   1 
ATOM   1033 C  CB  . ASP A 1 150 ? -7.791  -2.154  7.801   1.00 46.78 ? 150 ASP A CB  1 
ATOM   1034 C  CG  . ASP A 1 150 ? -8.416  -0.739  7.794   1.00 56.14 ? 150 ASP A CG  1 
ATOM   1035 O  OD1 . ASP A 1 150 ? -9.083  -0.373  6.778   1.00 60.74 ? 150 ASP A OD1 1 
ATOM   1036 O  OD2 . ASP A 1 150 ? -8.224  0.019   8.802   1.00 63.21 ? 150 ASP A OD2 1 
ATOM   1037 N  N   . LYS A 1 151 ? -6.271  -4.723  7.000   1.00 44.47 ? 151 LYS A N   1 
ATOM   1038 C  CA  . LYS A 1 151 ? -5.158  -5.672  7.099   1.00 43.52 ? 151 LYS A CA  1 
ATOM   1039 C  C   . LYS A 1 151 ? -4.662  -6.145  5.777   1.00 42.46 ? 151 LYS A C   1 
ATOM   1040 O  O   . LYS A 1 151 ? -3.461  -6.238  5.589   1.00 40.91 ? 151 LYS A O   1 
ATOM   1041 C  CB  . LYS A 1 151 ? -5.543  -6.901  7.971   1.00 45.84 ? 151 LYS A CB  1 
ATOM   1042 C  CG  . LYS A 1 151 ? -5.367  -6.563  9.455   1.00 50.59 ? 151 LYS A CG  1 
ATOM   1043 C  CD  . LYS A 1 151 ? -6.653  -6.320  10.252  1.00 57.75 ? 151 LYS A CD  1 
ATOM   1044 C  CE  . LYS A 1 151 ? -6.556  -5.150  11.410  1.00 56.60 ? 151 LYS A CE  1 
ATOM   1045 N  NZ  . LYS A 1 151 ? -7.450  -3.969  10.915  1.00 43.96 ? 151 LYS A NZ  1 
ATOM   1046 N  N   . LEU A 1 152 ? -5.563  -6.486  4.842   1.00 41.93 ? 152 LEU A N   1 
ATOM   1047 C  CA  . LEU A 1 152 ? -5.118  -6.846  3.456   1.00 41.60 ? 152 LEU A CA  1 
ATOM   1048 C  C   . LEU A 1 152 ? -4.388  -5.691  2.734   1.00 43.05 ? 152 LEU A C   1 
ATOM   1049 O  O   . LEU A 1 152 ? -3.421  -5.881  1.991   1.00 42.31 ? 152 LEU A O   1 
ATOM   1050 C  CB  . LEU A 1 152 ? -6.325  -7.284  2.637   1.00 42.04 ? 152 LEU A CB  1 
ATOM   1051 C  CG  . LEU A 1 152 ? -6.980  -8.628  2.926   1.00 43.45 ? 152 LEU A CG  1 
ATOM   1052 C  CD1 . LEU A 1 152 ? -8.393  -8.629  2.372   1.00 45.20 ? 152 LEU A CD1 1 
ATOM   1053 C  CD2 . LEU A 1 152 ? -6.035  -9.820  2.424   1.00 43.02 ? 152 LEU A CD2 1 
ATOM   1054 N  N   . LEU A 1 153 ? -4.829  -4.463  2.980   1.00 43.61 ? 153 LEU A N   1 
ATOM   1055 C  CA  . LEU A 1 153 ? -4.171  -3.316  2.338   1.00 44.29 ? 153 LEU A CA  1 
ATOM   1056 C  C   . LEU A 1 153 ? -2.816  -3.034  2.999   1.00 43.37 ? 153 LEU A C   1 
ATOM   1057 O  O   . LEU A 1 153 ? -1.804  -2.821  2.303   1.00 43.09 ? 153 LEU A O   1 
ATOM   1058 C  CB  . LEU A 1 153 ? -5.098  -2.059  2.369   1.00 43.26 ? 153 LEU A CB  1 
ATOM   1059 C  CG  . LEU A 1 153 ? -6.279  -2.105  1.347   1.00 44.89 ? 153 LEU A CG  1 
ATOM   1060 C  CD1 . LEU A 1 153 ? -7.308  -0.990  1.538   1.00 43.95 ? 153 LEU A CD1 1 
ATOM   1061 C  CD2 . LEU A 1 153 ? -5.753  -2.146  -0.045  1.00 41.44 ? 153 LEU A CD2 1 
ATOM   1062 N  N   . GLN A 1 154 ? -2.825  -2.985  4.332   1.00 42.70 ? 154 GLN A N   1 
ATOM   1063 C  CA  . GLN A 1 154 ? -1.588  -2.743  5.078   1.00 43.58 ? 154 GLN A CA  1 
ATOM   1064 C  C   . GLN A 1 154 ? -0.510  -3.772  4.756   1.00 45.09 ? 154 GLN A C   1 
ATOM   1065 O  O   . GLN A 1 154 ? 0.641   -3.457  4.704   1.00 46.36 ? 154 GLN A O   1 
ATOM   1066 C  CB  . GLN A 1 154 ? -1.826  -2.751  6.570   1.00 42.93 ? 154 GLN A CB  1 
ATOM   1067 C  CG  . GLN A 1 154 ? -0.578  -2.186  7.327   1.00 45.97 ? 154 GLN A CG  1 
ATOM   1068 C  CD  . GLN A 1 154 ? -0.646  -2.526  8.748   1.00 48.03 ? 154 GLN A CD  1 
ATOM   1069 O  OE1 . GLN A 1 154 ? -1.112  -1.748  9.551   1.00 54.65 ? 154 GLN A OE1 1 
ATOM   1070 N  NE2 . GLN A 1 154 ? -0.253  -3.748  9.076   1.00 51.83 ? 154 GLN A NE2 1 
ATOM   1071 N  N   . ASP A 1 155 ? -0.910  -5.008  4.547   1.00 47.89 ? 155 ASP A N   1 
ATOM   1072 C  CA  . ASP A 1 155 ? 0.005   -6.116  4.259   1.00 49.60 ? 155 ASP A CA  1 
ATOM   1073 C  C   . ASP A 1 155 ? 0.679   -5.930  2.897   1.00 49.00 ? 155 ASP A C   1 
ATOM   1074 O  O   . ASP A 1 155 ? 1.906   -6.120  2.775   1.00 50.17 ? 155 ASP A O   1 
ATOM   1075 C  CB  . ASP A 1 155 ? -0.788  -7.427  4.322   1.00 50.91 ? 155 ASP A CB  1 
ATOM   1076 C  CG  . ASP A 1 155 ? 0.019   -8.651  3.825   1.00 57.01 ? 155 ASP A CG  1 
ATOM   1077 O  OD1 . ASP A 1 155 ? 1.094   -8.959  4.445   1.00 62.10 ? 155 ASP A OD1 1 
ATOM   1078 O  OD2 . ASP A 1 155 ? -0.436  -9.290  2.833   1.00 60.53 ? 155 ASP A OD2 1 
ATOM   1079 N  N   . ALA A 1 156 ? -0.086  -5.567  1.861   1.00 46.94 ? 156 ALA A N   1 
ATOM   1080 C  CA  . ALA A 1 156 ? 0.520   -5.343  0.548   1.00 45.84 ? 156 ALA A CA  1 
ATOM   1081 C  C   . ALA A 1 156 ? 1.454   -4.144  0.604   1.00 44.70 ? 156 ALA A C   1 
ATOM   1082 O  O   . ALA A 1 156 ? 2.571   -4.167  0.087   1.00 43.27 ? 156 ALA A O   1 
ATOM   1083 C  CB  . ALA A 1 156 ? -0.580  -5.131  -0.553  1.00 45.84 ? 156 ALA A CB  1 
ATOM   1084 N  N   . THR A 1 157 ? 0.997   -3.102  1.290   1.00 44.35 ? 157 THR A N   1 
ATOM   1085 C  CA  . THR A 1 157 ? 1.756   -1.878  1.448   1.00 44.66 ? 157 THR A CA  1 
ATOM   1086 C  C   . THR A 1 157 ? 3.038   -2.122  2.192   1.00 46.06 ? 157 THR A C   1 
ATOM   1087 O  O   . THR A 1 157 ? 4.065   -1.605  1.791   1.00 45.33 ? 157 THR A O   1 
ATOM   1088 C  CB  . THR A 1 157 ? 0.962   -0.833  2.255   1.00 44.60 ? 157 THR A CB  1 
ATOM   1089 O  OG1 . THR A 1 157 ? -0.360  -0.693  1.699   1.00 47.97 ? 157 THR A OG1 1 
ATOM   1090 C  CG2 . THR A 1 157 ? 1.655   0.511   2.250   1.00 41.52 ? 157 THR A CG2 1 
ATOM   1091 N  N   . ALA A 1 158 ? 2.986   -2.862  3.324   1.00 45.97 ? 158 ALA A N   1 
ATOM   1092 C  CA  . ALA A 1 158 ? 4.233   -3.190  4.076   1.00 45.35 ? 158 ALA A CA  1 
ATOM   1093 C  C   . ALA A 1 158 ? 5.186   -3.976  3.207   1.00 44.06 ? 158 ALA A C   1 
ATOM   1094 O  O   . ALA A 1 158 ? 6.375   -3.700  3.215   1.00 45.84 ? 158 ALA A O   1 
ATOM   1095 C  CB  . ALA A 1 158 ? 3.932   -3.923  5.390   1.00 44.51 ? 158 ALA A CB  1 
ATOM   1096 N  N   . THR A 1 159 ? 4.690   -4.906  2.425   1.00 45.39 ? 159 THR A N   1 
ATOM   1097 C  CA  . THR A 1 159 ? 5.579   -5.724  1.561   1.00 46.97 ? 159 THR A CA  1 
ATOM   1098 C  C   . THR A 1 159 ? 6.214   -4.936  0.405   1.00 48.33 ? 159 THR A C   1 
ATOM   1099 O  O   . THR A 1 159 ? 7.360   -5.192  -0.007  1.00 48.66 ? 159 THR A O   1 
ATOM   1100 C  CB  . THR A 1 159 ? 4.866   -6.992  0.990   1.00 47.63 ? 159 THR A CB  1 
ATOM   1101 O  OG1 . THR A 1 159 ? 4.411   -7.834  2.067   1.00 49.86 ? 159 THR A OG1 1 
ATOM   1102 C  CG2 . THR A 1 159 ? 5.835   -7.844  0.128   1.00 46.75 ? 159 THR A CG2 1 
ATOM   1103 N  N   . ALA A 1 160 ? 5.438   -4.026  -0.181  1.00 48.91 ? 160 ALA A N   1 
ATOM   1104 C  CA  . ALA A 1 160 ? 5.982   -3.120  -1.222  1.00 49.41 ? 160 ALA A CA  1 
ATOM   1105 C  C   . ALA A 1 160 ? 6.997   -2.113  -0.635  1.00 49.51 ? 160 ALA A C   1 
ATOM   1106 O  O   . ALA A 1 160 ? 7.984   -1.768  -1.289  1.00 48.23 ? 160 ALA A O   1 
ATOM   1107 C  CB  . ALA A 1 160 ? 4.829   -2.396  -1.952  1.00 48.22 ? 160 ALA A CB  1 
ATOM   1108 N  N   . ALA A 1 161 ? 6.756   -1.671  0.613   1.00 51.27 ? 161 ALA A N   1 
ATOM   1109 C  CA  . ALA A 1 161 ? 7.712   -0.829  1.363   1.00 52.82 ? 161 ALA A CA  1 
ATOM   1110 C  C   . ALA A 1 161 ? 9.145   -1.351  1.441   1.00 54.71 ? 161 ALA A C   1 
ATOM   1111 O  O   . ALA A 1 161 ? 10.108  -0.556  1.438   1.00 53.96 ? 161 ALA A O   1 
ATOM   1112 C  CB  . ALA A 1 161 ? 7.169   -0.479  2.779   1.00 52.32 ? 161 ALA A CB  1 
ATOM   1113 N  N   . GLU A 1 162 ? 9.263   -2.677  1.555   1.00 57.51 ? 162 GLU A N   1 
ATOM   1114 C  CA  . GLU A 1 162 ? 10.527  -3.417  1.646   1.00 60.84 ? 162 GLU A CA  1 
ATOM   1115 C  C   . GLU A 1 162 ? 11.238  -3.557  0.313   1.00 63.09 ? 162 GLU A C   1 
ATOM   1116 O  O   . GLU A 1 162 ? 12.349  -4.057  0.285   1.00 63.39 ? 162 GLU A O   1 
ATOM   1117 C  CB  . GLU A 1 162 ? 10.276  -4.832  2.202   1.00 61.14 ? 162 GLU A CB  1 
ATOM   1118 C  CG  . GLU A 1 162 ? 9.640   -4.940  3.658   1.00 60.71 ? 162 GLU A CG  1 
ATOM   1119 C  CD  . GLU A 1 162 ? 9.477   -6.424  4.139   1.00 62.81 ? 162 GLU A CD  1 
ATOM   1120 O  OE1 . GLU A 1 162 ? 9.786   -6.696  5.330   1.00 67.22 ? 162 GLU A OE1 1 
ATOM   1121 O  OE2 . GLU A 1 162 ? 9.040   -7.317  3.346   1.00 65.19 ? 162 GLU A OE2 1 
ATOM   1122 N  N   . GLN A 1 163 ? 10.587  -3.167  -0.798  1.00 65.88 ? 163 GLN A N   1 
ATOM   1123 C  CA  . GLN A 1 163 ? 11.211  -3.214  -2.135  1.00 67.76 ? 163 GLN A CA  1 
ATOM   1124 C  C   . GLN A 1 163 ? 12.177  -2.040  -2.342  1.00 68.91 ? 163 GLN A C   1 
ATOM   1125 O  O   . GLN A 1 163 ? 11.942  -0.931  -1.831  1.00 68.18 ? 163 GLN A O   1 
ATOM   1126 C  CB  . GLN A 1 163 ? 10.164  -3.262  -3.261  1.00 68.26 ? 163 GLN A CB  1 
ATOM   1127 C  CG  . GLN A 1 163 ? 9.145   -4.439  -3.197  1.00 70.18 ? 163 GLN A CG  1 
ATOM   1128 C  CD  . GLN A 1 163 ? 9.782   -5.784  -2.806  1.00 72.99 ? 163 GLN A CD  1 
ATOM   1129 O  OE1 . GLN A 1 163 ? 10.727  -6.235  -3.449  1.00 72.61 ? 163 GLN A OE1 1 
ATOM   1130 N  NE2 . GLN A 1 163 ? 9.270   -6.411  -1.726  1.00 73.16 ? 163 GLN A NE2 1 
ATOM   1131 N  N   . ALA A 1 164 ? 13.271  -2.300  -3.071  1.00 71.13 ? 164 ALA A N   1 
ATOM   1132 C  CA  . ALA A 1 164 ? 14.320  -1.290  -3.329  1.00 73.33 ? 164 ALA A CA  1 
ATOM   1133 C  C   . ALA A 1 164 ? 13.744  -0.046  -4.041  1.00 74.54 ? 164 ALA A C   1 
ATOM   1134 O  O   . ALA A 1 164 ? 13.165  -0.172  -5.123  1.00 75.25 ? 164 ALA A O   1 
ATOM   1135 C  CB  . ALA A 1 164 ? 15.465  -1.900  -4.163  1.00 73.38 ? 164 ALA A CB  1 
ATOM   1136 N  N   . THR A 1 165 ? 13.892  1.134   -3.425  1.00 75.27 ? 165 THR A N   1 
ATOM   1137 C  CA  . THR A 1 165 ? 13.525  2.430   -4.050  1.00 76.17 ? 165 THR A CA  1 
ATOM   1138 C  C   . THR A 1 165 ? 14.377  2.731   -5.280  1.00 76.47 ? 165 THR A C   1 
ATOM   1139 O  O   . THR A 1 165 ? 13.844  2.961   -6.367  1.00 77.06 ? 165 THR A O   1 
ATOM   1140 C  CB  . THR A 1 165 ? 13.573  3.617   -3.017  1.00 75.77 ? 165 THR A CB  1 
ATOM   1141 O  OG1 . THR A 1 165 ? 12.264  3.818   -2.480  1.00 76.89 ? 165 THR A OG1 1 
ATOM   1142 C  CG2 . THR A 1 165 ? 14.029  4.914   -3.628  1.00 76.89 ? 165 THR A CG2 1 
ATOM   1143 N  N   . SER A 1 177 ? 20.901  -9.417  1.707   1.00 60.39 ? 177 SER A N   1 
ATOM   1144 C  CA  . SER A 1 177 ? 20.627  -8.557  2.894   1.00 60.76 ? 177 SER A CA  1 
ATOM   1145 C  C   . SER A 1 177 ? 21.381  -9.025  4.159   1.00 60.18 ? 177 SER A C   1 
ATOM   1146 O  O   . SER A 1 177 ? 21.764  -10.200 4.245   1.00 60.57 ? 177 SER A O   1 
ATOM   1147 C  CB  . SER A 1 177 ? 19.128  -8.430  3.185   1.00 60.76 ? 177 SER A CB  1 
ATOM   1148 O  OG  . SER A 1 177 ? 18.720  -9.398  4.135   1.00 61.71 ? 177 SER A OG  1 
ATOM   1149 N  N   . ALA A 1 178 ? 21.633  -8.097  5.095   1.00 58.74 ? 178 ALA A N   1 
ATOM   1150 C  CA  . ALA A 1 178 ? 22.436  -8.384  6.281   1.00 57.50 ? 178 ALA A CA  1 
ATOM   1151 C  C   . ALA A 1 178 ? 21.702  -9.369  7.169   1.00 56.57 ? 178 ALA A C   1 
ATOM   1152 O  O   . ALA A 1 178 ? 22.316  -10.253 7.782   1.00 56.58 ? 178 ALA A O   1 
ATOM   1153 C  CB  . ALA A 1 178 ? 22.750  -7.110  7.044   1.00 57.36 ? 178 ALA A CB  1 
ATOM   1154 N  N   . THR A 1 179 ? 20.380  -9.212  7.244   1.00 55.38 ? 179 THR A N   1 
ATOM   1155 C  CA  . THR A 1 179 ? 19.550  -10.129 8.009   1.00 53.44 ? 179 THR A CA  1 
ATOM   1156 C  C   . THR A 1 179 ? 19.658  -11.557 7.463   1.00 54.54 ? 179 THR A C   1 
ATOM   1157 O  O   . THR A 1 179 ? 19.803  -12.495 8.233   1.00 54.03 ? 179 THR A O   1 
ATOM   1158 C  CB  . THR A 1 179 ? 18.102  -9.666  8.013   1.00 53.94 ? 179 THR A CB  1 
ATOM   1159 O  OG1 . THR A 1 179 ? 18.075  -8.335  8.533   1.00 49.95 ? 179 THR A OG1 1 
ATOM   1160 C  CG2 . THR A 1 179 ? 17.251  -10.603 8.875   1.00 47.22 ? 179 THR A CG2 1 
ATOM   1161 N  N   . VAL A 1 180 ? 19.640  -11.703 6.139   1.00 55.47 ? 180 VAL A N   1 
ATOM   1162 C  CA  . VAL A 1 180 ? 19.669  -13.005 5.485   1.00 56.86 ? 180 VAL A CA  1 
ATOM   1163 C  C   . VAL A 1 180 ? 21.010  -13.679 5.715   1.00 58.93 ? 180 VAL A C   1 
ATOM   1164 O  O   . VAL A 1 180 ? 21.047  -14.891 6.035   1.00 59.57 ? 180 VAL A O   1 
ATOM   1165 C  CB  . VAL A 1 180 ? 19.282  -12.936 3.987   1.00 57.57 ? 180 VAL A CB  1 
ATOM   1166 C  CG1 . VAL A 1 180 ? 19.525  -14.306 3.260   1.00 57.38 ? 180 VAL A CG1 1 
ATOM   1167 C  CG2 . VAL A 1 180 ? 17.804  -12.507 3.853   1.00 55.27 ? 180 VAL A CG2 1 
ATOM   1168 N  N   . ARG A 1 181 ? 22.090  -12.898 5.610   1.00 59.44 ? 181 ARG A N   1 
ATOM   1169 C  CA  . ARG A 1 181 ? 23.453  -13.401 5.921   1.00 60.91 ? 181 ARG A CA  1 
ATOM   1170 C  C   . ARG A 1 181 ? 23.569  -13.877 7.387   1.00 59.66 ? 181 ARG A C   1 
ATOM   1171 O  O   . ARG A 1 181 ? 24.047  -15.001 7.644   1.00 59.96 ? 181 ARG A O   1 
ATOM   1172 C  CB  . ARG A 1 181 ? 24.532  -12.352 5.593   1.00 60.29 ? 181 ARG A CB  1 
ATOM   1173 C  CG  . ARG A 1 181 ? 24.648  -12.076 4.077   1.00 64.54 ? 181 ARG A CG  1 
ATOM   1174 C  CD  . ARG A 1 181 ? 25.870  -11.238 3.620   1.00 65.25 ? 181 ARG A CD  1 
ATOM   1175 N  NE  . ARG A 1 181 ? 25.818  -9.840  4.060   1.00 71.70 ? 181 ARG A NE  1 
ATOM   1176 C  CZ  . ARG A 1 181 ? 25.120  -8.874  3.446   1.00 72.84 ? 181 ARG A CZ  1 
ATOM   1177 N  NH1 . ARG A 1 181 ? 24.375  -9.155  2.361   1.00 72.33 ? 181 ARG A NH1 1 
ATOM   1178 N  NH2 . ARG A 1 181 ? 25.155  -7.624  3.937   1.00 71.39 ? 181 ARG A NH2 1 
ATOM   1179 N  N   . ALA A 1 182 ? 23.093  -13.050 8.323   1.00 58.32 ? 182 ALA A N   1 
ATOM   1180 C  CA  . ALA A 1 182 ? 23.175  -13.347 9.746   1.00 57.68 ? 182 ALA A CA  1 
ATOM   1181 C  C   . ALA A 1 182 ? 22.388  -14.609 10.125  1.00 58.72 ? 182 ALA A C   1 
ATOM   1182 O  O   . ALA A 1 182 ? 22.781  -15.344 11.055  1.00 58.87 ? 182 ALA A O   1 
ATOM   1183 C  CB  . ALA A 1 182 ? 22.728  -12.146 10.571  1.00 55.89 ? 182 ALA A CB  1 
ATOM   1184 N  N   . LEU A 1 183 ? 21.282  -14.849 9.414   1.00 59.29 ? 183 LEU A N   1 
ATOM   1185 C  CA  . LEU A 1 183 ? 20.443  -16.024 9.617   1.00 60.77 ? 183 LEU A CA  1 
ATOM   1186 C  C   . LEU A 1 183 ? 21.159  -17.269 9.072   1.00 63.13 ? 183 LEU A C   1 
ATOM   1187 O  O   . LEU A 1 183 ? 21.232  -18.278 9.784   1.00 62.92 ? 183 LEU A O   1 
ATOM   1188 C  CB  . LEU A 1 183 ? 19.058  -15.867 8.978   1.00 59.48 ? 183 LEU A CB  1 
ATOM   1189 C  CG  . LEU A 1 183 ? 17.772  -15.395 9.711   1.00 58.12 ? 183 LEU A CG  1 
ATOM   1190 C  CD1 . LEU A 1 183 ? 17.791  -15.269 11.288  1.00 52.94 ? 183 LEU A CD1 1 
ATOM   1191 C  CD2 . LEU A 1 183 ? 17.045  -14.248 9.060   1.00 58.10 ? 183 LEU A CD2 1 
ATOM   1192 N  N   . ARG A 1 184 ? 21.692  -17.195 7.845   1.00 65.16 ? 184 ARG A N   1 
ATOM   1193 C  CA  . ARG A 1 184 ? 22.538  -18.282 7.311   1.00 69.26 ? 184 ARG A CA  1 
ATOM   1194 C  C   . ARG A 1 184 ? 23.766  -18.659 8.222   1.00 69.95 ? 184 ARG A C   1 
ATOM   1195 O  O   . ARG A 1 184 ? 24.198  -19.816 8.222   1.00 71.36 ? 184 ARG A O   1 
ATOM   1196 C  CB  . ARG A 1 184 ? 22.979  -18.008 5.857   1.00 68.53 ? 184 ARG A CB  1 
ATOM   1197 C  CG  . ARG A 1 184 ? 21.873  -17.481 4.963   1.00 70.09 ? 184 ARG A CG  1 
ATOM   1198 C  CD  . ARG A 1 184 ? 22.190  -17.514 3.461   1.00 71.16 ? 184 ARG A CD  1 
ATOM   1199 N  NE  . ARG A 1 184 ? 21.459  -18.613 2.822   1.00 78.98 ? 184 ARG A NE  1 
ATOM   1200 C  CZ  . ARG A 1 184 ? 20.566  -18.501 1.831   1.00 81.11 ? 184 ARG A CZ  1 
ATOM   1201 N  NH1 . ARG A 1 184 ? 20.284  -17.320 1.284   1.00 82.16 ? 184 ARG A NH1 1 
ATOM   1202 N  NH2 . ARG A 1 184 ? 19.968  -19.597 1.363   1.00 81.88 ? 184 ARG A NH2 1 
ATOM   1203 N  N   . ASP A 1 185 ? 24.272  -17.699 9.001   1.00 70.83 ? 185 ASP A N   1 
ATOM   1204 C  CA  . ASP A 1 185 ? 25.488  -17.834 9.825   1.00 72.08 ? 185 ASP A CA  1 
ATOM   1205 C  C   . ASP A 1 185 ? 25.226  -18.141 11.288  1.00 73.26 ? 185 ASP A C   1 
ATOM   1206 O  O   . ASP A 1 185 ? 26.178  -18.510 12.010  1.00 72.60 ? 185 ASP A O   1 
ATOM   1207 C  CB  . ASP A 1 185 ? 26.307  -16.531 9.852   1.00 72.68 ? 185 ASP A CB  1 
ATOM   1208 C  CG  . ASP A 1 185 ? 26.967  -16.221 8.543   1.00 76.13 ? 185 ASP A CG  1 
ATOM   1209 O  OD1 . ASP A 1 185 ? 27.370  -17.169 7.820   1.00 80.24 ? 185 ASP A OD1 1 
ATOM   1210 O  OD2 . ASP A 1 185 ? 27.105  -15.012 8.246   1.00 79.80 ? 185 ASP A OD2 1 
ATOM   1211 N  N   . ALA A 1 186 ? 23.985  -17.902 11.749  1.00 73.38 ? 186 ALA A N   1 
ATOM   1212 C  CA  . ALA A 1 186 ? 23.567  -18.316 13.093  1.00 73.41 ? 186 ALA A CA  1 
ATOM   1213 C  C   . ALA A 1 186 ? 24.017  -19.764 13.303  1.00 73.81 ? 186 ALA A C   1 
ATOM   1214 O  O   . ALA A 1 186 ? 23.923  -20.600 12.394  1.00 73.38 ? 186 ALA A O   1 
ATOM   1215 C  CB  . ALA A 1 186 ? 22.052  -18.181 13.292  1.00 72.76 ? 186 ALA A CB  1 
ATOM   1216 N  N   . ASP A 1 187 ? 24.535  -20.033 14.497  1.00 75.19 ? 187 ASP A N   1 
ATOM   1217 C  CA  . ASP A 1 187 ? 25.079  -21.348 14.830  1.00 76.18 ? 187 ASP A CA  1 
ATOM   1218 C  C   . ASP A 1 187 ? 23.973  -22.251 15.324  1.00 75.55 ? 187 ASP A C   1 
ATOM   1219 O  O   . ASP A 1 187 ? 23.297  -21.918 16.296  1.00 75.00 ? 187 ASP A O   1 
ATOM   1220 C  CB  . ASP A 1 187 ? 26.228  -21.243 15.875  1.00 76.81 ? 187 ASP A CB  1 
ATOM   1221 C  CG  . ASP A 1 187 ? 27.519  -20.609 15.291  1.00 79.96 ? 187 ASP A CG  1 
ATOM   1222 O  OD1 . ASP A 1 187 ? 28.070  -21.118 14.274  1.00 81.85 ? 187 ASP A OD1 1 
ATOM   1223 O  OD2 . ASP A 1 187 ? 27.992  -19.594 15.859  1.00 83.30 ? 187 ASP A OD2 1 
ATOM   1224 N  N   . GLU A 1 188 ? 23.813  -23.391 14.639  1.00 75.78 ? 188 GLU A N   1 
ATOM   1225 C  CA  . GLU A 1 188 ? 22.932  -24.492 15.053  1.00 76.09 ? 188 GLU A CA  1 
ATOM   1226 C  C   . GLU A 1 188 ? 22.917  -24.696 16.570  1.00 75.17 ? 188 GLU A C   1 
ATOM   1227 O  O   . GLU A 1 188 ? 21.867  -24.913 17.170  1.00 74.94 ? 188 GLU A O   1 
ATOM   1228 C  CB  . GLU A 1 188 ? 23.268  -25.777 14.248  1.00 77.06 ? 188 GLU A CB  1 
ATOM   1229 C  CG  . GLU A 1 188 ? 23.362  -27.134 15.027  1.00 81.03 ? 188 GLU A CG  1 
ATOM   1230 C  CD  . GLU A 1 188 ? 22.034  -27.900 15.191  1.00 85.02 ? 188 GLU A CD  1 
ATOM   1231 O  OE1 . GLU A 1 188 ? 21.237  -27.549 16.098  1.00 86.34 ? 188 GLU A OE1 1 
ATOM   1232 O  OE2 . GLU A 1 188 ? 21.809  -28.888 14.441  1.00 85.03 ? 188 GLU A OE2 1 
ATOM   1233 N  N   . ALA A 1 189 ? 24.084  -24.547 17.188  1.00 74.55 ? 189 ALA A N   1 
ATOM   1234 C  CA  . ALA A 1 189 ? 24.268  -24.742 18.627  1.00 73.56 ? 189 ALA A CA  1 
ATOM   1235 C  C   . ALA A 1 189 ? 23.487  -23.726 19.466  1.00 72.58 ? 189 ALA A C   1 
ATOM   1236 O  O   . ALA A 1 189 ? 22.747  -24.099 20.409  1.00 73.23 ? 189 ALA A O   1 
ATOM   1237 C  CB  . ALA A 1 189 ? 25.765  -24.670 18.957  1.00 74.33 ? 189 ALA A CB  1 
ATOM   1238 N  N   . THR A 1 190 ? 23.647  -22.457 19.083  1.00 70.29 ? 190 THR A N   1 
ATOM   1239 C  CA  . THR A 1 190 ? 23.153  -21.235 19.795  1.00 68.33 ? 190 THR A CA  1 
ATOM   1240 C  C   . THR A 1 190 ? 21.738  -20.747 19.366  1.00 66.04 ? 190 THR A C   1 
ATOM   1241 O  O   . THR A 1 190 ? 21.048  -20.025 20.103  1.00 64.67 ? 190 THR A O   1 
ATOM   1242 C  CB  . THR A 1 190 ? 24.132  -20.087 19.471  1.00 68.27 ? 190 THR A CB  1 
ATOM   1243 O  OG1 . THR A 1 190 ? 24.636  -20.282 18.134  1.00 69.27 ? 190 THR A OG1 1 
ATOM   1244 C  CG2 . THR A 1 190 ? 25.326  -20.106 20.423  1.00 71.84 ? 190 THR A CG2 1 
ATOM   1245 N  N   . HIS A 1 191 ? 21.347  -21.138 18.159  1.00 63.39 ? 191 HIS A N   1 
ATOM   1246 C  CA  . HIS A 1 191 ? 20.082  -20.742 17.540  1.00 62.04 ? 191 HIS A CA  1 
ATOM   1247 C  C   . HIS A 1 191 ? 19.483  -21.952 16.809  1.00 60.35 ? 191 HIS A C   1 
ATOM   1248 O  O   . HIS A 1 191 ? 19.441  -21.965 15.574  1.00 60.08 ? 191 HIS A O   1 
ATOM   1249 C  CB  . HIS A 1 191 ? 20.342  -19.631 16.517  1.00 61.68 ? 191 HIS A CB  1 
ATOM   1250 C  CG  . HIS A 1 191 ? 20.766  -18.334 17.123  1.00 61.50 ? 191 HIS A CG  1 
ATOM   1251 N  ND1 . HIS A 1 191 ? 22.068  -17.909 17.115  1.00 61.29 ? 191 HIS A ND1 1 
ATOM   1252 C  CD2 . HIS A 1 191 ? 20.053  -17.354 17.740  1.00 62.54 ? 191 HIS A CD2 1 
ATOM   1253 C  CE1 . HIS A 1 191 ? 22.149  -16.732 17.720  1.00 65.28 ? 191 HIS A CE1 1 
ATOM   1254 N  NE2 . HIS A 1 191 ? 20.940  -16.367 18.104  1.00 61.30 ? 191 HIS A NE2 1 
ATOM   1255 N  N   . PRO A 1 192 ? 19.073  -23.004 17.568  1.00 59.07 ? 192 PRO A N   1 
ATOM   1256 C  CA  . PRO A 1 192 ? 18.617  -24.230 16.917  1.00 57.84 ? 192 PRO A CA  1 
ATOM   1257 C  C   . PRO A 1 192 ? 17.255  -24.038 16.157  1.00 56.33 ? 192 PRO A C   1 
ATOM   1258 O  O   . PRO A 1 192 ? 17.064  -24.604 15.094  1.00 54.88 ? 192 PRO A O   1 
ATOM   1259 C  CB  . PRO A 1 192 ? 18.475  -25.198 18.093  1.00 57.77 ? 192 PRO A CB  1 
ATOM   1260 C  CG  . PRO A 1 192 ? 18.103  -24.272 19.259  1.00 57.72 ? 192 PRO A CG  1 
ATOM   1261 C  CD  . PRO A 1 192 ? 18.990  -23.102 19.041  1.00 58.77 ? 192 PRO A CD  1 
ATOM   1262 N  N   . ALA A 1 193 ? 16.358  -23.218 16.687  1.00 55.83 ? 193 ALA A N   1 
ATOM   1263 C  CA  . ALA A 1 193 ? 15.066  -22.956 15.995  1.00 55.36 ? 193 ALA A CA  1 
ATOM   1264 C  C   . ALA A 1 193 ? 15.367  -22.318 14.644  1.00 54.61 ? 193 ALA A C   1 
ATOM   1265 O  O   . ALA A 1 193 ? 14.806  -22.753 13.646  1.00 55.66 ? 193 ALA A O   1 
ATOM   1266 C  CB  . ALA A 1 193 ? 14.127  -22.096 16.844  1.00 53.79 ? 193 ALA A CB  1 
ATOM   1267 N  N   . ILE A 1 194 ? 16.320  -21.380 14.573  1.00 53.94 ? 194 ILE A N   1 
ATOM   1268 C  CA  . ILE A 1 194 ? 16.714  -20.798 13.259  1.00 52.88 ? 194 ILE A CA  1 
ATOM   1269 C  C   . ILE A 1 194 ? 17.284  -21.845 12.320  1.00 54.24 ? 194 ILE A C   1 
ATOM   1270 O  O   . ILE A 1 194 ? 16.876  -21.939 11.152  1.00 54.31 ? 194 ILE A O   1 
ATOM   1271 C  CB  . ILE A 1 194 ? 17.643  -19.593 13.381  1.00 52.80 ? 194 ILE A CB  1 
ATOM   1272 C  CG1 . ILE A 1 194 ? 16.904  -18.433 14.092  1.00 51.05 ? 194 ILE A CG1 1 
ATOM   1273 C  CG2 . ILE A 1 194 ? 18.125  -19.159 11.993  1.00 51.83 ? 194 ILE A CG2 1 
ATOM   1274 C  CD1 . ILE A 1 194 ? 17.807  -17.215 14.589  1.00 51.65 ? 194 ILE A CD1 1 
ATOM   1275 N  N   . ALA A 1 195 ? 18.198  -22.670 12.815  1.00 54.10 ? 195 ALA A N   1 
ATOM   1276 C  CA  . ALA A 1 195 ? 18.797  -23.665 11.935  1.00 55.56 ? 195 ALA A CA  1 
ATOM   1277 C  C   . ALA A 1 195 ? 17.737  -24.622 11.429  1.00 55.74 ? 195 ALA A C   1 
ATOM   1278 O  O   . ALA A 1 195 ? 17.729  -24.983 10.244  1.00 55.81 ? 195 ALA A O   1 
ATOM   1279 C  CB  . ALA A 1 195 ? 19.949  -24.467 12.670  1.00 54.89 ? 195 ALA A CB  1 
ATOM   1280 N  N   . SER A 1 196 ? 16.889  -25.062 12.354  1.00 55.97 ? 196 SER A N   1 
ATOM   1281 C  CA  . SER A 1 196 ? 15.749  -25.947 12.069  1.00 57.73 ? 196 SER A CA  1 
ATOM   1282 C  C   . SER A 1 196 ? 14.864  -25.453 10.873  1.00 57.11 ? 196 SER A C   1 
ATOM   1283 O  O   . SER A 1 196 ? 14.326  -26.242 10.048  1.00 57.59 ? 196 SER A O   1 
ATOM   1284 C  CB  . SER A 1 196 ? 14.960  -26.034 13.377  1.00 57.34 ? 196 SER A CB  1 
ATOM   1285 O  OG  . SER A 1 196 ? 13.836  -26.860 13.254  1.00 64.38 ? 196 SER A OG  1 
ATOM   1286 N  N   . HIS A 1 197 ? 14.761  -24.131 10.749  1.00 56.83 ? 197 HIS A N   1 
ATOM   1287 C  CA  . HIS A 1 197 ? 13.842  -23.507 9.772   1.00 55.97 ? 197 HIS A CA  1 
ATOM   1288 C  C   . HIS A 1 197 ? 14.490  -22.888 8.526   1.00 56.77 ? 197 HIS A C   1 
ATOM   1289 O  O   . HIS A 1 197 ? 13.810  -22.270 7.711   1.00 56.60 ? 197 HIS A O   1 
ATOM   1290 C  CB  . HIS A 1 197 ? 12.942  -22.547 10.489  1.00 54.36 ? 197 HIS A CB  1 
ATOM   1291 C  CG  . HIS A 1 197 ? 11.996  -23.234 11.434  1.00 54.18 ? 197 HIS A CG  1 
ATOM   1292 N  ND1 . HIS A 1 197 ? 12.240  -23.348 12.785  1.00 50.67 ? 197 HIS A ND1 1 
ATOM   1293 C  CD2 . HIS A 1 197 ? 10.798  -23.832 11.220  1.00 52.47 ? 197 HIS A CD2 1 
ATOM   1294 C  CE1 . HIS A 1 197 ? 11.231  -23.967 13.370  1.00 53.20 ? 197 HIS A CE1 1 
ATOM   1295 N  NE2 . HIS A 1 197 ? 10.341  -24.272 12.439  1.00 54.19 ? 197 HIS A NE2 1 
HETATM 1296 N  N   . MSE A 1 198 ? 15.798  -23.109 8.383   1.00 56.35 ? 198 MSE A N   1 
HETATM 1297 C  CA  . MSE A 1 198 ? 16.566  -22.718 7.227   1.00 57.45 ? 198 MSE A CA  1 
HETATM 1298 C  C   . MSE A 1 198 ? 16.624  -23.920 6.314   1.00 57.47 ? 198 MSE A C   1 
HETATM 1299 O  O   . MSE A 1 198 ? 16.836  -25.026 6.794   1.00 58.19 ? 198 MSE A O   1 
HETATM 1300 C  CB  . MSE A 1 198 ? 17.998  -22.336 7.653   1.00 58.43 ? 198 MSE A CB  1 
HETATM 1301 C  CG  . MSE A 1 198 ? 18.087  -21.005 8.399   1.00 56.87 ? 198 MSE A CG  1 
HETATM 1302 SE SE  . MSE A 1 198 ? 17.636  -19.511 7.254   0.80 59.79 ? 198 MSE A SE  1 
HETATM 1303 C  CE  . MSE A 1 198 ? 18.796  -20.046 5.790   1.00 60.24 ? 198 MSE A CE  1 
ATOM   1304 N  N   . PRO A 1 199 ? 16.493  -23.725 4.982   1.00 57.10 ? 199 PRO A N   1 
ATOM   1305 C  CA  . PRO A 1 199 ? 16.479  -22.545 4.128   1.00 56.81 ? 199 PRO A CA  1 
ATOM   1306 C  C   . PRO A 1 199 ? 15.155  -21.763 4.002   1.00 56.38 ? 199 PRO A C   1 
ATOM   1307 O  O   . PRO A 1 199 ? 15.166  -20.615 3.523   1.00 55.99 ? 199 PRO A O   1 
ATOM   1308 C  CB  . PRO A 1 199 ? 16.838  -23.117 2.754   1.00 56.74 ? 199 PRO A CB  1 
ATOM   1309 C  CG  . PRO A 1 199 ? 16.410  -24.518 2.792   1.00 57.38 ? 199 PRO A CG  1 
ATOM   1310 C  CD  . PRO A 1 199 ? 16.313  -24.958 4.208   1.00 57.21 ? 199 PRO A CD  1 
ATOM   1311 N  N   . LEU A 1 200 ? 14.038  -22.347 4.428   1.00 55.96 ? 200 LEU A N   1 
ATOM   1312 C  CA  . LEU A 1 200 ? 12.729  -21.721 4.159   1.00 55.95 ? 200 LEU A CA  1 
ATOM   1313 C  C   . LEU A 1 200 ? 12.548  -20.364 4.849   1.00 54.00 ? 200 LEU A C   1 
ATOM   1314 O  O   . LEU A 1 200 ? 11.791  -19.519 4.355   1.00 54.81 ? 200 LEU A O   1 
ATOM   1315 C  CB  . LEU A 1 200 ? 11.540  -22.658 4.507   1.00 56.31 ? 200 LEU A CB  1 
ATOM   1316 C  CG  . LEU A 1 200 ? 11.110  -23.687 3.462   1.00 60.55 ? 200 LEU A CG  1 
ATOM   1317 C  CD1 . LEU A 1 200 ? 9.925   -24.492 3.968   1.00 62.63 ? 200 LEU A CD1 1 
ATOM   1318 C  CD2 . LEU A 1 200 ? 10.772  -23.058 2.123   1.00 63.26 ? 200 LEU A CD2 1 
ATOM   1319 N  N   . LEU A 1 201 ? 13.219  -20.157 5.979   1.00 52.38 ? 201 LEU A N   1 
ATOM   1320 C  CA  . LEU A 1 201 ? 13.119  -18.901 6.715   1.00 51.71 ? 201 LEU A CA  1 
ATOM   1321 C  C   . LEU A 1 201 ? 13.516  -17.709 5.781   1.00 52.46 ? 201 LEU A C   1 
ATOM   1322 O  O   . LEU A 1 201 ? 12.977  -16.607 5.867   1.00 50.32 ? 201 LEU A O   1 
ATOM   1323 C  CB  . LEU A 1 201 ? 14.006  -18.980 7.934   1.00 51.34 ? 201 LEU A CB  1 
ATOM   1324 C  CG  . LEU A 1 201 ? 14.046  -17.828 8.925   1.00 52.22 ? 201 LEU A CG  1 
ATOM   1325 C  CD1 . LEU A 1 201 ? 12.621  -17.513 9.251   1.00 55.38 ? 201 LEU A CD1 1 
ATOM   1326 C  CD2 . LEU A 1 201 ? 14.847  -18.173 10.182  1.00 49.57 ? 201 LEU A CD2 1 
ATOM   1327 N  N   . VAL A 1 202 ? 14.426  -17.973 4.849   1.00 53.56 ? 202 VAL A N   1 
ATOM   1328 C  CA  . VAL A 1 202 ? 14.853  -16.942 3.882   1.00 55.21 ? 202 VAL A CA  1 
ATOM   1329 C  C   . VAL A 1 202 ? 14.476  -17.264 2.407   1.00 55.99 ? 202 VAL A C   1 
ATOM   1330 O  O   . VAL A 1 202 ? 14.813  -16.514 1.504   1.00 57.78 ? 202 VAL A O   1 
ATOM   1331 C  CB  . VAL A 1 202 ? 16.387  -16.615 4.065   1.00 55.32 ? 202 VAL A CB  1 
ATOM   1332 C  CG1 . VAL A 1 202 ? 16.700  -16.371 5.551   1.00 52.55 ? 202 VAL A CG1 1 
ATOM   1333 C  CG2 . VAL A 1 202 ? 17.253  -17.794 3.574   1.00 54.63 ? 202 VAL A CG2 1 
ATOM   1334 N  N   . ALA A 1 203 ? 13.747  -18.344 2.165   1.00 56.37 ? 203 ALA A N   1 
ATOM   1335 C  CA  . ALA A 1 203 ? 13.322  -18.682 0.797   1.00 56.10 ? 203 ALA A CA  1 
ATOM   1336 C  C   . ALA A 1 203 ? 11.997  -18.058 0.269   1.00 55.91 ? 203 ALA A C   1 
ATOM   1337 O  O   . ALA A 1 203 ? 11.139  -17.542 1.042   1.00 55.05 ? 203 ALA A O   1 
ATOM   1338 C  CB  . ALA A 1 203 ? 13.355  -20.211 0.579   1.00 56.87 ? 203 ALA A CB  1 
ATOM   1339 N  N   . GLY A 1 204 ? 11.887  -18.091 -1.060  1.00 55.88 ? 204 GLY A N   1 
ATOM   1340 C  CA  . GLY A 1 204 ? 10.717  -17.624 -1.808  1.00 57.27 ? 204 GLY A CA  1 
ATOM   1341 C  C   . GLY A 1 204 ? 10.819  -16.226 -2.390  1.00 58.58 ? 204 GLY A C   1 
ATOM   1342 O  O   . GLY A 1 204 ? 11.407  -15.320 -1.773  1.00 59.08 ? 204 GLY A O   1 
ATOM   1343 N  N   . SER A 1 205 ? 10.227  -16.053 -3.572  1.00 59.83 ? 205 SER A N   1 
ATOM   1344 C  CA  . SER A 1 205 ? 10.058  -14.745 -4.233  1.00 60.27 ? 205 SER A CA  1 
ATOM   1345 C  C   . SER A 1 205 ? 9.112   -13.868 -3.434  1.00 60.59 ? 205 SER A C   1 
ATOM   1346 O  O   . SER A 1 205 ? 8.341   -14.370 -2.636  1.00 60.11 ? 205 SER A O   1 
ATOM   1347 C  CB  . SER A 1 205 ? 9.503   -14.945 -5.639  1.00 61.65 ? 205 SER A CB  1 
ATOM   1348 O  OG  . SER A 1 205 ? 8.186   -15.539 -5.671  1.00 61.44 ? 205 SER A OG  1 
ATOM   1349 N  N   . ALA A 1 206 ? 9.171   -12.552 -3.635  1.00 61.02 ? 206 ALA A N   1 
ATOM   1350 C  CA  . ALA A 1 206 ? 8.207   -11.635 -2.985  1.00 61.06 ? 206 ALA A CA  1 
ATOM   1351 C  C   . ALA A 1 206 ? 6.775   -11.950 -3.429  1.00 61.04 ? 206 ALA A C   1 
ATOM   1352 O  O   . ALA A 1 206 ? 5.817   -11.705 -2.676  1.00 60.13 ? 206 ALA A O   1 
ATOM   1353 C  CB  . ALA A 1 206 ? 8.561   -10.161 -3.284  1.00 62.16 ? 206 ALA A CB  1 
ATOM   1354 N  N   . HIS A 1 207 ? 6.675   -12.457 -4.664  1.00 60.81 ? 207 HIS A N   1 
ATOM   1355 C  CA  . HIS A 1 207 ? 5.455   -13.014 -5.282  1.00 62.41 ? 207 HIS A CA  1 
ATOM   1356 C  C   . HIS A 1 207 ? 4.920   -14.262 -4.566  1.00 60.12 ? 207 HIS A C   1 
ATOM   1357 O  O   . HIS A 1 207 ? 3.694   -14.403 -4.326  1.00 59.69 ? 207 HIS A O   1 
ATOM   1358 C  CB  . HIS A 1 207 ? 5.741   -13.399 -6.760  1.00 64.55 ? 207 HIS A CB  1 
ATOM   1359 C  CG  . HIS A 1 207 ? 4.706   -14.320 -7.375  1.00 70.92 ? 207 HIS A CG  1 
ATOM   1360 N  ND1 . HIS A 1 207 ? 3.478   -13.871 -7.841  1.00 75.18 ? 207 HIS A ND1 1 
ATOM   1361 C  CD2 . HIS A 1 207 ? 4.725   -15.660 -7.605  1.00 74.83 ? 207 HIS A CD2 1 
ATOM   1362 C  CE1 . HIS A 1 207 ? 2.792   -14.895 -8.329  1.00 76.68 ? 207 HIS A CE1 1 
ATOM   1363 N  NE2 . HIS A 1 207 ? 3.522   -15.993 -8.192  1.00 76.84 ? 207 HIS A NE2 1 
ATOM   1364 N  N   . ASP A 1 208 ? 5.846   -15.176 -4.264  1.00 57.82 ? 208 ASP A N   1 
ATOM   1365 C  CA  . ASP A 1 208 ? 5.514   -16.415 -3.517  1.00 55.96 ? 208 ASP A CA  1 
ATOM   1366 C  C   . ASP A 1 208 ? 4.996   -16.029 -2.131  1.00 53.15 ? 208 ASP A C   1 
ATOM   1367 O  O   . ASP A 1 208 ? 3.969   -16.480 -1.731  1.00 52.42 ? 208 ASP A O   1 
ATOM   1368 C  CB  . ASP A 1 208 ? 6.726   -17.320 -3.420  1.00 55.96 ? 208 ASP A CB  1 
ATOM   1369 C  CG  . ASP A 1 208 ? 7.041   -18.040 -4.732  1.00 60.55 ? 208 ASP A CG  1 
ATOM   1370 O  OD1 . ASP A 1 208 ? 6.097   -18.377 -5.534  1.00 59.83 ? 208 ASP A OD1 1 
ATOM   1371 O  OD2 . ASP A 1 208 ? 8.264   -18.295 -4.938  1.00 66.35 ? 208 ASP A OD2 1 
ATOM   1372 N  N   . ARG A 1 209 ? 5.679   -15.116 -1.455  1.00 51.37 ? 209 ARG A N   1 
ATOM   1373 C  CA  . ARG A 1 209 ? 5.332   -14.727 -0.102  1.00 50.36 ? 209 ARG A CA  1 
ATOM   1374 C  C   . ARG A 1 209 ? 4.004   -14.016 -0.068  1.00 49.77 ? 209 ARG A C   1 
ATOM   1375 O  O   . ARG A 1 209 ? 3.245   -14.147 0.860   1.00 50.39 ? 209 ARG A O   1 
ATOM   1376 C  CB  . ARG A 1 209 ? 6.447   -13.842 0.477   1.00 49.93 ? 209 ARG A CB  1 
ATOM   1377 C  CG  . ARG A 1 209 ? 7.862   -14.558 0.584   1.00 50.89 ? 209 ARG A CG  1 
ATOM   1378 C  CD  . ARG A 1 209 ? 7.889   -15.410 1.807   1.00 49.67 ? 209 ARG A CD  1 
ATOM   1379 N  NE  . ARG A 1 209 ? 9.213   -15.912 2.159   1.00 47.65 ? 209 ARG A NE  1 
ATOM   1380 C  CZ  . ARG A 1 209 ? 9.735   -15.804 3.366   1.00 46.42 ? 209 ARG A CZ  1 
ATOM   1381 N  NH1 . ARG A 1 209 ? 10.962  -16.260 3.567   1.00 46.22 ? 209 ARG A NH1 1 
ATOM   1382 N  NH2 . ARG A 1 209 ? 9.036   -15.226 4.369   1.00 42.68 ? 209 ARG A NH2 1 
ATOM   1383 N  N   . LEU A 1 210 ? 3.735   -13.216 -1.096  1.00 50.54 ? 210 LEU A N   1 
ATOM   1384 C  CA  . LEU A 1 210 ? 2.483   -12.474 -1.217  1.00 49.99 ? 210 LEU A CA  1 
ATOM   1385 C  C   . LEU A 1 210 ? 1.349   -13.402 -1.615  1.00 48.04 ? 210 LEU A C   1 
ATOM   1386 O  O   . LEU A 1 210 ? 0.232   -13.182 -1.202  1.00 47.74 ? 210 LEU A O   1 
ATOM   1387 C  CB  . LEU A 1 210 ? 2.640   -11.351 -2.299  1.00 51.01 ? 210 LEU A CB  1 
ATOM   1388 C  CG  . LEU A 1 210 ? 3.214   -9.959  -1.946  1.00 52.12 ? 210 LEU A CG  1 
ATOM   1389 C  CD1 . LEU A 1 210 ? 3.483   -9.222  -3.236  1.00 51.99 ? 210 LEU A CD1 1 
ATOM   1390 C  CD2 . LEU A 1 210 ? 2.255   -9.127  -0.998  1.00 49.64 ? 210 LEU A CD2 1 
ATOM   1391 N  N   . ARG A 1 211 ? 1.603   -14.427 -2.420  1.00 48.81 ? 211 ARG A N   1 
ATOM   1392 C  CA  . ARG A 1 211 ? 0.510   -15.437 -2.712  1.00 51.02 ? 211 ARG A CA  1 
ATOM   1393 C  C   . ARG A 1 211 ? 0.095   -16.091 -1.410  1.00 48.38 ? 211 ARG A C   1 
ATOM   1394 O  O   . ARG A 1 211 ? -1.080  -16.189 -1.065  1.00 48.29 ? 211 ARG A O   1 
ATOM   1395 C  CB  . ARG A 1 211 ? 0.942   -16.549 -3.700  1.00 51.36 ? 211 ARG A CB  1 
ATOM   1396 C  CG  . ARG A 1 211 ? 0.725   -16.272 -5.217  1.00 55.37 ? 211 ARG A CG  1 
ATOM   1397 C  CD  . ARG A 1 211 ? 0.752   -17.555 -6.082  1.00 58.84 ? 211 ARG A CD  1 
ATOM   1398 N  NE  . ARG A 1 211 ? -0.387  -18.455 -5.813  1.00 72.38 ? 211 ARG A NE  1 
ATOM   1399 C  CZ  . ARG A 1 211 ? -1.619  -18.306 -6.334  1.00 76.71 ? 211 ARG A CZ  1 
ATOM   1400 N  NH1 . ARG A 1 211 ? -1.899  -17.287 -7.164  1.00 78.73 ? 211 ARG A NH1 1 
ATOM   1401 N  NH2 . ARG A 1 211 ? -2.584  -19.170 -6.022  1.00 75.60 ? 211 ARG A NH2 1 
ATOM   1402 N  N   . TRP A 1 212 ? 1.104   -16.499 -0.651  1.00 47.96 ? 212 TRP A N   1 
ATOM   1403 C  CA  . TRP A 1 212 ? 0.863   -17.083 0.677   1.00 46.41 ? 212 TRP A CA  1 
ATOM   1404 C  C   . TRP A 1 212 ? 0.230   -16.112 1.679   1.00 45.19 ? 212 TRP A C   1 
ATOM   1405 O  O   . TRP A 1 212 ? -0.723  -16.474 2.322   1.00 41.98 ? 212 TRP A O   1 
ATOM   1406 C  CB  . TRP A 1 212 ? 2.188   -17.678 1.253   1.00 46.14 ? 212 TRP A CB  1 
ATOM   1407 C  CG  . TRP A 1 212 ? 1.954   -18.482 2.483   1.00 47.10 ? 212 TRP A CG  1 
ATOM   1408 C  CD1 . TRP A 1 212 ? 1.313   -19.684 2.555   1.00 46.60 ? 212 TRP A CD1 1 
ATOM   1409 C  CD2 . TRP A 1 212 ? 2.318   -18.135 3.838   1.00 46.04 ? 212 TRP A CD2 1 
ATOM   1410 N  NE1 . TRP A 1 212 ? 1.251   -20.109 3.846   1.00 47.44 ? 212 TRP A NE1 1 
ATOM   1411 C  CE2 . TRP A 1 212 ? 1.870   -19.202 4.663   1.00 46.68 ? 212 TRP A CE2 1 
ATOM   1412 C  CE3 . TRP A 1 212 ? 2.977   -17.030 4.431   1.00 44.01 ? 212 TRP A CE3 1 
ATOM   1413 C  CZ2 . TRP A 1 212 ? 2.049   -19.213 6.049   1.00 44.73 ? 212 TRP A CZ2 1 
ATOM   1414 C  CZ3 . TRP A 1 212 ? 3.117   -17.012 5.807   1.00 46.87 ? 212 TRP A CZ3 1 
ATOM   1415 C  CH2 . TRP A 1 212 ? 2.689   -18.125 6.607   1.00 46.20 ? 212 TRP A CH2 1 
ATOM   1416 N  N   . SER A 1 213 ? 0.722   -14.880 1.882   1.00 44.77 ? 213 SER A N   1 
ATOM   1417 C  CA  . SER A 1 213 ? 0.027   -14.149 2.968   1.00 44.67 ? 213 SER A CA  1 
ATOM   1418 C  C   . SER A 1 213 ? -1.414  -13.695 2.645   1.00 44.25 ? 213 SER A C   1 
ATOM   1419 O  O   . SER A 1 213 ? -2.279  -13.457 3.549   1.00 44.89 ? 213 SER A O   1 
ATOM   1420 C  CB  . SER A 1 213 ? 0.860   -12.990 3.483   1.00 47.80 ? 213 SER A CB  1 
ATOM   1421 O  OG  . SER A 1 213 ? 0.982   -12.033 2.500   1.00 48.20 ? 213 SER A OG  1 
ATOM   1422 N  N   . PHE A 1 214 ? -1.703  -13.550 1.370   1.00 44.19 ? 214 PHE A N   1 
ATOM   1423 C  CA  . PHE A 1 214 ? -3.102  -13.326 0.973   1.00 44.89 ? 214 PHE A CA  1 
ATOM   1424 C  C   . PHE A 1 214 ? -4.031  -14.429 1.536   1.00 43.87 ? 214 PHE A C   1 
ATOM   1425 O  O   . PHE A 1 214 ? -5.019  -14.174 2.273   1.00 43.78 ? 214 PHE A O   1 
ATOM   1426 C  CB  . PHE A 1 214 ? -3.220  -13.235 -0.572  1.00 45.12 ? 214 PHE A CB  1 
ATOM   1427 C  CG  . PHE A 1 214 ? -4.662  -13.192 -1.046  1.00 47.30 ? 214 PHE A CG  1 
ATOM   1428 C  CD1 . PHE A 1 214 ? -5.357  -11.990 -1.086  1.00 50.82 ? 214 PHE A CD1 1 
ATOM   1429 C  CD2 . PHE A 1 214 ? -5.351  -14.360 -1.361  1.00 47.63 ? 214 PHE A CD2 1 
ATOM   1430 C  CE1 . PHE A 1 214 ? -6.733  -11.975 -1.477  1.00 51.20 ? 214 PHE A CE1 1 
ATOM   1431 C  CE2 . PHE A 1 214 ? -6.722  -14.338 -1.748  1.00 45.62 ? 214 PHE A CE2 1 
ATOM   1432 C  CZ  . PHE A 1 214 ? -7.387  -13.147 -1.816  1.00 48.12 ? 214 PHE A CZ  1 
ATOM   1433 N  N   . ASP A 1 215 ? -3.688  -15.672 1.218   1.00 44.02 ? 215 ASP A N   1 
ATOM   1434 C  CA  . ASP A 1 215 ? -4.412  -16.856 1.820   1.00 44.48 ? 215 ASP A CA  1 
ATOM   1435 C  C   . ASP A 1 215 ? -4.357  -16.897 3.323   1.00 43.47 ? 215 ASP A C   1 
ATOM   1436 O  O   . ASP A 1 215 ? -5.368  -17.075 3.970   1.00 44.56 ? 215 ASP A O   1 
ATOM   1437 C  CB  . ASP A 1 215 ? -3.829  -18.146 1.223   1.00 46.37 ? 215 ASP A CB  1 
ATOM   1438 C  CG  . ASP A 1 215 ? -4.213  -18.312 -0.230  1.00 47.27 ? 215 ASP A CG  1 
ATOM   1439 O  OD1 . ASP A 1 215 ? -5.392  -17.997 -0.499  1.00 55.75 ? 215 ASP A OD1 1 
ATOM   1440 O  OD2 . ASP A 1 215 ? -3.378  -18.757 -1.072  1.00 52.55 ? 215 ASP A OD2 1 
ATOM   1441 N  N   . VAL A 1 216 ? -3.193  -16.633 3.904   1.00 42.50 ? 216 VAL A N   1 
ATOM   1442 C  CA  . VAL A 1 216 ? -3.102  -16.615 5.364   1.00 42.59 ? 216 VAL A CA  1 
ATOM   1443 C  C   . VAL A 1 216 ? -4.078  -15.616 5.922   1.00 42.84 ? 216 VAL A C   1 
ATOM   1444 O  O   . VAL A 1 216 ? -4.801  -15.864 6.917   1.00 42.87 ? 216 VAL A O   1 
ATOM   1445 C  CB  . VAL A 1 216 ? -1.611  -16.223 5.827   1.00 42.15 ? 216 VAL A CB  1 
ATOM   1446 C  CG1 . VAL A 1 216 ? -1.537  -15.957 7.266   1.00 40.84 ? 216 VAL A CG1 1 
ATOM   1447 C  CG2 . VAL A 1 216 ? -0.663  -17.251 5.401   1.00 40.60 ? 216 VAL A CG2 1 
ATOM   1448 N  N   . LEU A 1 217 ? -4.082  -14.428 5.298   1.00 42.80 ? 217 LEU A N   1 
ATOM   1449 C  CA  . LEU A 1 217 ? -4.901  -13.355 5.842   1.00 42.66 ? 217 LEU A CA  1 
ATOM   1450 C  C   . LEU A 1 217 ? -6.362  -13.638 5.607   1.00 41.11 ? 217 LEU A C   1 
ATOM   1451 O  O   . LEU A 1 217 ? -7.192  -13.469 6.516   1.00 41.63 ? 217 LEU A O   1 
ATOM   1452 C  CB  . LEU A 1 217 ? -4.485  -12.012 5.176   1.00 42.87 ? 217 LEU A CB  1 
ATOM   1453 C  CG  . LEU A 1 217 ? -3.237  -11.426 5.880   1.00 47.75 ? 217 LEU A CG  1 
ATOM   1454 C  CD1 . LEU A 1 217 ? -2.637  -10.423 4.991   1.00 47.61 ? 217 LEU A CD1 1 
ATOM   1455 C  CD2 . LEU A 1 217 ? -3.711  -10.738 7.198   1.00 47.49 ? 217 LEU A CD2 1 
ATOM   1456 N  N   . VAL A 1 218 ? -6.709  -14.036 4.394   1.00 39.58 ? 218 VAL A N   1 
ATOM   1457 C  CA  . VAL A 1 218 ? -8.191  -14.338 4.121   1.00 42.09 ? 218 VAL A CA  1 
ATOM   1458 C  C   . VAL A 1 218 ? -8.749  -15.442 5.040   1.00 41.96 ? 218 VAL A C   1 
ATOM   1459 O  O   . VAL A 1 218 ? -9.788  -15.293 5.783   1.00 43.24 ? 218 VAL A O   1 
ATOM   1460 C  CB  . VAL A 1 218 ? -8.397  -14.618 2.590   1.00 42.45 ? 218 VAL A CB  1 
ATOM   1461 C  CG1 . VAL A 1 218 ? -9.826  -14.962 2.312   1.00 45.09 ? 218 VAL A CG1 1 
ATOM   1462 C  CG2 . VAL A 1 218 ? -8.069  -13.294 1.812   1.00 44.53 ? 218 VAL A CG2 1 
ATOM   1463 N  N   . ASN A 1 219 ? -7.973  -16.519 5.123   1.00 43.18 ? 219 ASN A N   1 
ATOM   1464 C  CA  . ASN A 1 219 ? -8.300  -17.622 6.066   1.00 43.92 ? 219 ASN A CA  1 
ATOM   1465 C  C   . ASN A 1 219 ? -8.412  -17.121 7.469   1.00 43.77 ? 219 ASN A C   1 
ATOM   1466 O  O   . ASN A 1 219 ? -9.387  -17.368 8.180   1.00 43.53 ? 219 ASN A O   1 
ATOM   1467 C  CB  . ASN A 1 219 ? -7.234  -18.677 5.971   1.00 43.78 ? 219 ASN A CB  1 
ATOM   1468 C  CG  . ASN A 1 219 ? -7.374  -19.455 4.728   1.00 49.23 ? 219 ASN A CG  1 
ATOM   1469 O  OD1 . ASN A 1 219 ? -8.434  -19.379 4.101   1.00 52.19 ? 219 ASN A OD1 1 
ATOM   1470 N  ND2 . ASN A 1 219 ? -6.319  -20.190 4.310   1.00 49.15 ? 219 ASN A ND2 1 
ATOM   1471 N  N   . GLY A 1 220 ? -7.441  -16.337 7.913   1.00 44.69 ? 220 GLY A N   1 
ATOM   1472 C  CA  . GLY A 1 220 ? -7.623  -15.813 9.286   1.00 42.97 ? 220 GLY A CA  1 
ATOM   1473 C  C   . GLY A 1 220 ? -8.723  -14.814 9.478   1.00 42.68 ? 220 GLY A C   1 
ATOM   1474 O  O   . GLY A 1 220 ? -9.386  -14.782 10.504  1.00 42.55 ? 220 GLY A O   1 
ATOM   1475 N  N   . ILE A 1 221 ? -8.842  -13.877 8.538   1.00 44.41 ? 221 ILE A N   1 
ATOM   1476 C  CA  . ILE A 1 221 ? -9.899  -12.850 8.666   1.00 44.74 ? 221 ILE A CA  1 
ATOM   1477 C  C   . ILE A 1 221 ? -11.299 -13.508 8.763   1.00 45.56 ? 221 ILE A C   1 
ATOM   1478 O  O   . ILE A 1 221 ? -12.104 -13.191 9.669   1.00 45.90 ? 221 ILE A O   1 
ATOM   1479 C  CB  . ILE A 1 221 ? -9.861  -11.851 7.497   1.00 44.00 ? 221 ILE A CB  1 
ATOM   1480 C  CG1 . ILE A 1 221 ? -8.622  -10.926 7.604   1.00 45.95 ? 221 ILE A CG1 1 
ATOM   1481 C  CG2 . ILE A 1 221 ? -11.215 -11.021 7.410   1.00 43.93 ? 221 ILE A CG2 1 
ATOM   1482 C  CD1 . ILE A 1 221 ? -8.243  -10.320 6.253   1.00 43.15 ? 221 ILE A CD1 1 
ATOM   1483 N  N   . THR A 1 222 ? -11.564 -14.456 7.865   1.00 46.53 ? 222 THR A N   1 
ATOM   1484 C  CA  . THR A 1 222 ? -12.919 -15.064 7.819   1.00 50.18 ? 222 THR A CA  1 
ATOM   1485 C  C   . THR A 1 222 ? -13.210 -15.885 9.067   1.00 51.61 ? 222 THR A C   1 
ATOM   1486 O  O   . THR A 1 222 ? -14.373 -15.985 9.470   1.00 51.90 ? 222 THR A O   1 
ATOM   1487 C  CB  . THR A 1 222 ? -13.158 -15.895 6.575   1.00 49.93 ? 222 THR A CB  1 
ATOM   1488 O  OG1 . THR A 1 222 ? -12.140 -16.904 6.453   1.00 53.12 ? 222 THR A OG1 1 
ATOM   1489 C  CG2 . THR A 1 222 ? -13.129 -15.008 5.310   1.00 49.83 ? 222 THR A CG2 1 
ATOM   1490 N  N   . ARG A 1 223 ? -12.161 -16.383 9.747   1.00 51.09 ? 223 ARG A N   1 
ATOM   1491 C  CA  . ARG A 1 223 ? -12.402 -17.229 10.881  1.00 50.56 ? 223 ARG A CA  1 
ATOM   1492 C  C   . ARG A 1 223 ? -12.210 -16.661 12.253  1.00 48.47 ? 223 ARG A C   1 
ATOM   1493 O  O   . ARG A 1 223 ? -12.556 -17.300 13.242  1.00 47.63 ? 223 ARG A O   1 
ATOM   1494 C  CB  . ARG A 1 223 ? -11.776 -18.590 10.692  1.00 52.06 ? 223 ARG A CB  1 
ATOM   1495 C  CG  . ARG A 1 223 ? -10.393 -18.727 11.032  1.00 57.39 ? 223 ARG A CG  1 
ATOM   1496 C  CD  . ARG A 1 223 ? -9.723  -19.588 9.948   1.00 65.56 ? 223 ARG A CD  1 
ATOM   1497 N  NE  . ARG A 1 223 ? -10.678 -20.254 9.059   1.00 71.64 ? 223 ARG A NE  1 
ATOM   1498 C  CZ  . ARG A 1 223 ? -10.351 -21.162 8.130   1.00 75.75 ? 223 ARG A CZ  1 
ATOM   1499 N  NH1 . ARG A 1 223 ? -9.088  -21.542 7.947   1.00 73.59 ? 223 ARG A NH1 1 
ATOM   1500 N  NH2 . ARG A 1 223 ? -11.305 -21.697 7.362   1.00 78.54 ? 223 ARG A NH2 1 
ATOM   1501 N  N   . THR A 1 224 ? -11.780 -15.411 12.334  1.00 46.03 ? 224 THR A N   1 
ATOM   1502 C  CA  . THR A 1 224 ? -11.471 -14.818 13.643  1.00 43.94 ? 224 THR A CA  1 
ATOM   1503 C  C   . THR A 1 224 ? -12.415 -13.691 13.976  1.00 45.19 ? 224 THR A C   1 
ATOM   1504 O  O   . THR A 1 224 ? -12.369 -12.666 13.351  1.00 46.06 ? 224 THR A O   1 
ATOM   1505 C  CB  . THR A 1 224 ? -10.001 -14.249 13.686  1.00 44.67 ? 224 THR A CB  1 
ATOM   1506 O  OG1 . THR A 1 224 ? -9.062  -15.207 13.184  1.00 44.09 ? 224 THR A OG1 1 
ATOM   1507 C  CG2 . THR A 1 224 ? -9.633  -13.852 15.065  1.00 40.15 ? 224 THR A CG2 1 
ATOM   1508 N  N   . PRO A 1 225 ? -13.293 -13.881 14.962  1.00 47.16 ? 225 PRO A N   1 
ATOM   1509 C  CA  . PRO A 1 225 ? -14.185 -12.824 15.450  1.00 47.99 ? 225 PRO A CA  1 
ATOM   1510 C  C   . PRO A 1 225 ? -13.429 -11.604 16.001  1.00 50.63 ? 225 PRO A C   1 
ATOM   1511 O  O   . PRO A 1 225 ? -12.349 -11.758 16.628  1.00 50.48 ? 225 PRO A O   1 
ATOM   1512 C  CB  . PRO A 1 225 ? -14.933 -13.504 16.599  1.00 47.92 ? 225 PRO A CB  1 
ATOM   1513 C  CG  . PRO A 1 225 ? -14.876 -14.948 16.278  1.00 47.08 ? 225 PRO A CG  1 
ATOM   1514 C  CD  . PRO A 1 225 ? -13.532 -15.167 15.658  1.00 47.62 ? 225 PRO A CD  1 
ATOM   1515 N  N   . VAL A 1 226 ? -13.983 -10.410 15.747  1.00 51.07 ? 226 VAL A N   1 
ATOM   1516 C  CA  . VAL A 1 226 ? -13.518 -9.217  16.389  1.00 52.14 ? 226 VAL A CA  1 
ATOM   1517 C  C   . VAL A 1 226 ? -14.149 -8.989  17.747  1.00 54.13 ? 226 VAL A C   1 
ATOM   1518 O  O   . VAL A 1 226 ? -15.388 -8.927  17.883  1.00 53.03 ? 226 VAL A O   1 
ATOM   1519 C  CB  . VAL A 1 226 ? -13.328 -7.938  15.442  1.00 51.58 ? 226 VAL A CB  1 
ATOM   1520 C  CG1 . VAL A 1 226 ? -13.459 -8.248  14.038  1.00 48.19 ? 226 VAL A CG1 1 
ATOM   1521 C  CG2 . VAL A 1 226 ? -14.040 -6.753  15.893  1.00 49.36 ? 226 VAL A CG2 1 
ATOM   1522 N  N   . PRO A 1 227 ? -13.293 -8.980  18.790  1.00 55.36 ? 227 PRO A N   1 
ATOM   1523 C  CA  . PRO A 1 227 ? -13.802 -8.866  20.145  1.00 56.76 ? 227 PRO A CA  1 
ATOM   1524 C  C   . PRO A 1 227 ? -14.383 -7.509  20.362  1.00 58.99 ? 227 PRO A C   1 
ATOM   1525 O  O   . PRO A 1 227 ? -14.253 -6.634  19.500  1.00 58.98 ? 227 PRO A O   1 
ATOM   1526 C  CB  . PRO A 1 227 ? -12.545 -9.095  21.017  1.00 57.46 ? 227 PRO A CB  1 
ATOM   1527 C  CG  . PRO A 1 227 ? -11.655 -9.908  20.146  1.00 56.12 ? 227 PRO A CG  1 
ATOM   1528 C  CD  . PRO A 1 227 ? -11.832 -9.157  18.795  1.00 55.12 ? 227 PRO A CD  1 
ATOM   1529 N  N   . GLY A 1 228 ? -15.074 -7.327  21.478  1.00 62.19 ? 228 GLY A N   1 
ATOM   1530 C  CA  . GLY A 1 228 ? -15.504 -5.987  21.855  1.00 66.28 ? 228 GLY A CA  1 
ATOM   1531 C  C   . GLY A 1 228 ? -14.318 -5.186  22.407  1.00 69.86 ? 228 GLY A C   1 
ATOM   1532 O  O   . GLY A 1 228 ? -13.217 -5.732  22.560  1.00 70.06 ? 228 GLY A O   1 
ATOM   1533 N  N   . PRO A 1 229 ? -14.539 -3.891  22.725  1.00 72.60 ? 229 PRO A N   1 
ATOM   1534 C  CA  . PRO A 1 229 ? -13.633 -2.954  23.404  1.00 74.97 ? 229 PRO A CA  1 
ATOM   1535 C  C   . PRO A 1 229 ? -12.693 -3.540  24.489  1.00 76.69 ? 229 PRO A C   1 
ATOM   1536 O  O   . PRO A 1 229 ? -13.163 -4.272  25.390  1.00 77.30 ? 229 PRO A O   1 
ATOM   1537 C  CB  . PRO A 1 229 ? -14.613 -1.983  24.091  1.00 75.13 ? 229 PRO A CB  1 
ATOM   1538 C  CG  . PRO A 1 229 ? -16.036 -2.370  23.609  1.00 74.34 ? 229 PRO A CG  1 
ATOM   1539 C  CD  . PRO A 1 229 ? -15.820 -3.231  22.406  1.00 72.33 ? 229 PRO A CD  1 
ATOM   1540 N  N   . ALA A 1 230 ? -11.393 -3.181  24.413  1.00 77.90 ? 230 ALA A N   1 
ATOM   1541 C  CA  . ALA A 1 230 ? -10.342 -3.538  25.428  1.00 77.71 ? 230 ALA A CA  1 
ATOM   1542 C  C   . ALA A 1 230 ? -10.788 -3.442  26.901  1.00 78.83 ? 230 ALA A C   1 
ATOM   1543 O  O   . ALA A 1 230 ? -9.984  -3.102  27.785  1.00 78.92 ? 230 ALA A O   1 
ATOM   1544 C  CB  . ALA A 1 230 ? -9.095  -2.664  25.233  1.00 78.03 ? 230 ALA A CB  1 
HETATM 1545 O  O   . HOH B 2 .   ? 9.688   5.170   -5.302  1.00 40.65 ? 244 HOH A O   1 
HETATM 1546 O  O   . HOH B 2 .   ? -3.701  18.517  -15.019 1.00 43.34 ? 245 HOH A O   1 
HETATM 1547 O  O   . HOH B 2 .   ? -19.709 -3.942  9.992   1.00 41.91 ? 246 HOH A O   1 
HETATM 1548 O  O   . HOH B 2 .   ? 18.784  -6.227  6.854   1.00 53.47 ? 247 HOH A O   1 
HETATM 1549 O  O   . HOH B 2 .   ? -1.875  -13.111 -3.713  1.00 46.91 ? 248 HOH A O   1 
HETATM 1550 O  O   . HOH B 2 .   ? -6.426  12.977  -2.818  1.00 51.22 ? 249 HOH A O   1 
HETATM 1551 O  O   . HOH B 2 .   ? 2.267   31.340  0.193   1.00 66.16 ? 250 HOH A O   1 
HETATM 1552 O  O   . HOH B 2 .   ? 13.270  -25.129 6.081   1.00 57.54 ? 251 HOH A O   1 
HETATM 1553 O  O   . HOH B 2 .   ? 1.498   8.802   1.856   1.00 48.86 ? 252 HOH A O   1 
HETATM 1554 O  O   . HOH B 2 .   ? -5.108  11.065  -1.166  1.00 58.01 ? 253 HOH A O   1 
HETATM 1555 O  O   . HOH B 2 .   ? 0.470   -5.617  8.029   1.00 47.51 ? 254 HOH A O   1 
HETATM 1556 O  O   . HOH B 2 .   ? -14.000 6.730   -10.492 1.00 71.91 ? 255 HOH A O   1 
HETATM 1557 O  O   . HOH B 2 .   ? -3.464  12.927  0.139   1.00 51.58 ? 256 HOH A O   1 
HETATM 1558 O  O   . HOH B 2 .   ? -9.316  23.387  -10.606 1.00 62.28 ? 257 HOH A O   1 
HETATM 1559 O  O   . HOH B 2 .   ? -20.104 -10.547 4.840   1.00 51.18 ? 258 HOH A O   1 
HETATM 1560 O  O   . HOH B 2 .   ? -9.475  20.441  -6.497  1.00 57.66 ? 259 HOH A O   1 
HETATM 1561 O  O   . HOH B 2 .   ? -4.647  -0.361  5.833   1.00 45.92 ? 260 HOH A O   1 
HETATM 1562 O  O   . HOH B 2 .   ? -11.207 -13.381 18.324  1.00 51.65 ? 261 HOH A O   1 
HETATM 1563 O  O   . HOH B 2 .   ? 8.713   -26.317 12.915  1.00 58.09 ? 262 HOH A O   1 
HETATM 1564 O  O   . HOH B 2 .   ? 7.681   18.033  1.105   1.00 61.09 ? 263 HOH A O   1 
HETATM 1565 O  O   . HOH B 2 .   ? -7.395  -17.111 -5.322  1.00 52.07 ? 264 HOH A O   1 
HETATM 1566 O  O   . HOH B 2 .   ? -9.507  22.598  -4.007  1.00 55.61 ? 265 HOH A O   1 
HETATM 1567 O  O   . HOH B 2 .   ? -3.939  7.401   7.092   1.00 64.27 ? 266 HOH A O   1 
HETATM 1568 O  O   . HOH B 2 .   ? 4.003   -11.014 1.815   1.00 61.07 ? 267 HOH A O   1 
HETATM 1569 O  O   . HOH B 2 .   ? -8.116  20.107  -0.207  1.00 74.61 ? 268 HOH A O   1 
HETATM 1570 O  O   . HOH B 2 .   ? 7.872   7.212   -7.575  1.00 63.11 ? 269 HOH A O   1 
HETATM 1571 O  O   . HOH B 2 .   ? -22.503 -8.953  11.273  1.00 51.15 ? 270 HOH A O   1 
HETATM 1572 O  O   . HOH B 2 .   ? -12.955 -19.022 0.966   1.00 54.62 ? 271 HOH A O   1 
HETATM 1573 O  O   . HOH B 2 .   ? -3.367  1.493   1.922   1.00 50.41 ? 272 HOH A O   1 
HETATM 1574 O  O   . HOH B 2 .   ? -6.992  16.032  -13.412 1.00 55.98 ? 273 HOH A O   1 
HETATM 1575 O  O   . HOH B 2 .   ? 14.476  -18.604 -2.959  1.00 68.34 ? 274 HOH A O   1 
HETATM 1576 O  O   . HOH B 2 .   ? -14.237 -18.259 3.087   1.00 56.03 ? 275 HOH A O   1 
HETATM 1577 O  O   . HOH B 2 .   ? -4.314  -12.652 -8.715  1.00 53.25 ? 276 HOH A O   1 
HETATM 1578 O  O   . HOH B 2 .   ? 15.537  1.734   -0.944  1.00 64.06 ? 277 HOH A O   1 
HETATM 1579 O  O   . HOH B 2 .   ? -4.461  -2.894  9.825   1.00 57.13 ? 278 HOH A O   1 
HETATM 1580 O  O   . HOH B 2 .   ? -4.070  -8.389  -10.970 1.00 56.53 ? 279 HOH A O   1 
HETATM 1581 O  O   . HOH B 2 .   ? -2.026  0.443   4.196   1.00 56.64 ? 280 HOH A O   1 
HETATM 1582 O  O   . HOH B 2 .   ? 5.913   18.292  5.452   1.00 57.83 ? 281 HOH A O   1 
HETATM 1583 O  O   . HOH B 2 .   ? 15.061  -27.007 7.958   1.00 66.19 ? 282 HOH A O   1 
HETATM 1584 O  O   . HOH B 2 .   ? -6.044  6.521   8.555   1.00 54.96 ? 283 HOH A O   1 
HETATM 1585 O  O   . HOH B 2 .   ? 7.286   4.390   6.290   1.00 45.64 ? 284 HOH A O   1 
HETATM 1586 O  O   . HOH B 2 .   ? 1.726   7.436   -0.500  1.00 50.39 ? 285 HOH A O   1 
HETATM 1587 O  O   . HOH B 2 .   ? 8.300   7.152   5.676   1.00 53.41 ? 286 HOH A O   1 
HETATM 1588 O  O   . HOH B 2 .   ? 9.655   -9.343  5.867   1.00 65.06 ? 287 HOH A O   1 
HETATM 1589 O  O   . HOH B 2 .   ? -4.010  4.514   -15.973 1.00 73.51 ? 288 HOH A O   1 
HETATM 1590 O  O   . HOH B 2 .   ? -2.938  -7.077  9.786   1.00 63.14 ? 289 HOH A O   1 
HETATM 1591 O  O   . HOH B 2 .   ? -11.246 -1.579  -14.471 1.00 87.40 ? 290 HOH A O   1 
HETATM 1592 O  O   . HOH B 2 .   ? -4.288  16.818  2.919   1.00 75.87 ? 291 HOH A O   1 
HETATM 1593 O  O   . HOH B 2 .   ? -13.884 -17.527 -4.330  1.00 58.27 ? 292 HOH A O   1 
HETATM 1594 O  O   . HOH B 2 .   ? -12.713 10.482  -9.046  1.00 71.38 ? 293 HOH A O   1 
HETATM 1595 O  O   . HOH B 2 .   ? -6.880  -13.745 -8.948  1.00 54.75 ? 294 HOH A O   1 
HETATM 1596 O  O   . HOH B 2 .   ? 13.358  -4.231  -5.108  1.00 80.79 ? 295 HOH A O   1 
HETATM 1597 O  O   . HOH B 2 .   ? -5.234  -21.899 1.573   1.00 57.58 ? 296 HOH A O   1 
HETATM 1598 O  O   . HOH B 2 .   ? -22.123 -9.774  -0.018  1.00 62.51 ? 297 HOH A O   1 
HETATM 1599 O  O   . HOH B 2 .   ? 7.855   -16.444 -8.017  1.00 79.59 ? 298 HOH A O   1 
HETATM 1600 O  O   . HOH B 2 .   ? -1.702  -7.221  7.559   1.00 59.52 ? 299 HOH A O   1 
HETATM 1601 O  O   . HOH B 2 .   ? -12.482 -17.876 -6.047  1.00 53.37 ? 300 HOH A O   1 
HETATM 1602 O  O   . HOH B 2 .   ? 4.924   30.591  1.984   1.00 73.12 ? 301 HOH A O   1 
HETATM 1603 O  O   . HOH B 2 .   ? -12.795 0.202   -12.921 1.00 65.32 ? 302 HOH A O   1 
# 
